data_2P0M
#
_entry.id   2P0M
#
_cell.length_a   198.900
_cell.length_b   198.900
_cell.length_c   136.100
_cell.angle_alpha   90.00
_cell.angle_beta   90.00
_cell.angle_gamma   120.00
#
_symmetry.space_group_name_H-M   'H 3'
#
loop_
_entity.id
_entity.type
_entity.pdbx_description
1 polymer 'Arachidonate 15-lipoxygenase'
2 non-polymer 'FE (II) ION'
3 non-polymer '(2E)-3-(2-OCT-1-YN-1-YLPHENYL)ACRYLIC ACID'
4 water water
#
_entity_poly.entity_id   1
_entity_poly.type   'polypeptide(L)'
_entity_poly.pdbx_seq_one_letter_code
;GVYRVCVSTGASIYAGSKNKVELWLVGQHGEVELGSCLRPTRNKEEEFKVNVSKYLGSLLFVRLRKKHFLKEDAWFCNWI
SVQALGAAEDKYWFPCYRWVVGDGVQSLPVGTGCTTVGDPQGLFQKHREQELEERRKLYQWGSWKEGLILNVAGSKLTDL
PVDERFLEDKKIDFEASLAWGLAELALKNSLNILAPWKTLDDFNRIFWCGRSKLARRVRDSWQEDSLFGYQFLNGANPML
LRRSVQLPARLVFPPGMEELQAQLEKELKAGTLFEADFALLDNIKANVILYCQQYLAAPLVMLKLQPDGKLMPMVIQLHL
PKIGSSPPPLFLPTDPPMVWLLAKCWVRSSDFQVHELNSHLLRGHLMAEVFTVATMRCLPSIHPVFKLIVPHLRYTLEIN
VRARNGLVSDFGIFDQIMSTGGGGHVQLLQQAGAFLTYRSFCPPDDLADRGLLGVESSFYAQDALRLWEIISRYVQGIMG
LYYKTDEAVRDDLELQSWCREITEIGLQGAQKQGFPTSLQSVAQACHFVTMCIFTCTGQHSSIHLGQLDWFTWVPNAPCT
MRLPPPTTKDATLETVMATLPNLHQSSLQMSIVWQLGRDQPIMVPLGQHQEEYFSGPEPRAVLEKFREELAIMDKEIEVR
NEKLDIPYEYLRPSIVENSVAI
;
_entity_poly.pdbx_strand_id   A,B
#
loop_
_chem_comp.id
_chem_comp.type
_chem_comp.name
_chem_comp.formula
FE2 non-polymer 'FE (II) ION' 'Fe 2'
RS7 non-polymer '(2E)-3-(2-OCT-1-YN-1-YLPHENYL)ACRYLIC ACID' 'C17 H20 O2'
#
# COMPACT_ATOMS: atom_id res chain seq x y z
N GLY A 1 -65.37 14.01 -14.94
CA GLY A 1 -64.12 14.03 -15.75
C GLY A 1 -63.31 12.76 -15.56
N VAL A 2 -62.86 12.18 -16.67
CA VAL A 2 -62.06 10.97 -16.65
C VAL A 2 -60.59 11.32 -16.70
N TYR A 3 -59.84 10.92 -15.68
CA TYR A 3 -58.42 11.22 -15.64
C TYR A 3 -57.60 9.94 -15.41
N ARG A 4 -56.42 9.87 -16.05
CA ARG A 4 -55.51 8.75 -15.86
C ARG A 4 -54.42 9.22 -14.96
N VAL A 5 -54.45 8.83 -13.70
CA VAL A 5 -53.42 9.26 -12.78
C VAL A 5 -52.29 8.26 -12.84
N CYS A 6 -51.08 8.75 -13.10
CA CYS A 6 -49.91 7.89 -13.20
C CYS A 6 -48.83 8.33 -12.23
N VAL A 7 -48.36 7.40 -11.40
CA VAL A 7 -47.32 7.71 -10.44
C VAL A 7 -46.05 6.93 -10.66
N SER A 8 -44.92 7.63 -10.77
CA SER A 8 -43.66 6.97 -11.01
C SER A 8 -42.73 6.85 -9.80
N THR A 9 -42.34 5.62 -9.49
CA THR A 9 -41.46 5.32 -8.36
C THR A 9 -39.97 5.35 -8.73
N GLY A 10 -39.14 5.69 -7.76
CA GLY A 10 -37.71 5.78 -8.01
C GLY A 10 -37.09 4.48 -8.50
N ALA A 11 -35.92 4.60 -9.14
CA ALA A 11 -35.19 3.46 -9.67
C ALA A 11 -34.10 2.99 -8.71
N SER A 12 -34.15 3.48 -7.47
CA SER A 12 -33.16 3.13 -6.46
C SER A 12 -33.38 1.73 -5.93
N ILE A 13 -32.81 1.46 -4.76
CA ILE A 13 -32.97 0.15 -4.16
C ILE A 13 -34.09 0.18 -3.14
N TYR A 14 -34.13 1.26 -2.37
CA TYR A 14 -35.13 1.42 -1.33
C TYR A 14 -36.29 2.31 -1.80
N ALA A 15 -36.35 2.55 -3.11
CA ALA A 15 -37.39 3.41 -3.70
C ALA A 15 -38.79 2.87 -3.55
N GLY A 16 -38.93 1.55 -3.63
CA GLY A 16 -40.24 0.98 -3.49
C GLY A 16 -40.70 1.03 -2.05
N SER A 17 -42.01 1.01 -1.83
CA SER A 17 -42.56 1.02 -0.48
C SER A 17 -43.72 0.00 -0.33
N LYS A 18 -43.76 -0.69 0.82
CA LYS A 18 -44.81 -1.69 1.10
C LYS A 18 -46.06 -1.01 1.69
N ASN A 19 -45.93 0.29 1.96
CA ASN A 19 -47.02 1.09 2.52
C ASN A 19 -47.99 1.43 1.39
N LYS A 20 -49.23 1.77 1.73
CA LYS A 20 -50.23 2.12 0.71
C LYS A 20 -50.27 3.63 0.68
N VAL A 21 -50.28 4.19 -0.52
CA VAL A 21 -50.31 5.63 -0.65
C VAL A 21 -51.63 6.16 -1.19
N GLU A 22 -52.17 7.16 -0.49
CA GLU A 22 -53.42 7.80 -0.87
C GLU A 22 -53.19 9.18 -1.48
N LEU A 23 -53.87 9.42 -2.59
CA LEU A 23 -53.76 10.67 -3.33
C LEU A 23 -55.02 11.51 -3.26
N TRP A 24 -54.85 12.76 -3.68
CA TRP A 24 -55.93 13.72 -3.72
C TRP A 24 -55.65 14.67 -4.85
N LEU A 25 -56.70 15.11 -5.52
CA LEU A 25 -56.52 16.03 -6.63
C LEU A 25 -57.16 17.36 -6.29
N VAL A 26 -56.37 18.41 -6.14
CA VAL A 26 -56.96 19.71 -5.82
C VAL A 26 -56.65 20.74 -6.92
N GLY A 27 -57.70 21.22 -7.59
CA GLY A 27 -57.52 22.18 -8.68
C GLY A 27 -57.89 23.63 -8.40
N GLN A 28 -58.11 24.38 -9.47
CA GLN A 28 -58.44 25.81 -9.41
C GLN A 28 -59.71 26.14 -8.64
N HIS A 29 -60.72 25.29 -8.80
CA HIS A 29 -62.02 25.49 -8.15
C HIS A 29 -62.29 24.65 -6.89
N GLY A 30 -62.11 23.34 -7.00
CA GLY A 30 -62.35 22.48 -5.86
C GLY A 30 -61.35 21.33 -5.75
N GLU A 31 -61.62 20.39 -4.86
CA GLU A 31 -60.76 19.21 -4.64
C GLU A 31 -61.56 17.92 -4.55
N VAL A 32 -60.89 16.81 -4.81
CA VAL A 32 -61.55 15.52 -4.72
C VAL A 32 -60.70 14.52 -3.97
N GLU A 33 -61.39 13.57 -3.35
CA GLU A 33 -60.75 12.54 -2.57
C GLU A 33 -60.56 11.32 -3.45
N LEU A 34 -59.36 10.75 -3.45
CA LEU A 34 -59.13 9.56 -4.23
C LEU A 34 -58.91 8.38 -3.30
N GLY A 35 -58.16 8.61 -2.23
CA GLY A 35 -57.88 7.55 -1.26
C GLY A 35 -56.73 6.65 -1.66
N SER A 36 -56.58 5.53 -0.96
CA SER A 36 -55.50 4.60 -1.26
C SER A 36 -55.79 3.89 -2.57
N CYS A 37 -54.90 4.08 -3.54
CA CYS A 37 -55.07 3.47 -4.85
C CYS A 37 -54.06 2.36 -5.10
N LEU A 38 -52.78 2.70 -4.92
CA LEU A 38 -51.74 1.73 -5.14
C LEU A 38 -50.67 1.75 -4.07
N ARG A 39 -49.75 0.80 -4.20
CA ARG A 39 -48.61 0.64 -3.32
C ARG A 39 -47.36 0.68 -4.20
N PRO A 40 -46.51 1.70 -3.97
CA PRO A 40 -45.25 1.99 -4.67
C PRO A 40 -44.33 0.82 -4.93
N THR A 41 -44.29 0.37 -6.18
CA THR A 41 -43.43 -0.74 -6.52
C THR A 41 -42.12 -0.17 -7.04
N ARG A 42 -41.02 -0.70 -6.52
CA ARG A 42 -39.69 -0.23 -6.93
C ARG A 42 -39.50 -0.21 -8.45
N ASN A 43 -39.14 0.95 -8.98
CA ASN A 43 -38.91 1.12 -10.42
C ASN A 43 -40.08 0.67 -11.28
N LYS A 44 -41.30 1.02 -10.89
CA LYS A 44 -42.49 0.65 -11.64
C LYS A 44 -43.45 1.83 -11.82
N GLU A 45 -43.73 2.16 -13.08
CA GLU A 45 -44.65 3.23 -13.42
C GLU A 45 -46.02 2.58 -13.38
N GLU A 46 -46.96 3.21 -12.66
CA GLU A 46 -48.31 2.66 -12.56
C GLU A 46 -49.40 3.69 -12.81
N GLU A 47 -50.31 3.41 -13.75
CA GLU A 47 -51.42 4.32 -14.06
C GLU A 47 -52.79 3.74 -13.79
N PHE A 48 -53.77 4.62 -13.66
CA PHE A 48 -55.13 4.16 -13.41
C PHE A 48 -56.12 5.27 -13.73
N LYS A 49 -57.28 4.89 -14.24
CA LYS A 49 -58.31 5.87 -14.61
C LYS A 49 -59.28 6.16 -13.48
N VAL A 50 -59.69 7.42 -13.33
CA VAL A 50 -60.66 7.73 -12.29
C VAL A 50 -61.65 8.73 -12.82
N ASN A 51 -62.82 8.79 -12.19
CA ASN A 51 -63.86 9.71 -12.62
C ASN A 51 -64.42 10.46 -11.39
N VAL A 52 -64.46 11.78 -11.50
CA VAL A 52 -64.96 12.61 -10.42
C VAL A 52 -66.09 13.53 -10.84
N SER A 53 -67.07 13.65 -9.96
CA SER A 53 -68.24 14.49 -10.19
C SER A 53 -67.92 15.95 -9.90
N LYS A 54 -67.22 16.20 -8.79
CA LYS A 54 -66.88 17.57 -8.41
C LYS A 54 -65.97 18.22 -9.44
N TYR A 55 -66.29 19.46 -9.81
CA TYR A 55 -65.50 20.22 -10.78
C TYR A 55 -64.24 20.78 -10.15
N LEU A 56 -63.11 20.50 -10.80
CA LEU A 56 -61.81 20.95 -10.31
C LEU A 56 -61.25 22.14 -11.08
N GLY A 57 -61.29 22.06 -12.41
CA GLY A 57 -60.78 23.15 -13.21
C GLY A 57 -59.31 22.89 -13.48
N SER A 58 -58.51 23.94 -13.35
CA SER A 58 -57.08 23.77 -13.57
C SER A 58 -56.44 23.14 -12.34
N LEU A 59 -55.85 21.95 -12.51
CA LEU A 59 -55.18 21.23 -11.41
C LEU A 59 -53.96 21.99 -10.97
N LEU A 60 -53.89 22.28 -9.68
CA LEU A 60 -52.77 23.04 -9.14
C LEU A 60 -51.82 22.21 -8.27
N PHE A 61 -52.39 21.33 -7.46
CA PHE A 61 -51.59 20.49 -6.59
C PHE A 61 -52.10 19.07 -6.69
N VAL A 62 -51.34 18.18 -6.08
CA VAL A 62 -51.67 16.77 -6.00
C VAL A 62 -51.14 16.36 -4.65
N ARG A 63 -51.97 16.47 -3.61
CA ARG A 63 -51.55 16.11 -2.27
C ARG A 63 -51.49 14.57 -2.10
N LEU A 64 -50.52 14.09 -1.34
CA LEU A 64 -50.39 12.65 -1.11
C LEU A 64 -50.10 12.36 0.36
N ARG A 65 -50.37 11.12 0.75
CA ARG A 65 -50.13 10.66 2.10
C ARG A 65 -49.66 9.21 2.02
N LYS A 66 -48.57 8.89 2.72
CA LYS A 66 -48.05 7.52 2.77
C LYS A 66 -48.39 6.97 4.15
N LYS A 67 -49.43 6.14 4.22
CA LYS A 67 -49.87 5.55 5.49
C LYS A 67 -49.17 4.20 5.73
N HIS A 68 -48.55 4.07 6.91
CA HIS A 68 -47.86 2.83 7.28
C HIS A 68 -48.54 2.17 8.50
N PHE A 69 -48.63 0.85 8.46
CA PHE A 69 -49.26 0.08 9.53
C PHE A 69 -48.41 -0.11 10.77
N LEU A 70 -47.37 -0.94 10.65
CA LEU A 70 -46.50 -1.17 11.79
C LEU A 70 -45.06 -0.77 11.51
N LYS A 71 -44.59 -1.05 10.29
CA LYS A 71 -43.23 -0.70 9.88
C LYS A 71 -43.29 0.25 8.69
N GLU A 72 -42.66 1.42 8.83
CA GLU A 72 -42.63 2.42 7.78
C GLU A 72 -41.60 2.05 6.72
N ASP A 73 -41.90 2.40 5.48
CA ASP A 73 -41.03 2.11 4.33
C ASP A 73 -40.84 3.38 3.49
N ALA A 74 -39.59 3.78 3.27
CA ALA A 74 -39.30 4.97 2.48
C ALA A 74 -39.69 4.80 1.01
N TRP A 75 -40.17 5.88 0.42
CA TRP A 75 -40.55 5.83 -0.96
C TRP A 75 -39.99 6.99 -1.76
N PHE A 76 -39.20 6.67 -2.78
CA PHE A 76 -38.65 7.72 -3.62
C PHE A 76 -39.53 7.93 -4.82
N CYS A 77 -40.33 8.97 -4.74
CA CYS A 77 -41.27 9.31 -5.79
C CYS A 77 -40.63 10.12 -6.90
N ASN A 78 -40.85 9.69 -8.13
CA ASN A 78 -40.28 10.44 -9.24
C ASN A 78 -41.24 11.55 -9.57
N TRP A 79 -42.46 11.18 -9.93
CA TRP A 79 -43.44 12.18 -10.29
C TRP A 79 -44.83 11.58 -10.42
N ILE A 80 -45.79 12.46 -10.59
CA ILE A 80 -47.18 12.09 -10.73
C ILE A 80 -47.75 12.95 -11.86
N SER A 81 -48.46 12.29 -12.77
CA SER A 81 -49.08 12.96 -13.91
C SER A 81 -50.54 12.56 -14.01
N VAL A 82 -51.40 13.55 -14.13
CA VAL A 82 -52.83 13.27 -14.27
C VAL A 82 -53.34 14.01 -15.49
N GLN A 83 -53.71 13.26 -16.51
CA GLN A 83 -54.21 13.86 -17.74
C GLN A 83 -55.70 13.59 -17.99
N ALA A 84 -56.37 14.56 -18.61
CA ALA A 84 -57.78 14.44 -18.95
C ALA A 84 -57.87 13.66 -20.25
N LEU A 85 -58.51 12.49 -20.20
CA LEU A 85 -58.66 11.65 -21.39
C LEU A 85 -59.76 12.15 -22.34
N GLY A 86 -60.71 12.91 -21.81
CA GLY A 86 -61.79 13.41 -22.64
C GLY A 86 -61.57 14.81 -23.17
N ALA A 87 -61.40 15.75 -22.25
CA ALA A 87 -61.20 17.12 -22.61
C ALA A 87 -59.88 17.30 -23.32
N ALA A 88 -59.81 18.28 -24.20
CA ALA A 88 -58.59 18.56 -24.93
C ALA A 88 -57.66 19.40 -24.04
N GLU A 89 -57.10 18.77 -23.01
CA GLU A 89 -56.19 19.47 -22.11
C GLU A 89 -54.81 18.83 -22.10
N ASP A 90 -53.82 19.60 -21.67
CA ASP A 90 -52.47 19.08 -21.60
C ASP A 90 -52.36 18.25 -20.32
N LYS A 91 -51.44 17.30 -20.32
CA LYS A 91 -51.21 16.42 -19.18
C LYS A 91 -50.64 17.26 -18.02
N TYR A 92 -51.31 17.22 -16.87
CA TYR A 92 -50.87 17.96 -15.69
C TYR A 92 -49.66 17.30 -15.03
N TRP A 93 -48.50 17.94 -15.11
CA TRP A 93 -47.26 17.40 -14.55
C TRP A 93 -46.96 17.86 -13.13
N PHE A 94 -46.64 16.89 -12.28
CA PHE A 94 -46.35 17.14 -10.87
C PHE A 94 -45.06 16.44 -10.46
N PRO A 95 -43.89 17.10 -10.69
CA PRO A 95 -42.56 16.56 -10.35
C PRO A 95 -42.24 16.48 -8.86
N CYS A 96 -41.53 15.44 -8.46
CA CYS A 96 -41.18 15.27 -7.06
C CYS A 96 -39.70 15.02 -6.90
N TYR A 97 -39.24 13.93 -7.51
CA TYR A 97 -37.85 13.54 -7.47
C TYR A 97 -37.18 13.68 -6.10
N ARG A 98 -37.83 13.18 -5.05
CA ARG A 98 -37.23 13.23 -3.73
C ARG A 98 -37.79 12.07 -2.93
N TRP A 99 -37.32 11.93 -1.70
CA TRP A 99 -37.81 10.86 -0.84
C TRP A 99 -39.05 11.31 -0.12
N VAL A 100 -39.97 10.38 0.10
CA VAL A 100 -41.20 10.68 0.81
C VAL A 100 -41.23 9.86 2.09
N VAL A 101 -41.07 10.50 3.24
CA VAL A 101 -41.10 9.78 4.51
C VAL A 101 -42.01 10.42 5.54
N GLY A 102 -42.56 9.61 6.44
CA GLY A 102 -43.42 10.17 7.46
C GLY A 102 -44.89 10.12 7.10
N ASP A 103 -45.73 10.21 8.13
CA ASP A 103 -47.16 10.18 7.98
C ASP A 103 -47.71 11.58 7.76
N GLY A 104 -46.85 12.46 7.26
CA GLY A 104 -47.27 13.83 6.99
C GLY A 104 -47.85 13.90 5.60
N VAL A 105 -48.81 14.80 5.38
CA VAL A 105 -49.40 14.91 4.05
C VAL A 105 -48.61 15.86 3.20
N GLN A 106 -48.04 15.33 2.13
CA GLN A 106 -47.25 16.14 1.21
C GLN A 106 -48.11 16.78 0.11
N SER A 107 -47.58 17.87 -0.45
CA SER A 107 -48.26 18.59 -1.50
C SER A 107 -47.28 18.90 -2.62
N LEU A 108 -47.66 18.50 -3.84
CA LEU A 108 -46.86 18.70 -5.05
C LEU A 108 -47.55 19.67 -6.02
N PRO A 109 -46.93 20.82 -6.29
CA PRO A 109 -47.54 21.78 -7.21
C PRO A 109 -47.35 21.30 -8.65
N VAL A 110 -48.07 21.92 -9.57
CA VAL A 110 -47.95 21.58 -10.98
C VAL A 110 -46.55 22.04 -11.46
N GLY A 111 -45.96 21.35 -12.44
CA GLY A 111 -44.64 21.71 -12.91
C GLY A 111 -44.45 22.93 -13.81
N THR A 112 -45.46 23.79 -13.91
CA THR A 112 -45.36 24.96 -14.76
C THR A 112 -44.28 25.90 -14.27
N GLY A 113 -44.32 26.20 -12.99
CA GLY A 113 -43.34 27.09 -12.38
C GLY A 113 -43.78 28.55 -12.44
N CYS A 114 -43.48 29.29 -11.38
CA CYS A 114 -43.85 30.68 -11.35
C CYS A 114 -43.26 31.32 -10.13
N THR A 115 -43.27 32.63 -10.11
CA THR A 115 -42.76 33.33 -8.94
C THR A 115 -43.90 34.02 -8.20
N THR A 116 -43.56 34.67 -7.10
CA THR A 116 -44.56 35.35 -6.32
C THR A 116 -45.19 36.45 -7.16
N VAL A 117 -44.38 37.12 -7.95
CA VAL A 117 -44.88 38.19 -8.80
C VAL A 117 -45.73 37.63 -9.91
N GLY A 118 -45.35 36.48 -10.42
CA GLY A 118 -46.10 35.87 -11.49
C GLY A 118 -47.30 35.06 -11.01
N ASP A 119 -47.56 35.08 -9.71
CA ASP A 119 -48.70 34.36 -9.17
C ASP A 119 -49.56 35.36 -8.43
N PRO A 120 -50.32 36.16 -9.16
CA PRO A 120 -51.17 37.17 -8.53
C PRO A 120 -52.34 36.57 -7.80
N GLN A 121 -52.74 35.37 -8.22
CA GLN A 121 -53.87 34.69 -7.60
C GLN A 121 -53.51 34.31 -6.15
N GLY A 122 -52.21 34.09 -5.91
CA GLY A 122 -51.75 33.71 -4.59
C GLY A 122 -52.13 32.28 -4.29
N LEU A 123 -52.21 31.48 -5.34
CA LEU A 123 -52.59 30.08 -5.19
C LEU A 123 -51.48 29.25 -4.59
N PHE A 124 -50.26 29.60 -4.98
CA PHE A 124 -49.08 28.89 -4.55
C PHE A 124 -48.30 29.67 -3.49
N GLN A 125 -48.77 30.88 -3.21
CA GLN A 125 -48.11 31.74 -2.24
C GLN A 125 -47.91 31.12 -0.86
N LYS A 126 -48.99 30.61 -0.29
CA LYS A 126 -48.93 30.02 1.04
C LYS A 126 -48.06 28.76 1.00
N HIS A 127 -48.10 28.03 -0.11
CA HIS A 127 -47.33 26.79 -0.28
C HIS A 127 -45.83 26.98 -0.21
N ARG A 128 -45.36 27.99 -0.92
CA ARG A 128 -43.94 28.26 -0.96
C ARG A 128 -43.42 28.87 0.33
N GLU A 129 -44.23 29.62 1.06
CA GLU A 129 -43.69 30.18 2.29
C GLU A 129 -43.42 29.11 3.33
N GLN A 130 -44.30 28.13 3.42
CA GLN A 130 -44.18 27.04 4.40
C GLN A 130 -43.10 26.05 4.01
N GLU A 131 -42.86 25.91 2.71
CA GLU A 131 -41.84 24.99 2.22
C GLU A 131 -40.45 25.48 2.51
N LEU A 132 -40.26 26.77 2.30
CA LEU A 132 -38.97 27.40 2.53
C LEU A 132 -38.64 27.47 3.99
N GLU A 133 -39.64 27.47 4.86
CA GLU A 133 -39.33 27.54 6.28
C GLU A 133 -38.77 26.20 6.69
N GLU A 134 -39.27 25.15 6.06
CA GLU A 134 -38.86 23.78 6.31
C GLU A 134 -37.52 23.52 5.65
N ARG A 135 -37.30 24.16 4.51
CA ARG A 135 -36.05 24.02 3.77
C ARG A 135 -34.90 24.52 4.62
N ARG A 136 -35.14 25.62 5.32
CA ARG A 136 -34.12 26.22 6.17
C ARG A 136 -33.79 25.38 7.40
N LYS A 137 -34.73 24.56 7.86
CA LYS A 137 -34.47 23.71 9.03
C LYS A 137 -33.65 22.52 8.57
N LEU A 138 -33.80 22.18 7.30
CA LEU A 138 -33.10 21.04 6.73
C LEU A 138 -31.71 21.44 6.23
N TYR A 139 -31.64 22.61 5.59
CA TYR A 139 -30.39 23.12 5.04
C TYR A 139 -29.87 24.31 5.82
N GLN A 140 -28.84 24.11 6.64
CA GLN A 140 -28.28 25.22 7.41
C GLN A 140 -26.79 25.37 7.10
N TRP A 141 -26.22 26.55 7.37
CA TRP A 141 -24.79 26.69 7.09
C TRP A 141 -23.92 26.09 8.19
N GLY A 142 -22.69 25.72 7.84
CA GLY A 142 -21.78 25.11 8.80
C GLY A 142 -20.41 25.71 8.60
N SER A 143 -19.42 25.21 9.32
CA SER A 143 -18.04 25.72 9.20
C SER A 143 -17.00 24.62 9.46
N TRP A 144 -16.40 24.08 8.41
CA TRP A 144 -15.42 23.02 8.54
C TRP A 144 -14.12 23.61 9.13
N LYS A 145 -13.77 24.81 8.67
CA LYS A 145 -12.58 25.57 9.08
C LYS A 145 -12.97 27.04 9.13
N GLU A 146 -12.41 27.79 10.08
CA GLU A 146 -12.68 29.21 10.25
C GLU A 146 -12.04 30.05 9.14
N GLY A 147 -12.73 31.10 8.72
CA GLY A 147 -12.18 31.97 7.69
C GLY A 147 -12.59 31.64 6.27
N LEU A 148 -12.94 30.38 6.04
CA LEU A 148 -13.35 29.96 4.72
C LEU A 148 -14.80 30.29 4.46
N ILE A 149 -15.20 30.15 3.19
CA ILE A 149 -16.57 30.37 2.79
C ILE A 149 -17.43 29.27 3.44
N LEU A 150 -18.62 29.60 3.90
CA LEU A 150 -19.48 28.62 4.56
C LEU A 150 -19.74 27.34 3.74
N ASN A 151 -20.05 26.24 4.42
CA ASN A 151 -20.38 24.98 3.77
C ASN A 151 -21.66 24.50 4.41
N VAL A 152 -22.01 23.26 4.15
CA VAL A 152 -23.23 22.72 4.74
C VAL A 152 -22.95 22.33 6.20
N ALA A 153 -23.95 22.47 7.05
CA ALA A 153 -23.83 22.19 8.49
C ALA A 153 -23.69 20.69 8.79
N GLY A 154 -22.88 20.35 9.79
CA GLY A 154 -22.70 18.94 10.11
C GLY A 154 -21.25 18.50 10.09
N SER A 155 -21.01 17.20 10.26
CA SER A 155 -19.65 16.66 10.26
C SER A 155 -19.52 15.41 9.39
N LYS A 156 -20.51 14.54 9.52
CA LYS A 156 -20.57 13.28 8.80
C LYS A 156 -21.66 13.31 7.70
N LEU A 157 -21.70 12.27 6.88
CA LEU A 157 -22.68 12.17 5.81
C LEU A 157 -24.06 12.07 6.40
N THR A 158 -24.13 11.51 7.60
CA THR A 158 -25.40 11.33 8.30
C THR A 158 -26.09 12.65 8.60
N ASP A 159 -25.32 13.72 8.64
CA ASP A 159 -25.87 15.02 8.93
C ASP A 159 -26.49 15.67 7.71
N LEU A 160 -26.30 15.05 6.55
CA LEU A 160 -26.86 15.55 5.29
C LEU A 160 -28.32 15.11 5.09
N PRO A 161 -29.15 15.96 4.45
CA PRO A 161 -30.54 15.57 4.22
C PRO A 161 -30.57 14.38 3.26
N VAL A 162 -31.46 13.45 3.56
CA VAL A 162 -31.58 12.22 2.79
C VAL A 162 -31.61 12.45 1.27
N ASP A 163 -32.21 13.55 0.82
CA ASP A 163 -32.29 13.83 -0.61
C ASP A 163 -30.97 14.19 -1.27
N GLU A 164 -29.97 14.56 -0.46
CA GLU A 164 -28.66 14.91 -0.95
C GLU A 164 -27.67 13.71 -0.96
N ARG A 165 -28.08 12.63 -0.28
CA ARG A 165 -27.29 11.42 -0.19
C ARG A 165 -27.27 10.63 -1.50
N PHE A 166 -26.25 9.80 -1.69
CA PHE A 166 -26.13 8.99 -2.91
C PHE A 166 -27.25 7.97 -3.00
N LEU A 167 -27.67 7.67 -4.23
CA LEU A 167 -28.71 6.66 -4.40
C LEU A 167 -28.00 5.34 -4.15
N GLU A 168 -28.71 4.41 -3.53
CA GLU A 168 -28.14 3.12 -3.20
C GLU A 168 -27.46 2.38 -4.37
N ASP A 169 -27.82 2.71 -5.60
CA ASP A 169 -27.21 2.03 -6.74
C ASP A 169 -25.87 2.63 -7.10
N LYS A 170 -25.68 3.90 -6.81
CA LYS A 170 -24.42 4.57 -7.12
C LYS A 170 -23.46 4.46 -5.94
N LYS A 171 -24.00 4.52 -4.74
CA LYS A 171 -23.18 4.44 -3.56
C LYS A 171 -22.36 3.14 -3.55
N ILE A 172 -22.97 2.02 -3.93
CA ILE A 172 -22.24 0.75 -3.92
C ILE A 172 -21.17 0.69 -4.99
N ASP A 173 -21.44 1.26 -6.14
CA ASP A 173 -20.45 1.23 -7.21
C ASP A 173 -19.37 2.26 -7.00
N PHE A 174 -19.72 3.38 -6.40
CA PHE A 174 -18.76 4.44 -6.17
C PHE A 174 -17.65 3.98 -5.23
N GLU A 175 -18.07 3.28 -4.17
CA GLU A 175 -17.17 2.78 -3.17
C GLU A 175 -16.43 1.51 -3.60
N ALA A 176 -17.12 0.63 -4.32
CA ALA A 176 -16.49 -0.60 -4.76
C ALA A 176 -15.32 -0.29 -5.66
N SER A 177 -15.59 0.43 -6.76
CA SER A 177 -14.60 0.82 -7.77
C SER A 177 -13.41 1.57 -7.21
N LEU A 178 -13.66 2.38 -6.19
CA LEU A 178 -12.61 3.15 -5.57
C LEU A 178 -11.72 2.22 -4.76
N ALA A 179 -12.35 1.26 -4.08
CA ALA A 179 -11.64 0.29 -3.26
C ALA A 179 -10.75 -0.59 -4.13
N TRP A 180 -11.34 -1.21 -5.14
CA TRP A 180 -10.56 -2.06 -6.03
C TRP A 180 -9.54 -1.23 -6.78
N GLY A 181 -9.85 0.04 -7.03
CA GLY A 181 -8.92 0.90 -7.74
C GLY A 181 -7.59 1.14 -7.04
N LEU A 182 -7.65 1.72 -5.85
CA LEU A 182 -6.43 1.99 -5.11
C LEU A 182 -5.71 0.76 -4.60
N ALA A 183 -6.44 -0.33 -4.38
CA ALA A 183 -5.80 -1.55 -3.90
C ALA A 183 -4.98 -2.18 -5.02
N GLU A 184 -5.53 -2.18 -6.22
CA GLU A 184 -4.83 -2.77 -7.36
C GLU A 184 -3.48 -2.06 -7.52
N LEU A 185 -3.53 -0.73 -7.41
CA LEU A 185 -2.37 0.14 -7.53
C LEU A 185 -1.38 -0.05 -6.40
N ALA A 186 -1.90 -0.25 -5.21
CA ALA A 186 -1.08 -0.46 -4.02
C ALA A 186 -0.35 -1.80 -4.10
N LEU A 187 -1.03 -2.77 -4.69
CA LEU A 187 -0.46 -4.09 -4.85
C LEU A 187 0.73 -4.03 -5.78
N LYS A 188 0.53 -3.56 -6.99
CA LYS A 188 1.63 -3.52 -7.93
C LYS A 188 2.80 -2.65 -7.48
N ASN A 189 2.52 -1.56 -6.76
CA ASN A 189 3.59 -0.67 -6.33
C ASN A 189 4.44 -1.24 -5.18
N SER A 190 3.89 -2.19 -4.45
CA SER A 190 4.61 -2.82 -3.33
C SER A 190 5.71 -3.76 -3.87
N LEU A 191 5.61 -4.12 -5.15
CA LEU A 191 6.59 -5.00 -5.77
C LEU A 191 7.93 -4.28 -5.88
N ASN A 192 7.86 -2.97 -6.10
CA ASN A 192 9.07 -2.16 -6.28
C ASN A 192 9.75 -1.82 -4.97
N ILE A 193 9.12 -2.26 -3.90
CA ILE A 193 9.66 -2.00 -2.60
C ILE A 193 11.18 -2.07 -2.49
N LEU A 194 11.85 -2.95 -3.22
CA LEU A 194 13.31 -3.00 -3.09
C LEU A 194 14.06 -2.57 -4.35
N ALA A 195 13.33 -2.03 -5.31
CA ALA A 195 13.94 -1.60 -6.56
C ALA A 195 14.78 -0.33 -6.44
N PRO A 196 15.96 -0.32 -7.08
CA PRO A 196 16.85 0.84 -7.04
C PRO A 196 16.11 2.16 -7.32
N TRP A 197 16.60 3.26 -6.76
CA TRP A 197 15.97 4.55 -6.99
C TRP A 197 17.02 5.66 -7.02
N LYS A 198 17.79 5.74 -8.11
CA LYS A 198 18.83 6.75 -8.24
C LYS A 198 18.80 7.52 -9.57
N THR A 199 18.04 7.01 -10.52
CA THR A 199 17.91 7.64 -11.82
C THR A 199 16.46 8.00 -12.10
N LEU A 200 16.28 9.04 -12.90
CA LEU A 200 14.95 9.48 -13.24
C LEU A 200 14.25 8.40 -14.03
N ASP A 201 14.98 7.43 -14.53
CA ASP A 201 14.34 6.39 -15.31
C ASP A 201 13.53 5.50 -14.40
N ASP A 202 13.93 5.46 -13.14
CA ASP A 202 13.25 4.65 -12.13
C ASP A 202 11.83 5.10 -11.87
N PHE A 203 11.49 6.28 -12.32
CA PHE A 203 10.16 6.78 -12.12
C PHE A 203 9.21 5.98 -13.01
N ASN A 204 9.75 5.37 -14.05
CA ASN A 204 8.92 4.60 -14.98
C ASN A 204 8.46 3.28 -14.37
N ARG A 205 9.20 2.83 -13.35
CA ARG A 205 8.89 1.59 -12.65
C ARG A 205 7.57 1.64 -11.90
N ILE A 206 7.23 2.76 -11.33
CA ILE A 206 5.98 2.76 -10.62
C ILE A 206 4.82 3.22 -11.46
N PHE A 207 5.12 3.91 -12.56
CA PHE A 207 4.10 4.43 -13.46
C PHE A 207 3.11 3.38 -13.96
N TRP A 208 1.89 3.39 -13.44
CA TRP A 208 0.91 2.43 -13.92
C TRP A 208 -0.46 2.86 -13.45
N CYS A 209 -0.64 4.15 -13.29
CA CYS A 209 -1.91 4.65 -12.83
C CYS A 209 -3.03 4.39 -13.83
N GLY A 210 -3.08 5.22 -14.88
CA GLY A 210 -4.10 5.10 -15.90
C GLY A 210 -3.49 4.80 -17.25
N ARG A 211 -2.33 5.41 -17.51
CA ARG A 211 -1.60 5.25 -18.77
C ARG A 211 -2.48 5.49 -20.02
N SER A 212 -2.88 6.74 -20.23
CA SER A 212 -3.69 7.11 -21.36
C SER A 212 -2.78 7.49 -22.51
N LYS A 213 -3.37 7.86 -23.64
CA LYS A 213 -2.58 8.25 -24.80
C LYS A 213 -1.77 9.51 -24.45
N LEU A 214 -2.41 10.45 -23.75
CA LEU A 214 -1.75 11.71 -23.35
C LEU A 214 -0.82 11.50 -22.18
N ALA A 215 -1.24 10.63 -21.29
CA ALA A 215 -0.46 10.33 -20.12
C ALA A 215 0.86 9.70 -20.55
N ARG A 216 0.87 8.93 -21.62
CA ARG A 216 2.11 8.30 -22.07
C ARG A 216 3.01 9.38 -22.67
N ARG A 217 2.39 10.32 -23.35
CA ARG A 217 3.11 11.43 -23.98
C ARG A 217 3.88 12.19 -22.91
N VAL A 218 3.23 12.38 -21.78
CA VAL A 218 3.85 13.10 -20.69
C VAL A 218 5.13 12.39 -20.24
N ARG A 219 5.01 11.08 -20.05
CA ARG A 219 6.15 10.27 -19.65
C ARG A 219 7.21 10.38 -20.75
N ASP A 220 6.75 10.35 -22.00
CA ASP A 220 7.65 10.43 -23.13
C ASP A 220 8.40 11.74 -23.17
N SER A 221 7.74 12.84 -22.85
CA SER A 221 8.46 14.09 -22.91
C SER A 221 7.97 15.11 -21.92
N TRP A 222 8.42 15.00 -20.68
CA TRP A 222 8.01 15.94 -19.64
C TRP A 222 9.14 16.94 -19.45
N GLN A 223 10.34 16.54 -19.86
CA GLN A 223 11.50 17.39 -19.72
C GLN A 223 11.56 18.49 -20.79
N GLU A 224 10.72 18.35 -21.81
CA GLU A 224 10.62 19.29 -22.92
C GLU A 224 10.00 20.63 -22.47
N ASP A 225 10.74 21.75 -22.57
CA ASP A 225 10.20 23.05 -22.13
C ASP A 225 8.94 23.36 -22.93
N SER A 226 8.84 22.84 -24.16
CA SER A 226 7.66 23.09 -25.00
C SER A 226 6.39 22.54 -24.32
N LEU A 227 6.46 21.33 -23.77
CA LEU A 227 5.29 20.77 -23.10
C LEU A 227 5.14 21.45 -21.76
N PHE A 228 6.26 21.84 -21.19
CA PHE A 228 6.26 22.53 -19.91
C PHE A 228 5.35 23.73 -19.94
N GLY A 229 5.61 24.62 -20.89
CA GLY A 229 4.79 25.81 -21.04
C GLY A 229 3.43 25.53 -21.65
N TYR A 230 3.33 24.46 -22.43
CA TYR A 230 2.05 24.11 -23.04
C TYR A 230 1.00 23.88 -21.97
N GLN A 231 1.44 23.37 -20.82
CA GLN A 231 0.52 23.09 -19.75
C GLN A 231 -0.10 24.32 -19.12
N PHE A 232 0.50 25.49 -19.32
CA PHE A 232 -0.05 26.71 -18.74
C PHE A 232 -1.24 27.17 -19.56
N LEU A 233 -1.26 26.74 -20.83
CA LEU A 233 -2.32 27.08 -21.77
C LEU A 233 -3.44 26.04 -21.74
N ASN A 234 -3.10 24.83 -22.11
CA ASN A 234 -4.09 23.77 -22.16
C ASN A 234 -3.89 22.59 -21.19
N GLY A 235 -3.20 22.83 -20.08
CA GLY A 235 -2.97 21.75 -19.12
C GLY A 235 -4.11 21.57 -18.16
N ALA A 236 -3.82 20.97 -17.01
CA ALA A 236 -4.88 20.77 -16.04
C ALA A 236 -5.17 22.06 -15.30
N ASN A 237 -4.22 22.98 -15.25
CA ASN A 237 -4.48 24.23 -14.54
C ASN A 237 -4.16 25.48 -15.36
N PRO A 238 -5.08 25.88 -16.25
CA PRO A 238 -4.90 27.04 -17.11
C PRO A 238 -5.45 28.30 -16.51
N MET A 239 -5.57 28.34 -15.19
CA MET A 239 -6.13 29.51 -14.55
C MET A 239 -5.11 30.58 -14.17
N LEU A 240 -3.87 30.18 -13.94
CA LEU A 240 -2.84 31.11 -13.51
C LEU A 240 -2.18 31.96 -14.61
N LEU A 241 -2.04 31.40 -15.80
CA LEU A 241 -1.39 32.09 -16.88
C LEU A 241 -2.18 33.28 -17.39
N ARG A 242 -1.46 34.36 -17.66
CA ARG A 242 -2.06 35.59 -18.19
C ARG A 242 -1.05 36.36 -19.06
N ARG A 243 -1.55 37.18 -19.98
CA ARG A 243 -0.70 38.01 -20.86
C ARG A 243 -0.10 39.16 -20.06
N SER A 244 1.21 39.38 -20.18
CA SER A 244 1.89 40.45 -19.46
C SER A 244 1.78 41.82 -20.16
N VAL A 245 1.42 42.82 -19.38
CA VAL A 245 1.29 44.21 -19.84
C VAL A 245 2.58 44.92 -19.48
N GLN A 246 3.17 44.50 -18.38
CA GLN A 246 4.41 45.05 -17.89
C GLN A 246 5.10 43.99 -17.07
N LEU A 247 6.39 44.17 -16.79
CA LEU A 247 7.13 43.19 -16.01
C LEU A 247 6.67 43.11 -14.56
N PRO A 248 6.62 41.90 -13.98
CA PRO A 248 6.17 41.76 -12.59
C PRO A 248 7.12 42.45 -11.64
N ALA A 249 6.57 43.19 -10.69
CA ALA A 249 7.41 43.87 -9.74
C ALA A 249 8.26 42.89 -8.95
N ARG A 250 7.87 41.63 -8.83
CA ARG A 250 8.69 40.71 -8.04
C ARG A 250 9.81 40.21 -8.91
N LEU A 251 9.72 40.51 -10.19
CA LEU A 251 10.75 40.03 -11.09
C LEU A 251 12.01 40.89 -10.99
N VAL A 252 12.67 40.88 -9.85
CA VAL A 252 13.89 41.68 -9.68
C VAL A 252 15.11 40.93 -10.25
N PHE A 253 16.07 41.68 -10.80
CA PHE A 253 17.26 41.07 -11.40
C PHE A 253 18.53 41.15 -10.56
N PRO A 254 19.27 40.03 -10.52
CA PRO A 254 20.52 39.95 -9.78
C PRO A 254 21.64 40.72 -10.48
N PRO A 255 22.63 41.21 -9.73
CA PRO A 255 23.69 41.94 -10.43
C PRO A 255 24.23 41.11 -11.57
N GLY A 256 24.26 41.70 -12.75
CA GLY A 256 24.76 41.00 -13.91
C GLY A 256 23.67 40.73 -14.93
N MET A 257 22.46 40.51 -14.44
CA MET A 257 21.30 40.24 -15.28
C MET A 257 20.82 41.54 -15.93
N GLU A 258 21.32 41.82 -17.13
CA GLU A 258 20.96 43.01 -17.90
C GLU A 258 20.65 42.60 -19.33
N GLU A 259 21.29 41.55 -19.82
CA GLU A 259 21.08 41.09 -21.18
C GLU A 259 19.72 40.44 -21.32
N LEU A 260 19.35 39.73 -20.27
CA LEU A 260 18.08 39.02 -20.20
C LEU A 260 16.93 40.00 -20.10
N GLN A 261 17.16 41.14 -19.46
CA GLN A 261 16.10 42.14 -19.33
C GLN A 261 15.61 42.60 -20.70
N ALA A 262 16.52 42.72 -21.66
CA ALA A 262 16.17 43.16 -23.02
C ALA A 262 15.36 42.11 -23.76
N GLN A 263 15.57 40.85 -23.45
CA GLN A 263 14.81 39.83 -24.12
C GLN A 263 13.40 39.88 -23.61
N LEU A 264 13.24 40.33 -22.37
CA LEU A 264 11.92 40.44 -21.77
C LEU A 264 11.18 41.63 -22.34
N GLU A 265 11.91 42.73 -22.53
CA GLU A 265 11.33 43.94 -23.09
C GLU A 265 10.94 43.70 -24.54
N LYS A 266 11.67 42.84 -25.24
CA LYS A 266 11.36 42.55 -26.63
C LYS A 266 10.01 41.87 -26.76
N GLU A 267 9.72 40.95 -25.84
CA GLU A 267 8.47 40.21 -25.89
C GLU A 267 7.28 41.02 -25.41
N LEU A 268 7.54 41.95 -24.52
CA LEU A 268 6.46 42.78 -24.02
C LEU A 268 5.88 43.69 -25.12
N LYS A 269 6.75 44.39 -25.85
CA LYS A 269 6.28 45.29 -26.92
C LYS A 269 5.67 44.47 -28.06
N ALA A 270 6.07 43.22 -28.18
CA ALA A 270 5.51 42.40 -29.25
C ALA A 270 4.13 41.88 -28.84
N GLY A 271 3.89 41.77 -27.54
CA GLY A 271 2.61 41.29 -27.03
C GLY A 271 2.53 39.78 -26.95
N THR A 272 3.70 39.17 -26.86
CA THR A 272 3.83 37.72 -26.78
C THR A 272 4.42 37.28 -25.43
N LEU A 273 4.50 38.20 -24.47
CA LEU A 273 5.04 37.87 -23.14
C LEU A 273 3.92 37.42 -22.19
N PHE A 274 4.14 36.30 -21.50
CA PHE A 274 3.13 35.82 -20.55
C PHE A 274 3.71 35.47 -19.17
N GLU A 275 2.89 35.64 -18.12
CA GLU A 275 3.37 35.35 -16.78
C GLU A 275 2.42 34.57 -15.85
N ALA A 276 2.95 33.53 -15.22
CA ALA A 276 2.18 32.75 -14.27
C ALA A 276 2.90 32.96 -12.94
N ASP A 277 2.20 33.56 -11.99
CA ASP A 277 2.79 33.84 -10.70
C ASP A 277 2.17 33.03 -9.54
N PHE A 278 3.03 32.36 -8.79
CA PHE A 278 2.63 31.51 -7.65
C PHE A 278 3.03 32.09 -6.30
N ALA A 279 2.73 33.37 -6.12
CA ALA A 279 3.03 34.08 -4.87
C ALA A 279 2.04 33.69 -3.78
N LEU A 280 1.01 32.92 -4.15
CA LEU A 280 0.01 32.55 -3.16
C LEU A 280 0.62 31.55 -2.17
N LEU A 281 1.66 30.85 -2.63
CA LEU A 281 2.34 29.84 -1.82
C LEU A 281 3.35 30.41 -0.86
N ASP A 282 3.52 31.71 -0.89
CA ASP A 282 4.52 32.30 -0.03
C ASP A 282 4.13 32.19 1.45
N ASN A 283 5.09 31.88 2.31
CA ASN A 283 4.83 31.75 3.73
C ASN A 283 3.75 30.77 4.13
N ILE A 284 3.55 29.76 3.31
CA ILE A 284 2.57 28.73 3.62
C ILE A 284 3.40 27.69 4.33
N LYS A 285 2.94 27.23 5.49
CA LYS A 285 3.67 26.21 6.26
C LYS A 285 3.65 24.86 5.52
N ALA A 286 4.82 24.27 5.25
CA ALA A 286 4.88 22.98 4.55
C ALA A 286 4.57 21.81 5.48
N ASN A 287 4.19 20.69 4.89
CA ASN A 287 3.83 19.49 5.63
C ASN A 287 5.04 18.80 6.27
N VAL A 288 4.76 17.96 7.26
CA VAL A 288 5.78 17.18 7.94
C VAL A 288 5.26 15.75 7.92
N ILE A 289 5.89 14.94 7.09
CA ILE A 289 5.49 13.55 6.94
C ILE A 289 6.52 12.61 7.55
N LEU A 290 6.07 11.90 8.59
CA LEU A 290 6.90 10.94 9.32
C LEU A 290 8.05 11.69 9.96
N TYR A 291 7.75 12.90 10.45
CA TYR A 291 8.75 13.75 11.10
C TYR A 291 9.80 14.27 10.13
N CYS A 292 9.54 14.11 8.82
CA CYS A 292 10.45 14.58 7.79
C CYS A 292 9.94 15.88 7.21
N GLN A 293 10.82 16.86 7.07
CA GLN A 293 10.44 18.16 6.54
C GLN A 293 10.22 18.22 5.03
N GLN A 294 9.03 18.67 4.62
CA GLN A 294 8.64 18.83 3.21
C GLN A 294 8.83 20.29 2.86
N TYR A 295 8.95 20.63 1.58
CA TYR A 295 9.15 22.03 1.20
C TYR A 295 8.30 22.59 0.07
N LEU A 296 8.03 23.90 0.12
CA LEU A 296 7.23 24.58 -0.90
C LEU A 296 7.99 25.72 -1.50
N ALA A 297 7.42 26.27 -2.58
CA ALA A 297 8.02 27.41 -3.28
C ALA A 297 6.98 28.35 -3.90
N ALA A 298 7.35 29.61 -4.11
CA ALA A 298 6.47 30.63 -4.74
C ALA A 298 7.15 31.13 -6.03
N PRO A 299 7.25 30.26 -7.03
CA PRO A 299 7.89 30.62 -8.29
C PRO A 299 7.15 31.59 -9.17
N LEU A 300 7.91 32.07 -10.14
CA LEU A 300 7.43 33.00 -11.13
C LEU A 300 7.99 32.36 -12.38
N VAL A 301 7.17 32.33 -13.42
CA VAL A 301 7.63 31.77 -14.67
C VAL A 301 7.23 32.79 -15.70
N MET A 302 8.20 33.16 -16.53
CA MET A 302 8.00 34.11 -17.61
C MET A 302 8.06 33.26 -18.86
N LEU A 303 7.11 33.46 -19.77
CA LEU A 303 7.12 32.70 -21.01
C LEU A 303 6.83 33.60 -22.20
N LYS A 304 7.24 33.13 -23.38
CA LYS A 304 7.02 33.87 -24.61
C LYS A 304 6.26 32.99 -25.61
N LEU A 305 5.35 33.60 -26.34
CA LEU A 305 4.58 32.88 -27.33
C LEU A 305 5.30 32.99 -28.67
N GLN A 306 5.69 31.83 -29.20
CA GLN A 306 6.40 31.76 -30.46
C GLN A 306 5.54 31.87 -31.70
N PRO A 307 6.11 32.43 -32.79
CA PRO A 307 5.35 32.57 -34.02
C PRO A 307 4.74 31.26 -34.51
N ASP A 308 5.37 30.15 -34.17
CA ASP A 308 4.86 28.83 -34.58
C ASP A 308 3.82 28.35 -33.58
N GLY A 309 3.33 29.30 -32.77
CA GLY A 309 2.31 29.02 -31.77
C GLY A 309 2.78 28.07 -30.69
N LYS A 310 3.88 28.43 -30.04
CA LYS A 310 4.46 27.62 -28.97
C LYS A 310 4.83 28.56 -27.83
N LEU A 311 4.46 28.19 -26.61
CA LEU A 311 4.79 29.00 -25.44
C LEU A 311 6.02 28.40 -24.81
N MET A 312 7.06 29.20 -24.66
CA MET A 312 8.31 28.73 -24.09
C MET A 312 8.74 29.49 -22.81
N PRO A 313 9.22 28.77 -21.80
CA PRO A 313 9.65 29.41 -20.57
C PRO A 313 10.96 30.16 -20.76
N MET A 314 11.09 31.35 -20.18
CA MET A 314 12.32 32.12 -20.31
C MET A 314 13.11 32.19 -19.00
N VAL A 315 12.42 32.46 -17.90
CA VAL A 315 13.05 32.58 -16.60
C VAL A 315 12.13 32.06 -15.50
N ILE A 316 12.73 31.42 -14.49
CA ILE A 316 11.98 30.90 -13.34
C ILE A 316 12.68 31.40 -12.09
N GLN A 317 11.91 32.08 -11.25
CA GLN A 317 12.41 32.60 -9.98
C GLN A 317 11.74 31.73 -8.93
N LEU A 318 12.50 31.14 -8.01
CA LEU A 318 11.92 30.24 -7.00
C LEU A 318 11.48 30.87 -5.69
N HIS A 319 11.99 32.05 -5.39
CA HIS A 319 11.64 32.72 -4.16
C HIS A 319 11.16 34.11 -4.52
N LEU A 320 10.40 34.69 -3.61
CA LEU A 320 9.94 36.03 -3.81
C LEU A 320 11.07 36.89 -3.27
N PRO A 321 11.24 38.11 -3.81
CA PRO A 321 12.28 39.06 -3.41
C PRO A 321 12.09 39.46 -1.95
N LYS A 322 13.19 39.54 -1.21
CA LYS A 322 13.13 39.93 0.20
C LYS A 322 13.52 41.40 0.20
N ILE A 323 12.65 42.22 0.75
CA ILE A 323 12.91 43.65 0.80
C ILE A 323 14.04 43.89 1.80
N GLY A 324 15.06 44.58 1.35
CA GLY A 324 16.19 44.88 2.22
C GLY A 324 17.29 43.87 2.02
N SER A 325 16.95 42.78 1.35
CA SER A 325 17.93 41.75 1.09
C SER A 325 18.16 41.64 -0.40
N SER A 326 19.32 41.13 -0.75
CA SER A 326 19.71 40.98 -2.14
C SER A 326 18.69 40.16 -2.91
N PRO A 327 18.61 40.39 -4.22
CA PRO A 327 17.67 39.67 -5.09
C PRO A 327 18.05 38.21 -5.25
N PRO A 328 17.04 37.34 -5.30
CA PRO A 328 17.22 35.90 -5.48
C PRO A 328 17.60 35.61 -6.91
N PRO A 329 18.44 34.60 -7.12
CA PRO A 329 18.94 34.15 -8.42
C PRO A 329 17.82 33.77 -9.39
N LEU A 330 17.96 34.18 -10.64
CA LEU A 330 16.97 33.82 -11.64
C LEU A 330 17.57 32.67 -12.41
N PHE A 331 16.74 31.67 -12.72
CA PHE A 331 17.16 30.49 -13.46
C PHE A 331 16.68 30.55 -14.92
N LEU A 332 17.61 30.26 -15.81
CA LEU A 332 17.38 30.30 -17.24
C LEU A 332 17.69 28.96 -17.89
N PRO A 333 17.11 28.72 -19.07
CA PRO A 333 17.32 27.48 -19.82
C PRO A 333 18.78 27.30 -20.18
N THR A 334 19.53 28.39 -20.10
CA THR A 334 20.94 28.39 -20.40
C THR A 334 21.70 27.66 -19.29
N ASP A 335 21.10 27.57 -18.11
CA ASP A 335 21.76 26.91 -16.98
C ASP A 335 21.98 25.43 -17.25
N PRO A 336 22.87 24.79 -16.49
CA PRO A 336 23.15 23.37 -16.66
C PRO A 336 21.90 22.54 -16.62
N PRO A 337 21.86 21.47 -17.42
CA PRO A 337 20.69 20.59 -17.51
C PRO A 337 19.94 20.40 -16.19
N MET A 338 20.61 19.80 -15.21
CA MET A 338 20.07 19.53 -13.87
C MET A 338 19.56 20.77 -13.15
N VAL A 339 20.23 21.88 -13.37
CA VAL A 339 19.83 23.12 -12.72
C VAL A 339 18.52 23.62 -13.30
N TRP A 340 18.34 23.52 -14.60
CA TRP A 340 17.10 24.00 -15.20
C TRP A 340 15.99 23.01 -14.90
N LEU A 341 16.35 21.74 -14.86
CA LEU A 341 15.39 20.68 -14.60
C LEU A 341 14.79 20.81 -13.22
N LEU A 342 15.61 21.12 -12.23
CA LEU A 342 15.15 21.26 -10.86
C LEU A 342 14.16 22.39 -10.75
N ALA A 343 14.48 23.52 -11.34
CA ALA A 343 13.59 24.66 -11.30
C ALA A 343 12.23 24.38 -11.95
N LYS A 344 12.19 23.54 -12.99
CA LYS A 344 10.91 23.24 -13.61
C LYS A 344 10.10 22.30 -12.72
N CYS A 345 10.79 21.47 -11.96
CA CYS A 345 10.14 20.53 -11.04
C CYS A 345 9.44 21.27 -9.91
N TRP A 346 10.06 22.34 -9.44
CA TRP A 346 9.49 23.15 -8.38
C TRP A 346 8.26 23.86 -8.88
N VAL A 347 8.28 24.26 -10.15
CA VAL A 347 7.12 24.94 -10.68
C VAL A 347 5.95 23.95 -10.81
N ARG A 348 6.22 22.75 -11.34
CA ARG A 348 5.20 21.71 -11.48
C ARG A 348 4.62 21.28 -10.13
N SER A 349 5.48 21.19 -9.10
CA SER A 349 4.98 20.80 -7.79
C SER A 349 4.02 21.87 -7.29
N SER A 350 4.44 23.13 -7.33
CA SER A 350 3.59 24.25 -6.89
C SER A 350 2.29 24.36 -7.69
N ASP A 351 2.33 24.05 -8.97
CA ASP A 351 1.12 24.09 -9.81
C ASP A 351 0.16 23.00 -9.32
N PHE A 352 0.71 21.87 -8.93
CA PHE A 352 -0.16 20.82 -8.46
C PHE A 352 -0.90 21.31 -7.25
N GLN A 353 -0.18 21.84 -6.26
CA GLN A 353 -0.81 22.30 -5.02
C GLN A 353 -1.94 23.28 -5.25
N VAL A 354 -1.66 24.31 -6.04
CA VAL A 354 -2.65 25.34 -6.34
C VAL A 354 -3.85 24.80 -7.15
N HIS A 355 -3.55 23.83 -7.99
CA HIS A 355 -4.58 23.23 -8.80
C HIS A 355 -5.62 22.58 -7.90
N GLU A 356 -5.17 21.57 -7.17
CA GLU A 356 -6.08 20.84 -6.34
C GLU A 356 -6.79 21.70 -5.34
N LEU A 357 -6.08 22.63 -4.73
CA LEU A 357 -6.72 23.46 -3.72
C LEU A 357 -7.64 24.55 -4.24
N ASN A 358 -7.10 25.47 -5.03
CA ASN A 358 -7.85 26.58 -5.58
C ASN A 358 -8.68 26.26 -6.78
N SER A 359 -8.02 25.91 -7.87
CA SER A 359 -8.71 25.61 -9.11
C SER A 359 -9.81 24.55 -8.92
N HIS A 360 -9.45 23.43 -8.31
CA HIS A 360 -10.36 22.30 -8.11
C HIS A 360 -11.28 22.38 -6.89
N LEU A 361 -10.76 22.20 -5.69
CA LEU A 361 -11.59 22.20 -4.47
C LEU A 361 -12.37 23.47 -4.18
N LEU A 362 -11.68 24.60 -4.15
CA LEU A 362 -12.29 25.88 -3.86
C LEU A 362 -13.19 26.37 -4.99
N ARG A 363 -12.56 26.72 -6.11
CA ARG A 363 -13.30 27.24 -7.26
C ARG A 363 -14.29 26.26 -7.85
N GLY A 364 -14.15 24.97 -7.56
CA GLY A 364 -15.08 24.01 -8.12
C GLY A 364 -16.05 23.43 -7.10
N HIS A 365 -15.54 22.58 -6.22
CA HIS A 365 -16.40 21.94 -5.25
C HIS A 365 -17.05 22.83 -4.21
N LEU A 366 -16.27 23.67 -3.53
CA LEU A 366 -16.83 24.52 -2.49
C LEU A 366 -17.77 25.61 -3.02
N MET A 367 -17.43 26.22 -4.15
CA MET A 367 -18.27 27.27 -4.74
C MET A 367 -19.63 26.70 -5.06
N ALA A 368 -19.63 25.58 -5.76
CA ALA A 368 -20.86 24.89 -6.11
C ALA A 368 -21.69 24.63 -4.86
N GLU A 369 -21.03 24.16 -3.80
CA GLU A 369 -21.68 23.87 -2.52
C GLU A 369 -22.34 25.12 -1.99
N VAL A 370 -21.68 26.25 -2.20
CA VAL A 370 -22.28 27.48 -1.73
C VAL A 370 -23.57 27.72 -2.47
N PHE A 371 -23.53 27.51 -3.77
CA PHE A 371 -24.72 27.72 -4.59
C PHE A 371 -25.80 26.74 -4.21
N THR A 372 -25.39 25.52 -3.95
CA THR A 372 -26.35 24.50 -3.57
C THR A 372 -27.13 24.88 -2.31
N VAL A 373 -26.42 25.18 -1.23
CA VAL A 373 -27.12 25.53 0.00
C VAL A 373 -27.96 26.81 -0.12
N ALA A 374 -27.47 27.76 -0.91
CA ALA A 374 -28.21 28.99 -1.06
C ALA A 374 -29.47 28.77 -1.86
N THR A 375 -29.42 27.83 -2.79
CA THR A 375 -30.58 27.55 -3.62
C THR A 375 -31.68 26.89 -2.80
N MET A 376 -31.28 25.91 -2.02
CA MET A 376 -32.23 25.15 -1.20
C MET A 376 -32.88 25.93 -0.07
N ARG A 377 -32.18 26.96 0.39
CA ARG A 377 -32.68 27.83 1.47
C ARG A 377 -33.48 29.04 1.00
N CYS A 378 -33.23 29.52 -0.22
CA CYS A 378 -33.94 30.69 -0.71
C CYS A 378 -34.95 30.50 -1.86
N LEU A 379 -34.72 29.52 -2.72
CA LEU A 379 -35.62 29.30 -3.84
C LEU A 379 -36.52 28.06 -3.64
N PRO A 380 -37.85 28.25 -3.66
CA PRO A 380 -38.82 27.14 -3.47
C PRO A 380 -38.90 26.27 -4.70
N SER A 381 -39.35 25.04 -4.50
CA SER A 381 -39.47 24.07 -5.57
C SER A 381 -40.13 24.58 -6.85
N ILE A 382 -41.20 25.33 -6.71
CA ILE A 382 -41.91 25.83 -7.86
C ILE A 382 -41.23 26.99 -8.56
N HIS A 383 -40.24 27.61 -7.91
CA HIS A 383 -39.59 28.74 -8.56
C HIS A 383 -38.99 28.35 -9.89
N PRO A 384 -39.14 29.21 -10.91
CA PRO A 384 -38.58 28.88 -12.21
C PRO A 384 -37.07 28.76 -12.21
N VAL A 385 -36.39 29.65 -11.51
CA VAL A 385 -34.94 29.61 -11.48
C VAL A 385 -34.47 28.34 -10.78
N PHE A 386 -35.20 27.94 -9.75
CA PHE A 386 -34.87 26.76 -8.99
C PHE A 386 -34.89 25.50 -9.83
N LYS A 387 -35.80 25.45 -10.79
CA LYS A 387 -35.94 24.31 -11.66
C LYS A 387 -34.84 24.22 -12.71
N LEU A 388 -34.16 25.33 -12.95
CA LEU A 388 -33.10 25.39 -13.92
C LEU A 388 -31.78 24.88 -13.35
N ILE A 389 -31.53 25.23 -12.08
CA ILE A 389 -30.29 24.88 -11.42
C ILE A 389 -30.12 23.49 -10.82
N VAL A 390 -31.13 23.01 -10.12
CA VAL A 390 -31.09 21.73 -9.47
C VAL A 390 -30.36 20.54 -10.11
N PRO A 391 -30.43 20.39 -11.43
CA PRO A 391 -29.72 19.21 -11.94
C PRO A 391 -28.22 19.35 -11.77
N HIS A 392 -27.78 20.60 -11.82
CA HIS A 392 -26.39 20.97 -11.72
C HIS A 392 -25.87 20.95 -10.30
N LEU A 393 -26.80 20.82 -9.38
CA LEU A 393 -26.44 20.76 -7.98
C LEU A 393 -26.39 19.32 -7.51
N ARG A 394 -26.68 18.38 -8.40
CA ARG A 394 -26.73 16.94 -8.05
C ARG A 394 -25.46 16.30 -7.46
N TYR A 395 -25.65 15.62 -6.34
CA TYR A 395 -24.61 14.91 -5.59
C TYR A 395 -23.43 15.78 -5.12
N THR A 396 -23.64 17.10 -5.07
CA THR A 396 -22.57 17.99 -4.69
C THR A 396 -22.23 18.03 -3.20
N LEU A 397 -23.25 18.09 -2.35
CA LEU A 397 -23.00 18.14 -0.91
C LEU A 397 -22.40 16.85 -0.39
N GLU A 398 -22.76 15.73 -1.01
CA GLU A 398 -22.28 14.40 -0.65
C GLU A 398 -20.80 14.18 -0.93
N ILE A 399 -20.37 14.50 -2.15
CA ILE A 399 -18.97 14.32 -2.44
C ILE A 399 -18.11 15.28 -1.62
N ASN A 400 -18.64 16.46 -1.31
CA ASN A 400 -17.88 17.43 -0.52
C ASN A 400 -17.70 16.98 0.91
N VAL A 401 -18.70 16.33 1.47
CA VAL A 401 -18.55 15.91 2.85
C VAL A 401 -17.60 14.73 2.89
N ARG A 402 -17.67 13.92 1.86
CA ARG A 402 -16.77 12.78 1.74
C ARG A 402 -15.33 13.28 1.70
N ALA A 403 -15.13 14.45 1.09
CA ALA A 403 -13.79 15.02 1.00
C ALA A 403 -13.35 15.51 2.37
N ARG A 404 -14.22 16.28 3.02
CA ARG A 404 -13.87 16.79 4.32
C ARG A 404 -13.96 15.72 5.38
N ASN A 405 -13.85 14.48 4.95
CA ASN A 405 -13.89 13.39 5.92
C ASN A 405 -12.64 12.54 5.77
N GLY A 406 -11.85 12.81 4.75
CA GLY A 406 -10.64 12.02 4.61
C GLY A 406 -9.70 12.48 3.52
N LEU A 407 -10.17 13.41 2.71
CA LEU A 407 -9.35 13.89 1.62
C LEU A 407 -8.58 15.12 2.03
N VAL A 408 -9.26 16.02 2.73
CA VAL A 408 -8.63 17.26 3.18
C VAL A 408 -8.78 17.48 4.70
N SER A 409 -9.45 16.54 5.35
CA SER A 409 -9.66 16.58 6.79
C SER A 409 -8.33 16.37 7.50
N ASP A 410 -8.27 16.71 8.79
CA ASP A 410 -7.04 16.52 9.56
C ASP A 410 -6.54 15.09 9.44
N PHE A 411 -5.23 14.92 9.25
CA PHE A 411 -4.62 13.60 9.15
C PHE A 411 -5.22 12.85 7.98
N GLY A 412 -5.72 13.59 7.00
CA GLY A 412 -6.31 12.96 5.83
C GLY A 412 -5.31 12.77 4.70
N ILE A 413 -5.81 12.71 3.49
CA ILE A 413 -4.93 12.50 2.35
C ILE A 413 -3.89 13.55 2.11
N PHE A 414 -4.26 14.81 2.18
CA PHE A 414 -3.27 15.84 1.94
C PHE A 414 -2.12 15.71 2.90
N ASP A 415 -2.45 15.58 4.17
CA ASP A 415 -1.49 15.47 5.25
C ASP A 415 -0.50 14.33 5.03
N GLN A 416 -0.96 13.27 4.36
CA GLN A 416 -0.17 12.07 4.10
C GLN A 416 0.87 12.16 2.99
N ILE A 417 0.58 12.90 1.94
CA ILE A 417 1.54 13.04 0.84
C ILE A 417 1.73 14.44 0.28
N MET A 418 0.74 15.29 0.45
CA MET A 418 0.83 16.64 -0.09
C MET A 418 1.69 17.59 0.75
N SER A 419 2.54 18.35 0.08
CA SER A 419 3.42 19.30 0.75
C SER A 419 2.66 20.43 1.39
N THR A 420 1.43 20.70 0.94
CA THR A 420 0.65 21.77 1.55
C THR A 420 -0.18 21.27 2.70
N GLY A 421 -0.49 19.98 2.66
CA GLY A 421 -1.29 19.41 3.73
C GLY A 421 -0.67 19.65 5.10
N GLY A 422 -1.49 19.46 6.12
CA GLY A 422 -1.04 19.60 7.49
C GLY A 422 -1.07 21.02 8.02
N GLY A 423 -2.06 21.81 7.59
CA GLY A 423 -2.16 23.17 8.08
C GLY A 423 -2.03 24.22 7.01
N GLY A 424 -0.92 24.18 6.28
CA GLY A 424 -0.68 25.14 5.22
C GLY A 424 -1.74 25.12 4.15
N HIS A 425 -2.38 23.97 3.93
CA HIS A 425 -3.40 23.92 2.91
C HIS A 425 -4.55 24.80 3.31
N VAL A 426 -4.90 24.81 4.60
CA VAL A 426 -6.01 25.64 5.05
C VAL A 426 -5.60 27.10 4.97
N GLN A 427 -4.34 27.37 5.31
CA GLN A 427 -3.80 28.72 5.23
C GLN A 427 -3.91 29.23 3.81
N LEU A 428 -3.58 28.36 2.85
CA LEU A 428 -3.62 28.75 1.45
C LEU A 428 -5.04 28.85 0.94
N LEU A 429 -5.89 27.99 1.47
CA LEU A 429 -7.27 27.97 1.07
C LEU A 429 -8.08 29.12 1.69
N GLN A 430 -7.74 29.54 2.90
CA GLN A 430 -8.48 30.62 3.56
C GLN A 430 -8.12 31.96 2.95
N GLN A 431 -6.84 32.14 2.68
CA GLN A 431 -6.36 33.38 2.09
C GLN A 431 -6.69 33.49 0.64
N ALA A 432 -7.13 32.39 0.04
CA ALA A 432 -7.50 32.40 -1.36
C ALA A 432 -8.94 32.88 -1.60
N GLY A 433 -9.61 33.32 -0.55
CA GLY A 433 -10.97 33.79 -0.71
C GLY A 433 -10.93 35.11 -1.45
N ALA A 434 -9.93 35.93 -1.17
CA ALA A 434 -9.84 37.24 -1.82
C ALA A 434 -9.76 37.15 -3.34
N PHE A 435 -9.16 36.08 -3.84
CA PHE A 435 -9.01 35.92 -5.29
C PHE A 435 -10.28 35.45 -5.97
N LEU A 436 -11.31 35.20 -5.18
CA LEU A 436 -12.54 34.72 -5.77
C LEU A 436 -13.40 35.87 -6.24
N THR A 437 -13.16 36.30 -7.48
CA THR A 437 -13.93 37.40 -8.04
C THR A 437 -14.94 36.93 -9.07
N TYR A 438 -16.04 37.65 -9.12
CA TYR A 438 -17.12 37.35 -10.04
C TYR A 438 -16.62 37.21 -11.47
N ARG A 439 -15.75 38.11 -11.91
CA ARG A 439 -15.23 38.06 -13.28
C ARG A 439 -14.38 36.82 -13.58
N SER A 440 -13.67 36.31 -12.59
CA SER A 440 -12.82 35.13 -12.80
C SER A 440 -13.61 33.86 -13.08
N PHE A 441 -14.90 33.88 -12.76
CA PHE A 441 -15.77 32.72 -12.99
C PHE A 441 -16.53 32.82 -14.33
N CYS A 442 -16.28 33.92 -15.03
CA CYS A 442 -16.93 34.18 -16.30
C CYS A 442 -15.88 34.34 -17.39
N PRO A 443 -15.78 33.36 -18.27
CA PRO A 443 -14.86 33.33 -19.38
C PRO A 443 -14.77 34.64 -20.18
N PRO A 444 -15.92 35.21 -20.59
CA PRO A 444 -15.87 36.47 -21.36
C PRO A 444 -15.15 37.57 -20.62
N ASP A 445 -15.05 37.44 -19.30
CA ASP A 445 -14.42 38.47 -18.51
C ASP A 445 -13.10 37.97 -17.95
N ASP A 446 -13.01 36.66 -17.73
CA ASP A 446 -11.79 36.12 -17.19
C ASP A 446 -10.65 36.25 -18.19
N LEU A 447 -10.81 35.63 -19.36
CA LEU A 447 -9.78 35.69 -20.39
C LEU A 447 -9.57 37.10 -20.88
N ALA A 448 -10.51 37.98 -20.56
CA ALA A 448 -10.42 39.36 -20.96
C ALA A 448 -9.40 40.05 -20.07
N ASP A 449 -9.62 39.95 -18.76
CA ASP A 449 -8.72 40.56 -17.83
C ASP A 449 -7.34 39.94 -17.87
N ARG A 450 -7.27 38.66 -18.19
CA ARG A 450 -5.98 37.98 -18.28
C ARG A 450 -5.29 38.23 -19.63
N GLY A 451 -6.06 38.25 -20.70
CA GLY A 451 -5.47 38.52 -22.01
C GLY A 451 -5.27 37.31 -22.88
N LEU A 452 -6.13 36.32 -22.68
CA LEU A 452 -6.04 35.08 -23.45
C LEU A 452 -7.09 34.96 -24.56
N LEU A 453 -7.81 36.03 -24.82
CA LEU A 453 -8.82 36.06 -25.88
C LEU A 453 -8.07 36.12 -27.21
N GLY A 454 -8.51 35.32 -28.17
CA GLY A 454 -7.86 35.33 -29.48
C GLY A 454 -6.62 34.45 -29.59
N VAL A 455 -6.07 34.06 -28.45
CA VAL A 455 -4.90 33.21 -28.43
C VAL A 455 -5.26 31.81 -28.96
N GLU A 456 -4.99 31.57 -30.24
CA GLU A 456 -5.30 30.29 -30.86
C GLU A 456 -4.61 29.10 -30.23
N SER A 457 -3.51 29.36 -29.54
CA SER A 457 -2.73 28.31 -28.87
C SER A 457 -3.45 27.83 -27.62
N SER A 458 -4.32 28.68 -27.08
CA SER A 458 -5.08 28.36 -25.88
C SER A 458 -6.43 27.80 -26.21
N PHE A 459 -6.52 26.48 -26.29
CA PHE A 459 -7.76 25.84 -26.63
C PHE A 459 -8.75 25.96 -25.49
N TYR A 460 -8.25 26.14 -24.28
CA TYR A 460 -9.14 26.26 -23.14
C TYR A 460 -10.00 27.51 -23.23
N ALA A 461 -9.35 28.62 -23.53
CA ALA A 461 -10.03 29.90 -23.66
C ALA A 461 -11.09 29.81 -24.75
N GLN A 462 -10.74 29.19 -25.87
CA GLN A 462 -11.69 29.06 -26.96
C GLN A 462 -12.94 28.27 -26.52
N ASP A 463 -12.70 27.07 -26.02
CA ASP A 463 -13.77 26.18 -25.55
C ASP A 463 -14.57 26.71 -24.40
N ALA A 464 -13.93 27.53 -23.60
CA ALA A 464 -14.59 28.11 -22.45
C ALA A 464 -15.54 29.16 -22.96
N LEU A 465 -15.12 29.89 -23.97
CA LEU A 465 -15.96 30.93 -24.54
C LEU A 465 -17.17 30.34 -25.23
N ARG A 466 -16.91 29.42 -26.15
CA ARG A 466 -17.98 28.78 -26.90
C ARG A 466 -19.05 28.16 -26.00
N LEU A 467 -18.59 27.46 -24.98
CA LEU A 467 -19.49 26.82 -24.04
C LEU A 467 -20.33 27.82 -23.26
N TRP A 468 -19.71 28.91 -22.84
CA TRP A 468 -20.42 29.93 -22.10
C TRP A 468 -21.55 30.57 -22.91
N GLU A 469 -21.32 30.78 -24.20
CA GLU A 469 -22.33 31.36 -25.08
C GLU A 469 -23.56 30.46 -25.17
N ILE A 470 -23.33 29.17 -25.26
CA ILE A 470 -24.40 28.20 -25.35
C ILE A 470 -25.26 28.23 -24.09
N ILE A 471 -24.59 28.18 -22.96
CA ILE A 471 -25.26 28.18 -21.66
C ILE A 471 -26.02 29.46 -21.45
N SER A 472 -25.35 30.54 -21.81
CA SER A 472 -25.92 31.87 -21.66
C SER A 472 -27.28 31.97 -22.33
N ARG A 473 -27.33 31.47 -23.55
CA ARG A 473 -28.55 31.49 -24.32
C ARG A 473 -29.63 30.62 -23.73
N TYR A 474 -29.22 29.49 -23.16
CA TYR A 474 -30.16 28.55 -22.55
C TYR A 474 -30.83 29.17 -21.34
N VAL A 475 -30.07 29.93 -20.56
CA VAL A 475 -30.58 30.60 -19.38
C VAL A 475 -31.44 31.78 -19.79
N GLN A 476 -30.96 32.48 -20.80
CA GLN A 476 -31.69 33.61 -21.32
C GLN A 476 -33.01 33.07 -21.84
N GLY A 477 -32.91 31.91 -22.48
CA GLY A 477 -34.09 31.28 -23.02
C GLY A 477 -35.09 30.91 -21.95
N ILE A 478 -34.61 30.41 -20.84
CA ILE A 478 -35.53 30.01 -19.79
C ILE A 478 -36.06 31.20 -19.02
N MET A 479 -35.14 32.07 -18.61
CA MET A 479 -35.51 33.26 -17.88
C MET A 479 -36.47 34.15 -18.70
N GLY A 480 -36.31 34.15 -20.02
CA GLY A 480 -37.17 34.98 -20.87
C GLY A 480 -38.63 34.59 -20.82
N LEU A 481 -38.88 33.30 -20.61
CA LEU A 481 -40.24 32.79 -20.52
C LEU A 481 -40.92 33.17 -19.22
N TYR A 482 -40.14 33.59 -18.24
CA TYR A 482 -40.70 33.95 -16.94
C TYR A 482 -40.44 35.36 -16.51
N TYR A 483 -39.45 35.99 -17.11
CA TYR A 483 -39.13 37.36 -16.78
C TYR A 483 -39.11 38.17 -18.07
N LYS A 484 -40.16 38.95 -18.26
CA LYS A 484 -40.31 39.75 -19.47
C LYS A 484 -39.84 41.19 -19.27
N THR A 485 -39.86 41.64 -18.03
CA THR A 485 -39.43 42.99 -17.75
C THR A 485 -38.39 42.94 -16.65
N ASP A 486 -37.62 44.00 -16.55
CA ASP A 486 -36.59 44.13 -15.53
C ASP A 486 -37.23 44.34 -14.18
N GLU A 487 -38.44 44.90 -14.16
CA GLU A 487 -39.11 45.12 -12.89
C GLU A 487 -39.47 43.77 -12.27
N ALA A 488 -39.66 42.75 -13.11
CA ALA A 488 -40.02 41.42 -12.64
C ALA A 488 -38.90 40.82 -11.81
N VAL A 489 -37.69 41.02 -12.30
CA VAL A 489 -36.51 40.51 -11.64
C VAL A 489 -36.24 41.34 -10.41
N ARG A 490 -36.39 42.65 -10.59
CA ARG A 490 -36.17 43.62 -9.53
C ARG A 490 -37.06 43.43 -8.31
N ASP A 491 -38.32 43.08 -8.56
CA ASP A 491 -39.25 42.89 -7.46
C ASP A 491 -39.43 41.43 -7.05
N ASP A 492 -38.53 40.54 -7.47
CA ASP A 492 -38.63 39.14 -7.08
C ASP A 492 -37.91 38.90 -5.74
N LEU A 493 -38.65 39.07 -4.65
CA LEU A 493 -38.08 38.89 -3.33
C LEU A 493 -37.30 37.59 -3.15
N GLU A 494 -37.82 36.48 -3.69
CA GLU A 494 -37.13 35.20 -3.53
C GLU A 494 -35.83 35.21 -4.30
N LEU A 495 -35.88 35.72 -5.51
CA LEU A 495 -34.71 35.77 -6.33
C LEU A 495 -33.67 36.63 -5.59
N GLN A 496 -34.14 37.76 -5.04
CA GLN A 496 -33.26 38.68 -4.32
C GLN A 496 -32.64 38.09 -3.06
N SER A 497 -33.35 37.18 -2.40
CA SER A 497 -32.80 36.56 -1.19
C SER A 497 -31.78 35.50 -1.58
N TRP A 498 -32.01 34.87 -2.72
CA TRP A 498 -31.12 33.85 -3.23
C TRP A 498 -29.79 34.55 -3.49
N CYS A 499 -29.85 35.64 -4.24
CA CYS A 499 -28.63 36.36 -4.54
C CYS A 499 -27.98 36.91 -3.28
N ARG A 500 -28.78 37.12 -2.25
CA ARG A 500 -28.29 37.65 -0.98
C ARG A 500 -27.56 36.52 -0.26
N GLU A 501 -28.18 35.35 -0.27
CA GLU A 501 -27.63 34.20 0.42
C GLU A 501 -26.23 33.83 -0.08
N ILE A 502 -25.99 34.12 -1.36
CA ILE A 502 -24.72 33.82 -2.02
C ILE A 502 -23.62 34.86 -1.76
N THR A 503 -23.83 36.05 -2.31
CA THR A 503 -22.89 37.14 -2.19
C THR A 503 -22.55 37.60 -0.78
N GLU A 504 -23.57 37.72 0.05
CA GLU A 504 -23.38 38.20 1.40
C GLU A 504 -23.12 37.12 2.43
N ILE A 505 -24.02 36.12 2.47
CA ILE A 505 -23.90 35.04 3.45
C ILE A 505 -22.88 33.97 3.05
N GLY A 506 -23.25 33.12 2.11
CA GLY A 506 -22.33 32.08 1.69
C GLY A 506 -20.89 32.50 1.48
N LEU A 507 -20.65 33.38 0.51
CA LEU A 507 -19.30 33.83 0.20
C LEU A 507 -18.68 34.85 1.11
N GLN A 508 -19.29 35.08 2.28
CA GLN A 508 -18.78 36.03 3.25
C GLN A 508 -18.33 37.35 2.63
N GLY A 509 -19.29 38.17 2.20
CA GLY A 509 -18.99 39.48 1.64
C GLY A 509 -18.27 39.53 0.31
N ALA A 510 -18.84 38.87 -0.69
CA ALA A 510 -18.24 38.81 -2.03
C ALA A 510 -18.51 40.04 -2.90
N GLN A 511 -19.27 41.01 -2.37
CA GLN A 511 -19.58 42.22 -3.13
C GLN A 511 -18.28 43.01 -3.38
N LYS A 512 -17.33 42.89 -2.47
CA LYS A 512 -16.06 43.60 -2.56
C LYS A 512 -15.17 43.04 -3.66
N GLN A 513 -15.52 41.83 -4.11
CA GLN A 513 -14.78 41.16 -5.18
C GLN A 513 -15.42 41.33 -6.55
N GLY A 514 -16.73 41.48 -6.59
CA GLY A 514 -17.35 41.67 -7.88
C GLY A 514 -18.72 41.07 -7.96
N PHE A 515 -19.05 40.24 -6.99
CA PHE A 515 -20.36 39.61 -7.00
C PHE A 515 -21.44 40.61 -6.67
N PRO A 516 -22.57 40.56 -7.39
CA PRO A 516 -23.68 41.49 -7.14
C PRO A 516 -24.47 41.17 -5.88
N THR A 517 -25.00 42.20 -5.23
CA THR A 517 -25.79 42.04 -4.00
C THR A 517 -27.28 41.93 -4.34
N SER A 518 -27.63 42.43 -5.51
CA SER A 518 -29.01 42.38 -5.96
C SER A 518 -29.01 42.33 -7.47
N LEU A 519 -29.94 41.59 -8.03
CA LEU A 519 -30.09 41.46 -9.47
C LEU A 519 -31.29 42.28 -9.88
N GLN A 520 -31.01 43.48 -10.38
CA GLN A 520 -32.04 44.41 -10.79
C GLN A 520 -32.47 44.30 -12.24
N SER A 521 -31.62 43.74 -13.09
CA SER A 521 -31.97 43.63 -14.48
C SER A 521 -32.19 42.19 -14.85
N VAL A 522 -32.62 41.99 -16.08
CA VAL A 522 -32.85 40.66 -16.60
C VAL A 522 -31.56 40.10 -17.19
N ALA A 523 -30.81 40.95 -17.88
CA ALA A 523 -29.59 40.48 -18.48
C ALA A 523 -28.55 40.21 -17.40
N GLN A 524 -28.67 40.91 -16.28
CA GLN A 524 -27.72 40.75 -15.19
C GLN A 524 -28.00 39.44 -14.49
N ALA A 525 -29.28 39.14 -14.36
CA ALA A 525 -29.71 37.91 -13.71
C ALA A 525 -29.23 36.73 -14.54
N CYS A 526 -29.45 36.80 -15.85
CA CYS A 526 -29.04 35.72 -16.77
C CYS A 526 -27.55 35.44 -16.72
N HIS A 527 -26.78 36.48 -16.44
CA HIS A 527 -25.33 36.37 -16.37
C HIS A 527 -24.94 35.70 -15.06
N PHE A 528 -25.71 35.98 -14.02
CA PHE A 528 -25.44 35.39 -12.71
C PHE A 528 -25.73 33.90 -12.69
N VAL A 529 -26.87 33.52 -13.26
CA VAL A 529 -27.23 32.12 -13.27
C VAL A 529 -26.29 31.34 -14.15
N THR A 530 -25.82 31.99 -15.21
CA THR A 530 -24.92 31.29 -16.11
C THR A 530 -23.60 31.09 -15.41
N MET A 531 -23.25 32.07 -14.61
CA MET A 531 -22.03 31.99 -13.86
C MET A 531 -22.16 30.79 -12.92
N CYS A 532 -23.33 30.60 -12.34
CA CYS A 532 -23.55 29.49 -11.43
C CYS A 532 -23.49 28.18 -12.17
N ILE A 533 -24.27 28.08 -13.23
CA ILE A 533 -24.30 26.88 -14.02
C ILE A 533 -22.91 26.52 -14.52
N PHE A 534 -22.14 27.51 -14.96
CA PHE A 534 -20.82 27.24 -15.48
C PHE A 534 -19.84 26.77 -14.41
N THR A 535 -20.01 27.26 -13.20
CA THR A 535 -19.09 26.85 -12.15
C THR A 535 -19.30 25.37 -11.82
N CYS A 536 -20.55 24.92 -11.81
CA CYS A 536 -20.86 23.53 -11.47
C CYS A 536 -20.67 22.55 -12.61
N THR A 537 -20.28 23.06 -13.77
CA THR A 537 -20.04 22.20 -14.94
C THR A 537 -18.69 22.52 -15.57
N GLY A 538 -18.67 23.48 -16.49
CA GLY A 538 -17.40 23.86 -17.11
C GLY A 538 -16.25 24.20 -16.18
N GLN A 539 -16.44 25.10 -15.22
CA GLN A 539 -15.34 25.49 -14.33
C GLN A 539 -14.71 24.27 -13.66
N HIS A 540 -15.55 23.33 -13.19
CA HIS A 540 -15.05 22.10 -12.53
C HIS A 540 -14.45 21.08 -13.49
N SER A 541 -15.13 20.82 -14.60
CA SER A 541 -14.62 19.82 -15.51
C SER A 541 -13.32 20.25 -16.21
N SER A 542 -13.19 21.53 -16.51
CA SER A 542 -11.98 22.00 -17.17
C SER A 542 -10.79 21.78 -16.25
N ILE A 543 -11.02 21.62 -14.96
CA ILE A 543 -9.93 21.44 -13.99
C ILE A 543 -9.73 20.05 -13.46
N HIS A 544 -10.84 19.34 -13.35
CA HIS A 544 -10.87 17.98 -12.86
C HIS A 544 -10.36 16.93 -13.87
N LEU A 545 -10.91 17.00 -15.08
CA LEU A 545 -10.60 16.05 -16.13
C LEU A 545 -9.14 15.84 -16.55
N GLY A 546 -8.28 16.85 -16.38
CA GLY A 546 -6.88 16.71 -16.78
C GLY A 546 -5.97 16.03 -15.79
N GLN A 547 -6.50 15.69 -14.63
CA GLN A 547 -5.74 15.03 -13.60
C GLN A 547 -5.17 13.72 -14.06
N LEU A 548 -5.99 12.88 -14.68
CA LEU A 548 -5.51 11.59 -15.14
C LEU A 548 -4.39 11.71 -16.16
N ASP A 549 -4.24 12.85 -16.83
CA ASP A 549 -3.20 12.99 -17.85
C ASP A 549 -1.89 13.61 -17.41
N TRP A 550 -1.98 14.69 -16.66
CA TRP A 550 -0.79 15.40 -16.25
C TRP A 550 -0.24 15.14 -14.87
N PHE A 551 -1.09 14.75 -13.94
CA PHE A 551 -0.63 14.50 -12.60
C PHE A 551 -0.29 13.03 -12.30
N THR A 552 -0.33 12.16 -13.31
CA THR A 552 -0.02 10.76 -13.11
C THR A 552 1.47 10.49 -13.12
N TRP A 553 2.18 11.18 -14.00
CA TRP A 553 3.64 11.06 -14.10
C TRP A 553 4.20 11.95 -13.01
N VAL A 554 4.59 11.36 -11.90
CA VAL A 554 5.07 12.17 -10.79
C VAL A 554 6.04 13.30 -11.11
N PRO A 555 7.09 13.05 -11.92
CA PRO A 555 8.06 14.09 -12.27
C PRO A 555 7.41 15.34 -12.86
N ASN A 556 6.22 15.16 -13.43
CA ASN A 556 5.56 16.31 -14.00
C ASN A 556 4.63 16.99 -12.99
N ALA A 557 4.43 16.37 -11.85
CA ALA A 557 3.54 16.96 -10.85
C ALA A 557 3.79 16.33 -9.50
N PRO A 558 4.90 16.72 -8.84
CA PRO A 558 5.29 16.21 -7.53
C PRO A 558 4.36 16.68 -6.46
N CYS A 559 3.88 15.74 -5.66
CA CYS A 559 2.94 16.03 -4.58
C CYS A 559 3.66 16.69 -3.40
N THR A 560 4.97 16.49 -3.32
CA THR A 560 5.78 17.06 -2.26
C THR A 560 7.24 17.07 -2.72
N MET A 561 8.08 17.80 -1.99
CA MET A 561 9.51 17.96 -2.30
C MET A 561 10.30 17.78 -1.03
N ARG A 562 11.20 16.82 -1.05
CA ARG A 562 11.99 16.47 0.10
C ARG A 562 13.15 17.38 0.43
N LEU A 563 13.56 18.20 -0.53
CA LEU A 563 14.65 19.14 -0.28
C LEU A 563 14.12 20.54 -0.52
N PRO A 564 14.76 21.55 0.07
CA PRO A 564 14.28 22.92 -0.13
C PRO A 564 14.66 23.38 -1.52
N PRO A 565 13.95 24.38 -2.07
CA PRO A 565 14.25 24.89 -3.41
C PRO A 565 15.66 25.51 -3.48
N PRO A 566 16.45 25.17 -4.50
CA PRO A 566 17.82 25.67 -4.69
C PRO A 566 18.07 27.19 -4.70
N THR A 567 19.11 27.60 -3.98
CA THR A 567 19.46 29.00 -3.88
C THR A 567 20.68 29.31 -4.74
N THR A 568 21.34 28.25 -5.19
CA THR A 568 22.52 28.36 -6.04
C THR A 568 22.29 27.59 -7.35
N LYS A 569 23.19 27.77 -8.29
CA LYS A 569 23.05 27.09 -9.55
C LYS A 569 24.04 25.95 -9.67
N ASP A 570 23.93 24.99 -8.77
CA ASP A 570 24.84 23.86 -8.81
C ASP A 570 24.11 22.58 -8.45
N ALA A 571 23.05 22.28 -9.20
CA ALA A 571 22.27 21.08 -8.97
C ALA A 571 22.84 19.90 -9.74
N THR A 572 22.74 18.71 -9.14
CA THR A 572 23.25 17.51 -9.79
C THR A 572 22.18 16.45 -9.95
N LEU A 573 22.53 15.39 -10.67
CA LEU A 573 21.61 14.30 -10.91
C LEU A 573 21.05 13.81 -9.59
N GLU A 574 21.92 13.63 -8.60
CA GLU A 574 21.46 13.15 -7.30
C GLU A 574 20.57 14.11 -6.55
N THR A 575 20.87 15.41 -6.63
CA THR A 575 20.04 16.36 -5.92
C THR A 575 18.65 16.43 -6.49
N VAL A 576 18.54 16.32 -7.80
CA VAL A 576 17.21 16.38 -8.37
C VAL A 576 16.42 15.20 -7.84
N MET A 577 17.06 14.04 -7.81
CA MET A 577 16.42 12.84 -7.31
C MET A 577 16.05 12.96 -5.84
N ALA A 578 16.96 13.53 -5.06
CA ALA A 578 16.72 13.72 -3.64
C ALA A 578 15.60 14.71 -3.38
N THR A 579 15.47 15.72 -4.24
CA THR A 579 14.43 16.70 -4.03
C THR A 579 13.10 16.07 -4.36
N LEU A 580 13.02 15.40 -5.51
CA LEU A 580 11.79 14.75 -5.92
C LEU A 580 11.39 13.69 -4.92
N PRO A 581 10.11 13.27 -4.95
CA PRO A 581 9.55 12.25 -4.06
C PRO A 581 10.24 10.90 -4.24
N ASN A 582 10.29 10.10 -3.20
CA ASN A 582 10.89 8.79 -3.33
C ASN A 582 9.82 7.81 -3.74
N LEU A 583 10.22 6.55 -3.86
CA LEU A 583 9.31 5.49 -4.28
C LEU A 583 8.17 5.38 -3.29
N HIS A 584 8.45 5.69 -2.05
CA HIS A 584 7.44 5.60 -1.02
C HIS A 584 6.32 6.62 -1.30
N GLN A 585 6.69 7.87 -1.53
CA GLN A 585 5.73 8.94 -1.75
C GLN A 585 5.09 9.03 -3.12
N SER A 586 5.90 8.80 -4.14
CA SER A 586 5.42 8.85 -5.51
C SER A 586 4.34 7.82 -5.77
N SER A 587 4.55 6.59 -5.28
CA SER A 587 3.57 5.53 -5.51
C SER A 587 2.24 5.83 -4.87
N LEU A 588 2.27 6.46 -3.71
CA LEU A 588 1.04 6.80 -3.01
C LEU A 588 0.31 7.90 -3.76
N GLN A 589 1.10 8.78 -4.34
CA GLN A 589 0.57 9.89 -5.10
C GLN A 589 -0.28 9.38 -6.23
N MET A 590 0.32 8.51 -7.03
CA MET A 590 -0.36 7.94 -8.18
C MET A 590 -1.64 7.24 -7.80
N SER A 591 -1.65 6.58 -6.66
CA SER A 591 -2.83 5.88 -6.21
C SER A 591 -3.87 6.91 -5.76
N ILE A 592 -3.42 8.10 -5.44
CA ILE A 592 -4.33 9.15 -4.98
C ILE A 592 -4.81 10.12 -6.03
N VAL A 593 -4.11 10.17 -7.14
CA VAL A 593 -4.48 11.04 -8.24
C VAL A 593 -5.71 10.40 -8.88
N TRP A 594 -5.88 9.11 -8.59
CA TRP A 594 -6.99 8.35 -9.14
C TRP A 594 -8.27 8.69 -8.36
N GLN A 595 -8.07 9.08 -7.12
CA GLN A 595 -9.18 9.45 -6.26
C GLN A 595 -9.73 10.83 -6.65
N LEU A 596 -8.86 11.85 -6.64
CA LEU A 596 -9.29 13.23 -6.98
C LEU A 596 -9.70 13.44 -8.42
N GLY A 597 -9.40 12.46 -9.27
CA GLY A 597 -9.75 12.57 -10.66
C GLY A 597 -9.83 11.21 -11.31
N ARG A 598 -11.01 10.86 -11.78
CA ARG A 598 -11.19 9.56 -12.40
C ARG A 598 -12.54 9.56 -13.07
N ASP A 599 -12.88 8.42 -13.66
CA ASP A 599 -14.16 8.26 -14.35
C ASP A 599 -15.18 7.66 -13.39
N GLN A 600 -16.33 8.30 -13.33
CA GLN A 600 -17.38 7.88 -12.43
C GLN A 600 -18.21 6.69 -12.99
N PRO A 601 -18.59 5.73 -12.12
CA PRO A 601 -19.38 4.56 -12.49
C PRO A 601 -20.56 4.96 -13.36
N ILE A 602 -21.41 5.84 -12.87
CA ILE A 602 -22.51 6.34 -13.68
C ILE A 602 -22.33 7.85 -13.72
N MET A 603 -22.25 8.37 -14.95
CA MET A 603 -22.05 9.78 -15.22
C MET A 603 -23.16 10.37 -16.12
N VAL A 604 -23.61 11.59 -15.77
CA VAL A 604 -24.64 12.38 -16.48
C VAL A 604 -23.97 13.54 -17.20
N PRO A 605 -23.87 13.48 -18.54
CA PRO A 605 -23.25 14.52 -19.37
C PRO A 605 -23.96 15.84 -19.28
N LEU A 606 -23.19 16.90 -19.50
CA LEU A 606 -23.75 18.24 -19.43
C LEU A 606 -25.06 18.42 -20.21
N GLY A 607 -26.05 18.98 -19.53
CA GLY A 607 -27.35 19.22 -20.14
C GLY A 607 -28.16 17.97 -20.43
N GLN A 608 -27.61 16.81 -20.10
CA GLN A 608 -28.33 15.60 -20.39
C GLN A 608 -28.99 14.93 -19.20
N HIS A 609 -29.57 15.70 -18.31
CA HIS A 609 -30.23 15.14 -17.13
C HIS A 609 -31.60 14.56 -17.40
N GLN A 610 -31.98 13.51 -16.66
CA GLN A 610 -33.27 12.89 -16.88
C GLN A 610 -34.44 13.51 -16.10
N GLU A 611 -34.18 14.04 -14.92
CA GLU A 611 -35.25 14.64 -14.13
C GLU A 611 -35.98 15.77 -14.88
N GLU A 612 -37.28 15.64 -15.13
CA GLU A 612 -37.97 16.73 -15.81
C GLU A 612 -38.77 17.58 -14.81
N TYR A 613 -38.38 18.84 -14.66
CA TYR A 613 -39.03 19.77 -13.71
C TYR A 613 -40.03 20.71 -14.35
N PHE A 614 -39.91 20.94 -15.65
CA PHE A 614 -40.84 21.81 -16.31
C PHE A 614 -41.90 20.95 -16.99
N SER A 615 -43.09 21.51 -17.14
CA SER A 615 -44.14 20.76 -17.79
C SER A 615 -44.47 21.34 -19.16
N GLY A 616 -44.39 22.65 -19.31
CA GLY A 616 -44.71 23.25 -20.59
C GLY A 616 -43.90 22.77 -21.80
N PRO A 617 -44.34 23.08 -23.02
CA PRO A 617 -43.55 22.65 -24.17
C PRO A 617 -42.54 23.73 -24.50
N GLU A 618 -42.78 24.95 -24.04
CA GLU A 618 -41.83 26.04 -24.31
C GLU A 618 -40.53 25.86 -23.55
N PRO A 619 -40.61 25.49 -22.26
CA PRO A 619 -39.36 25.32 -21.54
C PRO A 619 -38.53 24.21 -22.14
N ARG A 620 -39.24 23.19 -22.61
CA ARG A 620 -38.64 22.03 -23.23
C ARG A 620 -37.93 22.40 -24.52
N ALA A 621 -38.55 23.28 -25.29
CA ALA A 621 -37.96 23.70 -26.53
C ALA A 621 -36.61 24.32 -26.27
N VAL A 622 -36.53 25.11 -25.19
CA VAL A 622 -35.27 25.76 -24.83
C VAL A 622 -34.22 24.74 -24.42
N LEU A 623 -34.70 23.74 -23.69
CA LEU A 623 -33.83 22.66 -23.25
C LEU A 623 -33.31 21.85 -24.43
N GLU A 624 -34.15 21.64 -25.43
CA GLU A 624 -33.77 20.87 -26.59
C GLU A 624 -32.78 21.60 -27.47
N LYS A 625 -32.91 22.91 -27.53
CA LYS A 625 -32.02 23.74 -28.34
C LYS A 625 -30.61 23.68 -27.71
N PHE A 626 -30.59 23.77 -26.39
CA PHE A 626 -29.37 23.72 -25.59
C PHE A 626 -28.64 22.40 -25.90
N ARG A 627 -29.36 21.30 -25.84
CA ARG A 627 -28.77 19.97 -26.11
C ARG A 627 -28.29 19.86 -27.53
N GLU A 628 -28.93 20.64 -28.41
CA GLU A 628 -28.61 20.64 -29.84
C GLU A 628 -27.28 21.32 -30.08
N GLU A 629 -27.13 22.49 -29.48
CA GLU A 629 -25.90 23.25 -29.66
C GLU A 629 -24.70 22.57 -29.03
N LEU A 630 -24.95 21.80 -27.97
CA LEU A 630 -23.90 21.08 -27.28
C LEU A 630 -23.43 19.92 -28.12
N ALA A 631 -24.37 19.19 -28.68
CA ALA A 631 -24.03 18.06 -29.51
C ALA A 631 -23.12 18.44 -30.65
N ILE A 632 -23.46 19.53 -31.34
CA ILE A 632 -22.67 19.97 -32.48
C ILE A 632 -21.30 20.48 -32.06
N MET A 633 -21.17 20.89 -30.80
CA MET A 633 -19.88 21.38 -30.28
C MET A 633 -18.98 20.19 -30.01
N ASP A 634 -19.57 19.18 -29.41
CA ASP A 634 -18.87 17.96 -29.08
C ASP A 634 -18.32 17.26 -30.31
N LYS A 635 -19.00 17.42 -31.44
CA LYS A 635 -18.55 16.78 -32.67
C LYS A 635 -17.47 17.62 -33.35
N GLU A 636 -17.71 18.92 -33.42
CA GLU A 636 -16.74 19.80 -34.02
C GLU A 636 -15.41 19.77 -33.30
N ILE A 637 -15.46 19.79 -31.97
CA ILE A 637 -14.22 19.73 -31.20
C ILE A 637 -13.54 18.40 -31.48
N GLU A 638 -14.31 17.35 -31.62
CA GLU A 638 -13.72 16.05 -31.87
C GLU A 638 -12.92 16.07 -33.19
N VAL A 639 -13.48 16.73 -34.20
CA VAL A 639 -12.83 16.81 -35.51
C VAL A 639 -11.60 17.71 -35.52
N ARG A 640 -11.67 18.76 -34.70
CA ARG A 640 -10.60 19.71 -34.55
C ARG A 640 -9.37 19.05 -33.93
N ASN A 641 -9.61 18.20 -32.94
CA ASN A 641 -8.55 17.51 -32.24
C ASN A 641 -7.80 16.52 -33.07
N GLU A 642 -8.37 16.16 -34.22
CA GLU A 642 -7.73 15.20 -35.10
C GLU A 642 -6.44 15.74 -35.67
N LYS A 643 -6.49 17.03 -36.00
CA LYS A 643 -5.34 17.73 -36.56
C LYS A 643 -4.32 18.10 -35.47
N LEU A 644 -4.82 18.18 -34.22
CA LEU A 644 -4.03 18.52 -33.03
C LEU A 644 -3.10 17.39 -32.57
N ASP A 645 -1.89 17.73 -32.17
CA ASP A 645 -0.91 16.72 -31.71
C ASP A 645 -1.31 16.33 -30.28
N ILE A 646 -1.69 17.31 -29.47
CA ILE A 646 -2.15 17.04 -28.14
C ILE A 646 -3.59 17.56 -28.10
N PRO A 647 -4.57 16.66 -28.24
CA PRO A 647 -5.99 16.98 -28.23
C PRO A 647 -6.52 17.46 -26.89
N TYR A 648 -7.11 18.65 -26.92
CA TYR A 648 -7.72 19.28 -25.77
C TYR A 648 -9.18 18.91 -25.69
N GLU A 649 -9.59 18.21 -24.66
CA GLU A 649 -10.98 17.84 -24.66
C GLU A 649 -11.70 18.04 -23.34
N TYR A 650 -11.09 18.77 -22.43
CA TYR A 650 -11.68 18.93 -21.11
C TYR A 650 -12.99 19.70 -21.04
N LEU A 651 -13.43 20.25 -22.17
CA LEU A 651 -14.66 21.02 -22.21
C LEU A 651 -15.70 20.47 -23.21
N ARG A 652 -15.69 19.16 -23.44
CA ARG A 652 -16.62 18.52 -24.34
C ARG A 652 -17.87 18.08 -23.60
N PRO A 653 -19.02 18.54 -24.08
CA PRO A 653 -20.33 18.27 -23.52
C PRO A 653 -20.57 16.79 -23.25
N SER A 654 -19.91 15.92 -23.99
CA SER A 654 -20.14 14.50 -23.74
C SER A 654 -19.49 14.01 -22.45
N ILE A 655 -18.27 14.45 -22.15
CA ILE A 655 -17.60 13.99 -20.94
C ILE A 655 -17.67 14.95 -19.77
N VAL A 656 -18.12 16.17 -20.06
CA VAL A 656 -18.28 17.20 -19.04
C VAL A 656 -19.55 16.90 -18.26
N GLU A 657 -19.41 16.63 -16.97
CA GLU A 657 -20.57 16.28 -16.17
C GLU A 657 -21.54 17.42 -15.91
N ASN A 658 -22.81 17.07 -15.75
CA ASN A 658 -23.86 18.05 -15.53
C ASN A 658 -23.81 18.67 -14.13
N SER A 659 -23.08 18.03 -13.22
CA SER A 659 -22.95 18.54 -11.86
C SER A 659 -21.60 18.14 -11.28
N VAL A 660 -21.24 18.77 -10.19
CA VAL A 660 -20.00 18.44 -9.54
C VAL A 660 -20.28 17.21 -8.66
N ALA A 661 -19.69 16.08 -9.01
CA ALA A 661 -19.94 14.89 -8.22
C ALA A 661 -18.71 14.04 -7.96
N ILE A 662 -17.62 14.29 -8.64
CA ILE A 662 -16.46 13.44 -8.46
C ILE A 662 -15.26 14.34 -8.29
N GLY B 1 64.54 -18.90 5.92
CA GLY B 1 65.03 -18.69 4.54
C GLY B 1 64.12 -17.76 3.75
N VAL B 2 63.91 -18.09 2.47
CA VAL B 2 63.05 -17.32 1.57
C VAL B 2 61.60 -17.73 1.77
N TYR B 3 60.71 -16.76 1.76
CA TYR B 3 59.31 -17.01 1.96
C TYR B 3 58.47 -16.27 0.93
N ARG B 4 57.38 -16.87 0.50
CA ARG B 4 56.48 -16.22 -0.45
C ARG B 4 55.26 -15.80 0.38
N VAL B 5 55.37 -14.65 1.01
CA VAL B 5 54.28 -14.13 1.83
C VAL B 5 53.17 -13.55 0.97
N CYS B 6 51.94 -13.88 1.34
CA CYS B 6 50.80 -13.43 0.58
C CYS B 6 49.66 -13.02 1.50
N VAL B 7 49.02 -11.91 1.18
CA VAL B 7 47.93 -11.38 1.98
C VAL B 7 46.72 -11.12 1.14
N SER B 8 45.55 -11.50 1.65
CA SER B 8 44.30 -11.30 0.92
C SER B 8 43.36 -10.27 1.55
N THR B 9 42.58 -9.59 0.70
CA THR B 9 41.63 -8.56 1.16
C THR B 9 40.20 -8.79 0.63
N GLY B 10 39.22 -8.46 1.45
CA GLY B 10 37.82 -8.64 1.08
C GLY B 10 37.41 -8.02 -0.25
N ALA B 11 36.42 -8.61 -0.90
CA ALA B 11 35.96 -8.11 -2.20
C ALA B 11 34.94 -6.98 -2.05
N SER B 12 34.52 -6.73 -0.81
CA SER B 12 33.55 -5.67 -0.48
C SER B 12 34.04 -4.32 -0.99
N ILE B 13 33.13 -3.35 -1.11
CA ILE B 13 33.55 -2.04 -1.58
C ILE B 13 34.14 -1.21 -0.47
N TYR B 14 33.96 -1.65 0.77
CA TYR B 14 34.53 -0.91 1.89
C TYR B 14 35.62 -1.68 2.59
N ALA B 15 36.02 -2.81 2.02
CA ALA B 15 37.04 -3.66 2.60
C ALA B 15 38.46 -3.10 2.57
N GLY B 16 38.75 -2.22 1.61
CA GLY B 16 40.09 -1.67 1.51
C GLY B 16 40.39 -0.63 2.57
N SER B 17 41.66 -0.28 2.72
CA SER B 17 42.06 0.73 3.69
C SER B 17 43.36 1.41 3.26
N LYS B 18 43.46 2.72 3.48
CA LYS B 18 44.67 3.46 3.11
C LYS B 18 45.77 3.28 4.16
N ASN B 19 45.40 2.81 5.34
CA ASN B 19 46.37 2.59 6.41
C ASN B 19 47.21 1.33 6.16
N LYS B 20 48.53 1.48 6.17
CA LYS B 20 49.42 0.35 5.91
C LYS B 20 49.44 -0.57 7.13
N VAL B 21 49.87 -1.80 6.92
CA VAL B 21 49.92 -2.79 7.99
C VAL B 21 51.27 -3.47 8.14
N GLU B 22 51.67 -3.66 9.39
CA GLU B 22 52.95 -4.30 9.67
C GLU B 22 52.74 -5.78 9.98
N LEU B 23 53.65 -6.62 9.48
CA LEU B 23 53.59 -8.07 9.70
C LEU B 23 54.79 -8.67 10.39
N TRP B 24 54.52 -9.78 11.06
CA TRP B 24 55.53 -10.55 11.78
C TRP B 24 55.36 -12.03 11.45
N LEU B 25 56.44 -12.78 11.56
CA LEU B 25 56.42 -14.21 11.29
C LEU B 25 57.07 -14.98 12.44
N VAL B 26 56.28 -15.49 13.37
CA VAL B 26 56.86 -16.20 14.49
C VAL B 26 56.67 -17.72 14.41
N GLY B 27 57.76 -18.46 14.63
CA GLY B 27 57.68 -19.91 14.57
C GLY B 27 58.20 -20.60 15.82
N GLN B 28 58.78 -21.79 15.65
CA GLN B 28 59.31 -22.57 16.77
C GLN B 28 60.44 -21.92 17.55
N HIS B 29 61.30 -21.19 16.85
CA HIS B 29 62.43 -20.53 17.50
C HIS B 29 62.10 -19.09 17.91
N GLY B 30 61.83 -18.24 16.92
CA GLY B 30 61.53 -16.85 17.21
C GLY B 30 60.79 -16.15 16.09
N GLU B 31 60.74 -14.82 16.15
CA GLU B 31 60.05 -14.01 15.16
C GLU B 31 60.92 -12.99 14.43
N VAL B 32 60.57 -12.71 13.18
CA VAL B 32 61.31 -11.74 12.40
C VAL B 32 60.41 -10.58 12.02
N GLU B 33 60.94 -9.38 12.13
CA GLU B 33 60.19 -8.20 11.81
C GLU B 33 60.22 -7.95 10.31
N LEU B 34 59.06 -7.83 9.70
CA LEU B 34 59.03 -7.54 8.28
C LEU B 34 58.70 -6.08 8.01
N GLY B 35 58.16 -5.40 9.01
CA GLY B 35 57.80 -4.00 8.87
C GLY B 35 56.51 -3.72 8.11
N SER B 36 56.37 -2.50 7.61
CA SER B 36 55.18 -2.16 6.86
C SER B 36 55.29 -2.90 5.55
N CYS B 37 54.46 -3.93 5.36
CA CYS B 37 54.51 -4.72 4.13
C CYS B 37 53.64 -4.28 2.98
N LEU B 38 52.37 -4.01 3.24
CA LEU B 38 51.52 -3.56 2.15
C LEU B 38 50.50 -2.52 2.55
N ARG B 39 49.84 -1.99 1.53
CA ARG B 39 48.79 -1.01 1.67
C ARG B 39 47.55 -1.72 1.13
N PRO B 40 46.59 -2.07 2.01
CA PRO B 40 45.33 -2.78 1.70
C PRO B 40 44.53 -2.22 0.52
N THR B 41 43.99 -3.11 -0.31
CA THR B 41 43.18 -2.69 -1.45
C THR B 41 42.05 -3.71 -1.63
N ARG B 42 40.81 -3.23 -1.67
CA ARG B 42 39.63 -4.07 -1.85
C ARG B 42 39.74 -5.06 -3.00
N ASN B 43 39.47 -6.33 -2.70
CA ASN B 43 39.53 -7.40 -3.67
C ASN B 43 40.90 -7.59 -4.35
N LYS B 44 41.97 -7.44 -3.58
CA LYS B 44 43.32 -7.61 -4.10
C LYS B 44 44.11 -8.61 -3.29
N GLU B 45 44.92 -9.40 -3.97
CA GLU B 45 45.72 -10.41 -3.29
C GLU B 45 47.17 -9.98 -3.43
N GLU B 46 47.76 -9.38 -2.40
CA GLU B 46 49.16 -8.90 -2.45
C GLU B 46 50.21 -9.96 -2.05
N GLU B 47 51.16 -10.26 -2.94
CA GLU B 47 52.21 -11.23 -2.64
C GLU B 47 53.59 -10.68 -2.89
N PHE B 48 54.57 -11.17 -2.15
CA PHE B 48 55.93 -10.71 -2.34
C PHE B 48 56.91 -11.67 -1.69
N LYS B 49 58.10 -11.78 -2.26
CA LYS B 49 59.12 -12.69 -1.74
C LYS B 49 59.92 -12.02 -0.63
N VAL B 50 60.07 -12.69 0.49
CA VAL B 50 60.83 -12.13 1.59
C VAL B 50 61.91 -13.12 2.02
N ASN B 51 63.14 -12.66 2.12
CA ASN B 51 64.25 -13.51 2.52
C ASN B 51 64.79 -13.16 3.89
N VAL B 52 64.71 -14.10 4.82
CA VAL B 52 65.24 -13.84 6.15
C VAL B 52 66.33 -14.84 6.47
N SER B 53 67.38 -14.34 7.14
CA SER B 53 68.51 -15.16 7.51
C SER B 53 68.17 -16.18 8.60
N LYS B 54 67.60 -15.71 9.70
CA LYS B 54 67.26 -16.58 10.83
C LYS B 54 66.31 -17.73 10.47
N TYR B 55 66.65 -18.91 10.96
CA TYR B 55 65.87 -20.12 10.73
C TYR B 55 64.65 -20.11 11.63
N LEU B 56 63.47 -20.20 11.01
CA LEU B 56 62.23 -20.18 11.75
C LEU B 56 61.60 -21.54 11.92
N GLY B 57 61.47 -22.25 10.82
CA GLY B 57 60.87 -23.57 10.86
C GLY B 57 59.38 -23.48 10.67
N SER B 58 58.65 -24.24 11.48
CA SER B 58 57.21 -24.23 11.39
C SER B 58 56.72 -23.00 12.10
N LEU B 59 55.96 -22.21 11.34
CA LEU B 59 55.39 -20.97 11.83
C LEU B 59 54.12 -21.24 12.60
N LEU B 60 54.00 -20.58 13.75
CA LEU B 60 52.85 -20.75 14.64
C LEU B 60 51.82 -19.63 14.61
N PHE B 61 52.31 -18.41 14.45
CA PHE B 61 51.45 -17.23 14.42
C PHE B 61 52.01 -16.22 13.44
N VAL B 62 51.15 -15.29 13.08
CA VAL B 62 51.48 -14.18 12.20
C VAL B 62 50.82 -12.99 12.87
N ARG B 63 51.62 -12.03 13.30
CA ARG B 63 51.14 -10.83 13.99
C ARG B 63 50.91 -9.69 12.99
N LEU B 64 49.87 -8.89 13.22
CA LEU B 64 49.59 -7.79 12.32
C LEU B 64 49.26 -6.52 13.11
N ARG B 65 49.79 -5.40 12.62
CA ARG B 65 49.56 -4.09 13.23
C ARG B 65 49.31 -3.08 12.12
N LYS B 66 48.10 -2.53 12.09
CA LYS B 66 47.72 -1.53 11.09
C LYS B 66 47.86 -0.13 11.69
N LYS B 67 49.07 0.42 11.56
CA LYS B 67 49.38 1.74 12.08
C LYS B 67 48.74 2.84 11.24
N HIS B 68 47.93 3.67 11.86
CA HIS B 68 47.27 4.76 11.17
C HIS B 68 47.85 6.11 11.61
N PHE B 69 47.99 7.01 10.64
CA PHE B 69 48.55 8.35 10.87
C PHE B 69 47.59 9.39 11.44
N LEU B 70 46.56 9.74 10.68
CA LEU B 70 45.60 10.71 11.18
C LEU B 70 44.17 10.20 11.07
N LYS B 71 43.87 9.49 9.98
CA LYS B 71 42.52 8.96 9.80
C LYS B 71 42.56 7.43 9.83
N GLU B 72 41.66 6.83 10.61
CA GLU B 72 41.54 5.38 10.76
C GLU B 72 40.47 4.80 9.85
N ASP B 73 40.86 3.83 9.02
CA ASP B 73 39.93 3.20 8.10
C ASP B 73 39.97 1.68 8.28
N ALA B 74 38.79 1.08 8.35
CA ALA B 74 38.68 -0.36 8.55
C ALA B 74 39.17 -1.17 7.34
N TRP B 75 39.75 -2.32 7.63
CA TRP B 75 40.24 -3.20 6.61
C TRP B 75 39.82 -4.63 6.88
N PHE B 76 39.29 -5.29 5.86
CA PHE B 76 38.89 -6.68 6.02
C PHE B 76 39.97 -7.60 5.48
N CYS B 77 40.48 -8.45 6.35
CA CYS B 77 41.52 -9.39 5.96
C CYS B 77 41.01 -10.81 5.90
N ASN B 78 41.25 -11.48 4.79
CA ASN B 78 40.80 -12.85 4.61
C ASN B 78 41.75 -13.79 5.29
N TRP B 79 42.99 -13.72 4.88
CA TRP B 79 44.01 -14.57 5.44
C TRP B 79 45.35 -14.13 4.95
N ILE B 80 46.36 -14.76 5.50
CA ILE B 80 47.72 -14.46 5.15
C ILE B 80 48.44 -15.78 4.96
N SER B 81 48.87 -16.02 3.73
CA SER B 81 49.58 -17.24 3.43
C SER B 81 51.03 -16.91 3.36
N VAL B 82 51.86 -17.92 3.55
CA VAL B 82 53.30 -17.75 3.48
C VAL B 82 53.91 -19.11 3.20
N GLN B 83 54.53 -19.24 2.03
CA GLN B 83 55.17 -20.47 1.61
C GLN B 83 56.71 -20.39 1.63
N ALA B 84 57.34 -21.34 2.30
CA ALA B 84 58.80 -21.39 2.36
C ALA B 84 59.28 -21.92 1.02
N LEU B 85 59.79 -21.02 0.18
CA LEU B 85 60.28 -21.40 -1.15
C LEU B 85 61.50 -22.32 -1.05
N GLY B 86 62.25 -22.22 0.03
CA GLY B 86 63.43 -23.05 0.15
C GLY B 86 63.11 -24.50 0.40
N ALA B 87 62.90 -24.79 1.69
CA ALA B 87 62.61 -26.14 2.15
C ALA B 87 61.26 -26.65 1.67
N ALA B 88 61.10 -27.97 1.61
CA ALA B 88 59.85 -28.55 1.17
C ALA B 88 58.85 -28.65 2.33
N GLU B 89 58.45 -27.48 2.84
CA GLU B 89 57.50 -27.43 3.95
C GLU B 89 56.09 -27.14 3.45
N ASP B 90 55.10 -27.68 4.14
CA ASP B 90 53.72 -27.45 3.75
C ASP B 90 53.43 -25.96 3.84
N LYS B 91 52.56 -25.49 2.95
CA LYS B 91 52.18 -24.07 2.91
C LYS B 91 51.51 -23.67 4.22
N TYR B 92 52.10 -22.68 4.89
CA TYR B 92 51.60 -22.17 6.17
C TYR B 92 50.39 -21.25 5.92
N TRP B 93 49.22 -21.73 6.31
CA TRP B 93 47.97 -21.01 6.14
C TRP B 93 47.55 -20.33 7.44
N PHE B 94 47.18 -19.06 7.36
CA PHE B 94 46.79 -18.32 8.55
C PHE B 94 45.43 -17.64 8.30
N PRO B 95 44.31 -18.31 8.69
CA PRO B 95 42.96 -17.79 8.50
C PRO B 95 42.54 -16.61 9.37
N CYS B 96 41.81 -15.70 8.77
CA CYS B 96 41.37 -14.53 9.49
C CYS B 96 39.88 -14.28 9.29
N TYR B 97 39.56 -13.80 8.09
CA TYR B 97 38.18 -13.53 7.72
C TYR B 97 37.39 -12.63 8.68
N ARG B 98 38.02 -11.54 9.15
CA ARG B 98 37.37 -10.59 10.05
C ARG B 98 37.96 -9.22 9.81
N TRP B 99 37.28 -8.18 10.29
CA TRP B 99 37.76 -6.82 10.12
C TRP B 99 38.89 -6.47 11.06
N VAL B 100 39.75 -5.55 10.62
CA VAL B 100 40.86 -5.08 11.43
C VAL B 100 40.74 -3.58 11.58
N VAL B 101 40.52 -3.11 12.81
CA VAL B 101 40.39 -1.68 13.08
C VAL B 101 41.44 -1.20 14.08
N GLY B 102 42.09 -0.10 13.75
CA GLY B 102 43.10 0.44 14.64
C GLY B 102 44.49 -0.14 14.44
N ASP B 103 45.40 0.26 15.32
CA ASP B 103 46.78 -0.20 15.27
C ASP B 103 47.05 -1.21 16.39
N GLY B 104 46.05 -2.02 16.70
CA GLY B 104 46.22 -3.03 17.74
C GLY B 104 46.96 -4.23 17.20
N VAL B 105 47.55 -5.00 18.11
CA VAL B 105 48.27 -6.20 17.71
C VAL B 105 47.40 -7.42 17.76
N GLN B 106 47.19 -8.02 16.59
CA GLN B 106 46.40 -9.22 16.48
C GLN B 106 47.29 -10.32 15.91
N SER B 107 47.29 -11.48 16.56
CA SER B 107 48.09 -12.61 16.10
C SER B 107 47.18 -13.68 15.50
N LEU B 108 47.51 -14.15 14.31
CA LEU B 108 46.71 -15.18 13.63
C LEU B 108 47.28 -16.57 13.82
N PRO B 109 46.47 -17.50 14.34
CA PRO B 109 46.96 -18.87 14.54
C PRO B 109 47.03 -19.59 13.20
N VAL B 110 47.78 -20.68 13.12
CA VAL B 110 47.90 -21.44 11.87
C VAL B 110 46.59 -22.21 11.62
N GLY B 111 46.27 -22.48 10.36
CA GLY B 111 45.04 -23.18 10.03
C GLY B 111 44.96 -24.69 10.24
N THR B 112 45.97 -25.27 10.87
CA THR B 112 45.99 -26.71 11.11
C THR B 112 44.91 -27.06 12.10
N GLY B 113 44.87 -26.31 13.19
CA GLY B 113 43.89 -26.52 14.23
C GLY B 113 44.26 -27.60 15.23
N CYS B 114 43.74 -27.46 16.45
CA CYS B 114 44.01 -28.44 17.46
C CYS B 114 43.14 -28.17 18.66
N THR B 115 43.05 -29.16 19.54
CA THR B 115 42.28 -29.03 20.75
C THR B 115 43.20 -28.73 21.92
N THR B 116 42.61 -28.42 23.06
CA THR B 116 43.42 -28.11 24.23
C THR B 116 44.37 -29.23 24.52
N VAL B 117 43.81 -30.43 24.62
CA VAL B 117 44.61 -31.60 24.91
C VAL B 117 45.35 -31.98 23.65
N GLY B 118 44.76 -31.63 22.53
CA GLY B 118 45.37 -31.95 21.27
C GLY B 118 46.73 -31.30 21.07
N ASP B 119 47.00 -30.24 21.83
CA ASP B 119 48.27 -29.56 21.74
C ASP B 119 48.95 -29.63 23.07
N PRO B 120 49.64 -30.74 23.34
CA PRO B 120 50.33 -30.94 24.63
C PRO B 120 51.43 -29.94 24.93
N GLN B 121 52.05 -29.40 23.89
CA GLN B 121 53.13 -28.43 24.07
C GLN B 121 52.57 -27.15 24.69
N GLY B 122 51.28 -26.92 24.47
CA GLY B 122 50.64 -25.72 25.01
C GLY B 122 51.10 -24.47 24.30
N LEU B 123 51.34 -24.61 23.00
CA LEU B 123 51.81 -23.50 22.20
C LEU B 123 50.73 -22.49 21.88
N PHE B 124 49.50 -22.95 21.80
CA PHE B 124 48.40 -22.06 21.47
C PHE B 124 47.59 -21.64 22.67
N GLN B 125 47.83 -22.30 23.80
CA GLN B 125 47.10 -21.99 25.01
C GLN B 125 47.10 -20.52 25.42
N LYS B 126 48.17 -19.80 25.12
CA LYS B 126 48.27 -18.38 25.49
C LYS B 126 47.30 -17.51 24.72
N HIS B 127 47.14 -17.82 23.44
CA HIS B 127 46.26 -17.06 22.57
C HIS B 127 44.80 -17.49 22.60
N ARG B 128 44.57 -18.79 22.68
CA ARG B 128 43.20 -19.30 22.70
C ARG B 128 42.49 -18.90 23.99
N GLU B 129 43.22 -18.79 25.09
CA GLU B 129 42.57 -18.38 26.32
C GLU B 129 42.36 -16.89 26.22
N GLN B 130 43.27 -16.21 25.55
CA GLN B 130 43.16 -14.77 25.37
C GLN B 130 41.99 -14.49 24.45
N GLU B 131 41.83 -15.30 23.42
CA GLU B 131 40.72 -15.11 22.47
C GLU B 131 39.38 -15.35 23.13
N LEU B 132 39.36 -16.32 24.03
CA LEU B 132 38.13 -16.66 24.75
C LEU B 132 37.68 -15.45 25.54
N GLU B 133 38.64 -14.74 26.15
CA GLU B 133 38.35 -13.55 26.96
C GLU B 133 37.77 -12.43 26.07
N GLU B 134 38.24 -12.37 24.83
CA GLU B 134 37.79 -11.37 23.87
C GLU B 134 36.37 -11.70 23.37
N ARG B 135 36.12 -12.97 23.12
CA ARG B 135 34.81 -13.45 22.65
C ARG B 135 33.74 -13.29 23.73
N ARG B 136 34.05 -13.69 24.95
CA ARG B 136 33.08 -13.62 26.04
C ARG B 136 32.56 -12.22 26.32
N LYS B 137 33.43 -11.23 26.25
CA LYS B 137 33.00 -9.87 26.52
C LYS B 137 32.27 -9.27 25.32
N LEU B 138 32.68 -9.65 24.13
CA LEU B 138 32.08 -9.11 22.91
C LEU B 138 30.72 -9.72 22.62
N TYR B 139 30.59 -11.02 22.89
CA TYR B 139 29.34 -11.72 22.66
C TYR B 139 28.70 -12.06 24.00
N GLN B 140 27.56 -11.43 24.31
CA GLN B 140 26.84 -11.67 25.55
C GLN B 140 25.40 -12.22 25.34
N TRP B 141 24.85 -12.98 26.28
CA TRP B 141 23.49 -13.47 26.11
C TRP B 141 22.46 -12.41 26.48
N GLY B 142 21.25 -12.55 25.97
CA GLY B 142 20.20 -11.59 26.26
C GLY B 142 18.82 -12.20 26.02
N SER B 143 17.75 -11.53 26.44
CA SER B 143 16.39 -12.05 26.22
C SER B 143 15.48 -10.95 25.67
N TRP B 144 14.92 -11.17 24.48
CA TRP B 144 14.08 -10.18 23.87
C TRP B 144 12.78 -10.09 24.66
N LYS B 145 12.27 -11.23 25.09
CA LYS B 145 11.02 -11.31 25.85
C LYS B 145 11.18 -12.49 26.80
N GLU B 146 10.45 -12.47 27.90
CA GLU B 146 10.53 -13.53 28.88
C GLU B 146 9.83 -14.81 28.43
N GLY B 147 10.39 -15.96 28.82
CA GLY B 147 9.80 -17.24 28.48
C GLY B 147 10.27 -17.84 27.17
N LEU B 148 11.33 -17.25 26.62
CA LEU B 148 11.89 -17.72 25.36
C LEU B 148 13.33 -18.13 25.56
N ILE B 149 13.87 -18.88 24.63
CA ILE B 149 15.25 -19.28 24.72
C ILE B 149 16.08 -18.01 24.46
N LEU B 150 17.18 -17.88 25.19
CA LEU B 150 18.05 -16.72 25.09
C LEU B 150 18.56 -16.42 23.68
N ASN B 151 18.70 -15.15 23.34
CA ASN B 151 19.21 -14.71 22.05
C ASN B 151 20.41 -13.83 22.27
N VAL B 152 20.85 -13.13 21.24
CA VAL B 152 22.02 -12.28 21.40
C VAL B 152 21.66 -10.95 22.06
N ALA B 153 22.58 -10.39 22.84
CA ALA B 153 22.34 -9.15 23.59
C ALA B 153 22.19 -7.92 22.69
N GLY B 154 21.30 -7.01 23.09
CA GLY B 154 21.07 -5.81 22.31
C GLY B 154 19.77 -5.83 21.54
N SER B 155 19.37 -4.68 20.99
CA SER B 155 18.13 -4.60 20.25
C SER B 155 18.33 -4.03 18.83
N LYS B 156 19.39 -3.24 18.67
CA LYS B 156 19.73 -2.61 17.39
C LYS B 156 20.90 -3.32 16.70
N LEU B 157 21.06 -3.06 15.41
CA LEU B 157 22.14 -3.67 14.64
C LEU B 157 23.48 -3.22 15.16
N THR B 158 23.57 -1.95 15.52
CA THR B 158 24.81 -1.42 16.03
C THR B 158 25.29 -2.08 17.32
N ASP B 159 24.41 -2.83 17.98
CA ASP B 159 24.77 -3.49 19.22
C ASP B 159 25.57 -4.77 18.95
N LEU B 160 25.52 -5.27 17.72
CA LEU B 160 26.24 -6.48 17.34
C LEU B 160 27.70 -6.12 17.04
N PRO B 161 28.61 -7.11 17.19
CA PRO B 161 30.05 -6.96 16.95
C PRO B 161 30.35 -6.40 15.56
N VAL B 162 31.26 -5.44 15.50
CA VAL B 162 31.60 -4.82 14.23
C VAL B 162 32.13 -5.89 13.30
N ASP B 163 32.32 -7.09 13.84
CA ASP B 163 32.84 -8.19 13.04
C ASP B 163 31.83 -8.60 11.99
N GLU B 164 30.56 -8.52 12.38
CA GLU B 164 29.45 -8.90 11.50
C GLU B 164 28.64 -7.70 11.03
N ARG B 165 28.59 -7.52 9.72
CA ARG B 165 27.85 -6.44 9.10
C ARG B 165 26.89 -7.10 8.11
N PHE B 166 26.64 -6.43 6.98
CA PHE B 166 25.74 -6.97 5.97
C PHE B 166 26.40 -6.96 4.62
N LEU B 167 26.17 -7.99 3.82
CA LEU B 167 26.76 -8.04 2.49
C LEU B 167 25.99 -7.02 1.66
N GLU B 168 25.07 -7.52 0.85
CA GLU B 168 24.29 -6.65 0.00
C GLU B 168 23.16 -7.37 -0.72
N ASP B 169 23.45 -8.56 -1.26
CA ASP B 169 22.43 -9.34 -1.95
C ASP B 169 21.60 -10.30 -1.15
N LYS B 170 21.36 -9.91 0.10
CA LYS B 170 20.49 -10.60 1.07
C LYS B 170 19.56 -9.42 1.23
N LYS B 171 19.36 -8.83 0.07
CA LYS B 171 18.57 -7.63 -0.12
C LYS B 171 17.04 -7.60 0.05
N ILE B 172 16.55 -7.83 1.25
CA ILE B 172 15.13 -7.72 1.50
C ILE B 172 15.23 -6.79 2.73
N ASP B 173 14.43 -5.72 2.77
CA ASP B 173 14.50 -4.80 3.88
C ASP B 173 13.34 -4.58 4.83
N PHE B 174 13.74 -3.97 5.94
CA PHE B 174 12.98 -3.60 7.12
C PHE B 174 11.74 -2.69 7.06
N GLU B 175 11.81 -1.61 7.86
CA GLU B 175 10.79 -0.58 8.04
C GLU B 175 10.07 -0.19 6.77
N ALA B 176 10.73 -0.42 5.63
CA ALA B 176 10.14 -0.07 4.34
C ALA B 176 8.71 -0.60 4.30
N SER B 177 8.56 -1.84 4.77
CA SER B 177 7.26 -2.54 4.79
C SER B 177 6.44 -2.14 6.00
N LEU B 178 7.16 -1.82 7.06
CA LEU B 178 6.50 -1.40 8.27
C LEU B 178 5.77 -0.08 7.97
N ALA B 179 6.45 0.82 7.28
CA ALA B 179 5.87 2.11 6.93
C ALA B 179 4.92 1.97 5.75
N TRP B 180 5.21 1.00 4.88
CA TRP B 180 4.35 0.76 3.73
C TRP B 180 3.01 0.19 4.20
N GLY B 181 3.03 -0.48 5.35
CA GLY B 181 1.82 -1.06 5.90
C GLY B 181 0.89 0.04 6.35
N LEU B 182 1.46 0.96 7.12
CA LEU B 182 0.71 2.12 7.62
C LEU B 182 0.26 3.06 6.52
N ALA B 183 1.14 3.38 5.58
CA ALA B 183 0.75 4.28 4.51
C ALA B 183 -0.43 3.72 3.73
N GLU B 184 -0.44 2.41 3.47
CA GLU B 184 -1.55 1.81 2.73
C GLU B 184 -2.79 1.78 3.64
N LEU B 185 -2.55 1.65 4.94
CA LEU B 185 -3.60 1.60 5.94
C LEU B 185 -4.36 2.92 6.06
N ALA B 186 -3.60 4.00 6.17
CA ALA B 186 -4.13 5.36 6.30
C ALA B 186 -4.89 5.76 5.04
N LEU B 187 -4.50 5.14 3.95
CA LEU B 187 -5.13 5.40 2.68
C LEU B 187 -6.56 4.92 2.80
N LYS B 188 -6.72 3.67 3.25
CA LYS B 188 -8.03 3.05 3.39
C LYS B 188 -8.81 3.63 4.54
N ASN B 189 -8.13 3.77 5.66
CA ASN B 189 -8.74 4.31 6.85
C ASN B 189 -9.41 5.67 6.62
N SER B 190 -8.67 6.60 6.00
CA SER B 190 -9.15 7.94 5.73
C SER B 190 -10.40 7.95 4.88
N LEU B 191 -10.36 7.20 3.79
CA LEU B 191 -11.51 7.14 2.92
C LEU B 191 -12.70 6.43 3.55
N ASN B 192 -12.46 5.59 4.57
CA ASN B 192 -13.55 4.87 5.23
C ASN B 192 -14.30 3.95 4.28
N ILE B 193 -13.59 3.43 3.28
CA ILE B 193 -14.18 2.54 2.29
C ILE B 193 -13.77 1.07 2.47
N LEU B 194 -14.71 0.14 2.35
CA LEU B 194 -14.41 -1.27 2.50
C LEU B 194 -15.05 -2.02 1.33
N ALA B 195 -14.21 -2.72 0.57
CA ALA B 195 -14.68 -3.44 -0.60
C ALA B 195 -15.62 -4.63 -0.33
N PRO B 196 -16.66 -4.77 -1.17
CA PRO B 196 -17.58 -5.89 -0.98
C PRO B 196 -16.79 -7.19 -1.12
N TRP B 197 -17.00 -8.13 -0.21
CA TRP B 197 -16.28 -9.40 -0.24
C TRP B 197 -17.27 -10.59 -0.22
N LYS B 198 -17.64 -11.08 -1.40
CA LYS B 198 -18.56 -12.22 -1.50
C LYS B 198 -18.36 -13.09 -2.75
N THR B 199 -17.13 -13.15 -3.26
CA THR B 199 -16.79 -13.97 -4.45
C THR B 199 -15.44 -14.62 -4.24
N LEU B 200 -15.42 -15.93 -4.17
CA LEU B 200 -14.17 -16.64 -3.96
C LEU B 200 -13.17 -16.39 -5.09
N ASP B 201 -13.62 -15.81 -6.19
CA ASP B 201 -12.71 -15.57 -7.29
C ASP B 201 -12.07 -14.21 -7.29
N ASP B 202 -12.18 -13.52 -6.17
CA ASP B 202 -11.58 -12.19 -6.08
C ASP B 202 -10.11 -12.23 -5.82
N PHE B 203 -9.66 -13.31 -5.18
CA PHE B 203 -8.27 -13.46 -4.87
C PHE B 203 -7.39 -13.62 -6.12
N ASN B 204 -8.00 -14.01 -7.24
CA ASN B 204 -7.25 -14.21 -8.48
C ASN B 204 -6.63 -12.95 -9.05
N ARG B 205 -7.11 -11.79 -8.58
CA ARG B 205 -6.63 -10.49 -9.03
C ARG B 205 -5.17 -10.15 -8.72
N ILE B 206 -4.54 -10.96 -7.90
CA ILE B 206 -3.14 -10.70 -7.57
C ILE B 206 -2.19 -11.45 -8.50
N PHE B 207 -2.62 -12.60 -9.02
CA PHE B 207 -1.78 -13.41 -9.92
C PHE B 207 -2.01 -13.12 -11.41
N TRP B 208 -1.24 -12.16 -11.93
CA TRP B 208 -1.32 -11.74 -13.34
C TRP B 208 -0.02 -12.15 -14.06
N CYS B 209 1.08 -12.08 -13.32
CA CYS B 209 2.42 -12.44 -13.79
C CYS B 209 3.26 -12.95 -12.60
N GLY B 210 2.76 -13.97 -11.90
CA GLY B 210 3.45 -14.55 -10.75
C GLY B 210 4.76 -15.27 -11.05
N ARG B 211 5.65 -15.31 -10.06
CA ARG B 211 6.97 -15.95 -10.22
C ARG B 211 6.96 -17.46 -9.96
N SER B 212 6.35 -17.88 -8.85
CA SER B 212 6.29 -19.30 -8.49
C SER B 212 5.44 -20.15 -9.44
N LYS B 213 5.99 -21.29 -9.84
CA LYS B 213 5.28 -22.17 -10.76
C LYS B 213 4.24 -23.04 -10.03
N LEU B 214 4.59 -23.38 -8.78
CA LEU B 214 3.73 -24.21 -7.93
C LEU B 214 2.53 -23.46 -7.39
N ALA B 215 2.72 -22.17 -7.15
CA ALA B 215 1.65 -21.37 -6.60
C ALA B 215 0.42 -21.39 -7.49
N ARG B 216 0.59 -21.41 -8.80
CA ARG B 216 -0.56 -21.44 -9.69
C ARG B 216 -1.31 -22.76 -9.52
N ARG B 217 -0.57 -23.82 -9.27
CA ARG B 217 -1.17 -25.13 -9.09
C ARG B 217 -2.02 -25.04 -7.83
N VAL B 218 -1.52 -24.31 -6.85
CA VAL B 218 -2.25 -24.19 -5.61
C VAL B 218 -3.49 -23.32 -5.80
N ARG B 219 -3.29 -22.20 -6.49
CA ARG B 219 -4.37 -21.29 -6.77
C ARG B 219 -5.54 -21.98 -7.47
N ASP B 220 -5.20 -22.94 -8.32
CA ASP B 220 -6.23 -23.61 -9.05
C ASP B 220 -6.82 -24.81 -8.37
N SER B 221 -6.07 -25.49 -7.54
CA SER B 221 -6.64 -26.65 -6.93
C SER B 221 -6.63 -26.72 -5.42
N TRP B 222 -6.56 -25.57 -4.76
CA TRP B 222 -6.52 -25.54 -3.31
C TRP B 222 -7.75 -26.11 -2.64
N GLN B 223 -8.86 -26.19 -3.36
CA GLN B 223 -10.05 -26.74 -2.74
C GLN B 223 -10.10 -28.28 -2.64
N GLU B 224 -9.28 -28.98 -3.42
CA GLU B 224 -9.27 -30.45 -3.40
C GLU B 224 -8.64 -31.00 -2.13
N ASP B 225 -9.31 -31.96 -1.51
CA ASP B 225 -8.84 -32.60 -0.26
C ASP B 225 -7.47 -33.17 -0.37
N SER B 226 -7.14 -33.73 -1.53
CA SER B 226 -5.82 -34.33 -1.72
C SER B 226 -4.71 -33.29 -1.51
N LEU B 227 -4.90 -32.06 -2.00
CA LEU B 227 -3.88 -31.03 -1.82
C LEU B 227 -3.91 -30.58 -0.37
N PHE B 228 -5.07 -30.67 0.26
CA PHE B 228 -5.19 -30.28 1.64
C PHE B 228 -4.27 -31.10 2.48
N GLY B 229 -4.41 -32.42 2.33
CA GLY B 229 -3.60 -33.38 3.08
C GLY B 229 -2.17 -33.54 2.61
N TYR B 230 -1.89 -33.13 1.37
CA TYR B 230 -0.54 -33.21 0.82
C TYR B 230 0.43 -32.26 1.53
N GLN B 231 -0.05 -31.08 1.91
CA GLN B 231 0.79 -30.11 2.58
C GLN B 231 1.36 -30.56 3.93
N PHE B 232 0.77 -31.58 4.54
CA PHE B 232 1.25 -32.06 5.83
C PHE B 232 2.50 -32.92 5.63
N LEU B 233 2.61 -33.48 4.44
CA LEU B 233 3.73 -34.35 4.08
C LEU B 233 4.82 -33.58 3.34
N ASN B 234 4.46 -32.97 2.22
CA ASN B 234 5.43 -32.23 1.42
C ASN B 234 5.14 -30.72 1.18
N GLY B 235 4.32 -30.14 2.06
CA GLY B 235 4.01 -28.73 1.92
C GLY B 235 5.05 -27.86 2.60
N ALA B 236 4.64 -26.71 3.10
CA ALA B 236 5.58 -25.82 3.76
C ALA B 236 5.79 -26.20 5.20
N ASN B 237 4.87 -26.97 5.78
CA ASN B 237 5.04 -27.35 7.19
C ASN B 237 4.84 -28.83 7.50
N PRO B 238 5.86 -29.66 7.22
CA PRO B 238 5.81 -31.10 7.47
C PRO B 238 6.25 -31.43 8.88
N MET B 239 6.27 -30.44 9.76
CA MET B 239 6.73 -30.67 11.12
C MET B 239 5.62 -30.82 12.15
N LEU B 240 4.45 -31.31 11.75
CA LEU B 240 3.38 -31.46 12.72
C LEU B 240 2.70 -32.83 12.63
N LEU B 241 2.59 -33.34 11.41
CA LEU B 241 1.96 -34.63 11.15
C LEU B 241 2.59 -35.76 11.96
N ARG B 242 1.71 -36.58 12.54
CA ARG B 242 2.18 -37.69 13.32
C ARG B 242 1.31 -38.90 13.02
N ARG B 243 1.88 -40.10 13.15
CA ARG B 243 1.11 -41.30 12.90
C ARG B 243 0.36 -41.55 14.20
N SER B 244 -0.93 -41.83 14.08
CA SER B 244 -1.79 -42.06 15.23
C SER B 244 -1.57 -43.42 15.88
N VAL B 245 -1.18 -43.39 17.15
CA VAL B 245 -0.93 -44.60 17.94
C VAL B 245 -2.17 -44.86 18.76
N GLN B 246 -2.89 -43.78 19.04
CA GLN B 246 -4.11 -43.85 19.80
C GLN B 246 -4.92 -42.63 19.42
N LEU B 247 -6.23 -42.67 19.67
CA LEU B 247 -7.06 -41.51 19.34
C LEU B 247 -6.81 -40.46 20.41
N PRO B 248 -6.64 -39.21 19.98
CA PRO B 248 -6.40 -38.08 20.87
C PRO B 248 -7.41 -38.00 22.01
N ALA B 249 -6.93 -37.54 23.15
CA ALA B 249 -7.76 -37.40 24.34
C ALA B 249 -8.78 -36.29 24.13
N ARG B 250 -8.48 -35.37 23.21
CA ARG B 250 -9.38 -34.25 22.98
C ARG B 250 -10.44 -34.64 21.97
N LEU B 251 -10.27 -35.81 21.39
CA LEU B 251 -11.19 -36.23 20.38
C LEU B 251 -12.35 -37.06 20.90
N VAL B 252 -13.41 -36.39 21.35
CA VAL B 252 -14.59 -37.08 21.86
C VAL B 252 -15.76 -36.98 20.88
N PHE B 253 -16.36 -38.13 20.54
CA PHE B 253 -17.45 -38.16 19.58
C PHE B 253 -18.87 -37.78 20.00
N PRO B 254 -19.56 -37.05 19.12
CA PRO B 254 -20.94 -36.63 19.37
C PRO B 254 -21.86 -37.79 19.07
N PRO B 255 -23.08 -37.78 19.62
CA PRO B 255 -23.94 -38.93 19.32
C PRO B 255 -24.24 -39.04 17.83
N GLY B 256 -24.53 -40.27 17.38
CA GLY B 256 -24.86 -40.53 16.00
C GLY B 256 -23.70 -40.61 15.02
N MET B 257 -22.47 -40.46 15.53
CA MET B 257 -21.27 -40.52 14.67
C MET B 257 -20.44 -41.74 14.93
N GLU B 258 -21.11 -42.86 15.14
CA GLU B 258 -20.46 -44.12 15.40
C GLU B 258 -19.81 -44.64 14.11
N GLU B 259 -20.31 -44.20 12.96
CA GLU B 259 -19.74 -44.65 11.68
C GLU B 259 -18.33 -44.09 11.51
N LEU B 260 -18.15 -42.86 11.98
CA LEU B 260 -16.86 -42.18 11.89
C LEU B 260 -15.82 -42.91 12.71
N GLN B 261 -16.08 -43.04 14.00
CA GLN B 261 -15.13 -43.72 14.85
C GLN B 261 -14.89 -45.13 14.42
N ALA B 262 -15.81 -45.68 13.62
CA ALA B 262 -15.62 -47.05 13.18
C ALA B 262 -14.52 -47.10 12.14
N GLN B 263 -14.66 -46.29 11.11
CA GLN B 263 -13.70 -46.25 10.01
C GLN B 263 -12.41 -45.61 10.42
N LEU B 264 -12.41 -44.97 11.59
CA LEU B 264 -11.19 -44.36 12.10
C LEU B 264 -10.41 -45.47 12.80
N GLU B 265 -11.13 -46.30 13.52
CA GLU B 265 -10.51 -47.41 14.25
C GLU B 265 -9.95 -48.44 13.26
N LYS B 266 -10.58 -48.53 12.09
CA LYS B 266 -10.14 -49.45 11.05
C LYS B 266 -8.73 -49.03 10.61
N GLU B 267 -8.56 -47.73 10.40
CA GLU B 267 -7.29 -47.15 9.95
C GLU B 267 -6.27 -47.22 11.07
N LEU B 268 -6.75 -46.98 12.28
CA LEU B 268 -5.92 -47.03 13.46
C LEU B 268 -5.37 -48.45 13.70
N LYS B 269 -6.21 -49.47 13.52
CA LYS B 269 -5.79 -50.85 13.71
C LYS B 269 -4.78 -51.20 12.61
N ALA B 270 -5.02 -50.67 11.42
CA ALA B 270 -4.13 -50.89 10.28
C ALA B 270 -2.86 -50.04 10.39
N GLY B 271 -2.88 -49.10 11.33
CA GLY B 271 -1.75 -48.22 11.53
C GLY B 271 -1.55 -47.21 10.42
N THR B 272 -2.57 -47.00 9.61
CA THR B 272 -2.49 -46.05 8.51
C THR B 272 -3.29 -44.80 8.87
N LEU B 273 -3.45 -44.56 10.16
CA LEU B 273 -4.17 -43.38 10.60
C LEU B 273 -3.17 -42.36 11.08
N PHE B 274 -3.29 -41.15 10.55
CA PHE B 274 -2.41 -40.04 10.93
C PHE B 274 -3.19 -38.87 11.55
N GLU B 275 -2.48 -37.99 12.25
CA GLU B 275 -3.10 -36.84 12.90
C GLU B 275 -2.30 -35.53 12.77
N ALA B 276 -3.00 -34.40 12.90
CA ALA B 276 -2.38 -33.07 12.87
C ALA B 276 -3.14 -32.29 13.94
N ASP B 277 -2.49 -32.14 15.10
CA ASP B 277 -3.08 -31.47 16.25
C ASP B 277 -2.46 -30.10 16.44
N PHE B 278 -3.28 -29.06 16.46
CA PHE B 278 -2.80 -27.71 16.65
C PHE B 278 -3.11 -27.26 18.08
N ALA B 279 -2.89 -28.16 19.02
CA ALA B 279 -3.13 -27.87 20.43
C ALA B 279 -2.19 -26.79 20.94
N LEU B 280 -1.12 -26.52 20.20
CA LEU B 280 -0.14 -25.52 20.60
C LEU B 280 -0.79 -24.16 20.63
N LEU B 281 -1.67 -23.92 19.67
CA LEU B 281 -2.39 -22.67 19.52
C LEU B 281 -3.44 -22.41 20.58
N ASP B 282 -3.88 -23.47 21.22
CA ASP B 282 -4.91 -23.34 22.23
C ASP B 282 -4.43 -22.40 23.34
N ASN B 283 -5.35 -21.57 23.85
CA ASN B 283 -5.06 -20.62 24.93
C ASN B 283 -3.96 -19.59 24.63
N ILE B 284 -4.19 -18.79 23.58
CA ILE B 284 -3.25 -17.75 23.16
C ILE B 284 -4.02 -16.46 22.86
N LYS B 285 -3.46 -15.32 23.26
CA LYS B 285 -4.12 -14.03 23.03
C LYS B 285 -4.30 -13.73 21.53
N ALA B 286 -5.53 -13.45 21.11
CA ALA B 286 -5.84 -13.14 19.72
C ALA B 286 -5.65 -11.65 19.42
N ASN B 287 -5.23 -11.37 18.19
CA ASN B 287 -4.99 -10.00 17.74
C ASN B 287 -6.30 -9.22 17.56
N VAL B 288 -6.19 -7.89 17.56
CA VAL B 288 -7.32 -6.99 17.37
C VAL B 288 -6.81 -5.88 16.47
N ILE B 289 -6.94 -6.11 15.18
CA ILE B 289 -6.48 -5.18 14.16
C ILE B 289 -7.46 -4.04 13.94
N LEU B 290 -7.00 -2.80 14.11
CA LEU B 290 -7.84 -1.62 13.95
C LEU B 290 -9.07 -1.73 14.84
N TYR B 291 -8.86 -2.10 16.10
CA TYR B 291 -9.94 -2.20 17.05
C TYR B 291 -10.97 -3.26 16.70
N CYS B 292 -10.74 -4.00 15.62
CA CYS B 292 -11.64 -5.06 15.17
C CYS B 292 -11.01 -6.38 15.59
N GLN B 293 -11.77 -7.21 16.30
CA GLN B 293 -11.30 -8.50 16.80
C GLN B 293 -10.87 -9.53 15.72
N GLN B 294 -9.71 -10.15 15.93
CA GLN B 294 -9.16 -11.18 15.05
C GLN B 294 -9.36 -12.51 15.78
N TYR B 295 -9.54 -13.61 15.05
CA TYR B 295 -9.76 -14.89 15.72
C TYR B 295 -8.83 -16.06 15.44
N LEU B 296 -8.62 -16.89 16.46
CA LEU B 296 -7.73 -18.05 16.39
C LEU B 296 -8.40 -19.35 16.78
N ALA B 297 -8.00 -20.44 16.13
CA ALA B 297 -8.52 -21.75 16.44
C ALA B 297 -7.39 -22.80 16.47
N ALA B 298 -7.51 -23.78 17.36
CA ALA B 298 -6.53 -24.87 17.50
C ALA B 298 -7.20 -26.21 17.13
N PRO B 299 -7.49 -26.39 15.83
CA PRO B 299 -8.14 -27.60 15.34
C PRO B 299 -7.32 -28.87 15.47
N LEU B 300 -7.89 -29.95 14.97
CA LEU B 300 -7.26 -31.25 14.98
C LEU B 300 -7.77 -31.90 13.71
N VAL B 301 -6.87 -32.54 12.99
CA VAL B 301 -7.25 -33.20 11.75
C VAL B 301 -6.78 -34.65 11.85
N MET B 302 -7.62 -35.57 11.37
CA MET B 302 -7.34 -36.99 11.33
C MET B 302 -7.38 -37.40 9.87
N LEU B 303 -6.26 -37.89 9.36
CA LEU B 303 -6.22 -38.32 7.97
C LEU B 303 -5.78 -39.77 7.82
N LYS B 304 -6.17 -40.35 6.69
CA LYS B 304 -5.86 -41.73 6.35
C LYS B 304 -4.84 -41.84 5.23
N LEU B 305 -3.87 -42.73 5.46
CA LEU B 305 -2.82 -42.99 4.48
C LEU B 305 -3.33 -44.04 3.50
N GLN B 306 -3.59 -43.59 2.28
CA GLN B 306 -4.08 -44.48 1.25
C GLN B 306 -2.96 -45.13 0.47
N PRO B 307 -3.07 -46.44 0.21
CA PRO B 307 -2.06 -47.19 -0.53
C PRO B 307 -1.77 -46.67 -1.93
N ASP B 308 -2.62 -45.79 -2.43
CA ASP B 308 -2.39 -45.24 -3.76
C ASP B 308 -1.39 -44.09 -3.64
N GLY B 309 -1.25 -43.55 -2.42
CA GLY B 309 -0.29 -42.47 -2.22
C GLY B 309 -0.83 -41.16 -1.67
N LYS B 310 -2.10 -40.89 -1.96
CA LYS B 310 -2.77 -39.67 -1.50
C LYS B 310 -3.15 -39.79 -0.03
N LEU B 311 -2.91 -38.72 0.71
CA LEU B 311 -3.22 -38.66 2.14
C LEU B 311 -4.49 -37.84 2.24
N MET B 312 -5.59 -38.51 2.58
CA MET B 312 -6.85 -37.82 2.65
C MET B 312 -7.39 -37.52 4.05
N PRO B 313 -7.96 -36.33 4.24
CA PRO B 313 -8.50 -35.94 5.54
C PRO B 313 -9.80 -36.67 5.84
N MET B 314 -10.08 -36.89 7.11
CA MET B 314 -11.32 -37.55 7.50
C MET B 314 -12.16 -36.70 8.42
N VAL B 315 -11.53 -36.10 9.43
CA VAL B 315 -12.28 -35.30 10.39
C VAL B 315 -11.54 -34.00 10.72
N ILE B 316 -12.30 -33.01 11.16
CA ILE B 316 -11.72 -31.75 11.57
C ILE B 316 -12.47 -31.23 12.76
N GLN B 317 -11.77 -31.14 13.88
CA GLN B 317 -12.35 -30.62 15.11
C GLN B 317 -11.66 -29.29 15.40
N LEU B 318 -12.39 -28.18 15.28
CA LEU B 318 -11.81 -26.84 15.48
C LEU B 318 -11.62 -26.37 16.91
N HIS B 319 -12.38 -26.94 17.85
CA HIS B 319 -12.26 -26.51 19.23
C HIS B 319 -11.76 -27.65 20.07
N LEU B 320 -11.29 -27.33 21.27
CA LEU B 320 -10.90 -28.38 22.20
C LEU B 320 -12.05 -28.48 23.18
N PRO B 321 -12.44 -29.70 23.54
CA PRO B 321 -13.55 -29.91 24.47
C PRO B 321 -13.20 -29.40 25.87
N LYS B 322 -14.08 -28.60 26.45
CA LYS B 322 -13.88 -28.10 27.80
C LYS B 322 -14.33 -29.23 28.72
N ILE B 323 -13.59 -29.46 29.79
CA ILE B 323 -13.90 -30.52 30.74
C ILE B 323 -15.26 -30.30 31.42
N GLY B 324 -16.16 -31.25 31.24
CA GLY B 324 -17.47 -31.16 31.86
C GLY B 324 -18.52 -30.49 31.00
N SER B 325 -18.36 -30.59 29.69
CA SER B 325 -19.31 -29.97 28.80
C SER B 325 -19.42 -30.78 27.54
N SER B 326 -20.49 -30.53 26.81
CA SER B 326 -20.77 -31.22 25.58
C SER B 326 -19.62 -31.08 24.60
N PRO B 327 -19.44 -32.09 23.74
CA PRO B 327 -18.34 -32.03 22.77
C PRO B 327 -18.57 -31.03 21.62
N PRO B 328 -17.49 -30.51 21.03
CA PRO B 328 -17.60 -29.56 19.92
C PRO B 328 -17.87 -30.37 18.71
N PRO B 329 -18.39 -29.75 17.66
CA PRO B 329 -18.72 -30.42 16.41
C PRO B 329 -17.51 -31.01 15.69
N LEU B 330 -17.76 -32.01 14.86
CA LEU B 330 -16.74 -32.67 14.06
C LEU B 330 -17.11 -32.42 12.60
N PHE B 331 -16.13 -32.01 11.78
CA PHE B 331 -16.39 -31.74 10.37
C PHE B 331 -15.97 -32.87 9.43
N LEU B 332 -16.84 -33.08 8.45
CA LEU B 332 -16.69 -34.14 7.48
C LEU B 332 -16.77 -33.70 6.02
N PRO B 333 -15.99 -34.36 5.14
CA PRO B 333 -15.96 -34.07 3.72
C PRO B 333 -17.34 -34.23 3.13
N THR B 334 -18.16 -35.03 3.82
CA THR B 334 -19.52 -35.33 3.42
C THR B 334 -20.47 -34.16 3.64
N ASP B 335 -20.06 -33.27 4.55
CA ASP B 335 -20.87 -32.10 4.87
C ASP B 335 -20.96 -31.10 3.74
N PRO B 336 -21.89 -30.13 3.86
CA PRO B 336 -22.08 -29.12 2.83
C PRO B 336 -20.76 -28.55 2.33
N PRO B 337 -20.66 -28.35 1.03
CA PRO B 337 -19.42 -27.84 0.46
C PRO B 337 -18.82 -26.68 1.26
N MET B 338 -19.59 -25.62 1.45
CA MET B 338 -19.12 -24.43 2.16
C MET B 338 -18.73 -24.63 3.64
N VAL B 339 -19.31 -25.66 4.26
CA VAL B 339 -19.05 -26.01 5.66
C VAL B 339 -17.66 -26.65 5.80
N TRP B 340 -17.42 -27.70 5.03
CA TRP B 340 -16.15 -28.41 5.05
C TRP B 340 -14.99 -27.50 4.63
N LEU B 341 -15.21 -26.75 3.56
CA LEU B 341 -14.17 -25.87 3.03
C LEU B 341 -13.77 -24.84 4.07
N LEU B 342 -14.77 -24.34 4.79
CA LEU B 342 -14.53 -23.35 5.79
C LEU B 342 -13.72 -23.96 6.89
N ALA B 343 -14.00 -25.21 7.22
CA ALA B 343 -13.24 -25.84 8.29
C ALA B 343 -11.79 -25.98 7.84
N LYS B 344 -11.62 -26.37 6.58
CA LYS B 344 -10.27 -26.53 6.07
C LYS B 344 -9.55 -25.19 6.10
N CYS B 345 -10.27 -24.12 5.76
CA CYS B 345 -9.70 -22.75 5.76
C CYS B 345 -9.21 -22.39 7.14
N TRP B 346 -9.81 -23.00 8.16
CA TRP B 346 -9.38 -22.69 9.51
C TRP B 346 -8.11 -23.42 9.78
N VAL B 347 -8.06 -24.67 9.36
CA VAL B 347 -6.86 -25.41 9.61
C VAL B 347 -5.67 -24.79 8.87
N ARG B 348 -5.91 -24.33 7.65
CA ARG B 348 -4.86 -23.70 6.83
C ARG B 348 -4.35 -22.42 7.44
N SER B 349 -5.26 -21.71 8.09
CA SER B 349 -4.90 -20.46 8.74
C SER B 349 -4.03 -20.75 9.92
N SER B 350 -4.46 -21.72 10.74
CA SER B 350 -3.73 -22.14 11.94
C SER B 350 -2.34 -22.67 11.62
N ASP B 351 -2.24 -23.38 10.50
CA ASP B 351 -0.95 -23.93 10.06
C ASP B 351 -0.06 -22.72 9.76
N PHE B 352 -0.68 -21.71 9.18
CA PHE B 352 0.08 -20.51 8.83
C PHE B 352 0.71 -19.89 10.07
N GLN B 353 -0.03 -19.83 11.17
CA GLN B 353 0.46 -19.22 12.42
C GLN B 353 1.61 -20.02 13.01
N VAL B 354 1.37 -21.31 13.26
CA VAL B 354 2.35 -22.25 13.82
C VAL B 354 3.64 -22.41 13.00
N HIS B 355 3.46 -22.52 11.69
CA HIS B 355 4.60 -22.63 10.79
C HIS B 355 5.53 -21.45 11.01
N GLU B 356 5.00 -20.25 10.81
CA GLU B 356 5.83 -19.10 10.93
C GLU B 356 6.42 -18.93 12.31
N LEU B 357 5.68 -19.23 13.36
CA LEU B 357 6.25 -18.99 14.68
C LEU B 357 7.03 -20.13 15.35
N ASN B 358 6.55 -21.35 15.19
CA ASN B 358 7.23 -22.43 15.83
C ASN B 358 8.28 -23.07 14.96
N SER B 359 7.83 -23.63 13.85
CA SER B 359 8.69 -24.30 12.88
C SER B 359 9.73 -23.35 12.28
N HIS B 360 9.29 -22.17 11.84
CA HIS B 360 10.21 -21.23 11.21
C HIS B 360 10.95 -20.33 12.22
N LEU B 361 10.26 -19.44 12.92
CA LEU B 361 10.95 -18.53 13.84
C LEU B 361 11.70 -19.23 14.96
N LEU B 362 10.99 -19.95 15.83
CA LEU B 362 11.64 -20.63 16.94
C LEU B 362 12.58 -21.76 16.51
N ARG B 363 12.06 -22.85 15.95
CA ARG B 363 12.95 -23.96 15.55
C ARG B 363 14.04 -23.65 14.51
N GLY B 364 13.79 -22.67 13.64
CA GLY B 364 14.79 -22.34 12.65
C GLY B 364 15.70 -21.20 13.05
N HIS B 365 15.14 -20.01 13.16
CA HIS B 365 15.96 -18.87 13.48
C HIS B 365 16.50 -18.74 14.90
N LEU B 366 15.64 -18.81 15.90
CA LEU B 366 16.06 -18.64 17.30
C LEU B 366 16.92 -19.77 17.81
N MET B 367 16.75 -20.96 17.26
CA MET B 367 17.56 -22.10 17.68
C MET B 367 18.93 -21.83 17.12
N ALA B 368 19.00 -21.51 15.84
CA ALA B 368 20.26 -21.20 15.17
C ALA B 368 21.07 -20.08 15.83
N GLU B 369 20.38 -19.09 16.39
CA GLU B 369 21.01 -17.97 17.05
C GLU B 369 21.69 -18.43 18.32
N VAL B 370 21.10 -19.42 18.96
CA VAL B 370 21.65 -19.95 20.19
C VAL B 370 22.94 -20.65 19.86
N PHE B 371 22.92 -21.42 18.78
CA PHE B 371 24.11 -22.12 18.38
C PHE B 371 25.18 -21.12 18.02
N THR B 372 24.79 -20.08 17.29
CA THR B 372 25.74 -19.06 16.87
C THR B 372 26.46 -18.38 18.03
N VAL B 373 25.70 -17.79 18.94
CA VAL B 373 26.30 -17.12 20.07
C VAL B 373 27.24 -18.03 20.83
N ALA B 374 26.72 -19.18 21.25
CA ALA B 374 27.51 -20.14 21.99
C ALA B 374 28.78 -20.51 21.27
N THR B 375 28.71 -20.68 19.95
CA THR B 375 29.91 -21.06 19.26
C THR B 375 30.90 -19.95 19.31
N MET B 376 30.42 -18.72 19.31
CA MET B 376 31.31 -17.58 19.32
C MET B 376 31.93 -17.35 20.69
N ARG B 377 31.13 -17.61 21.73
CA ARG B 377 31.61 -17.44 23.09
C ARG B 377 32.54 -18.52 23.62
N CYS B 378 32.29 -19.76 23.25
CA CYS B 378 33.08 -20.88 23.75
C CYS B 378 34.18 -21.51 22.87
N LEU B 379 33.94 -21.70 21.58
CA LEU B 379 34.96 -22.31 20.71
C LEU B 379 35.86 -21.27 20.05
N PRO B 380 37.18 -21.38 20.25
CA PRO B 380 38.13 -20.44 19.64
C PRO B 380 38.45 -20.77 18.20
N SER B 381 39.02 -19.80 17.48
CA SER B 381 39.36 -19.98 16.07
C SER B 381 40.17 -21.25 15.79
N ILE B 382 41.17 -21.50 16.64
CA ILE B 382 42.05 -22.66 16.49
C ILE B 382 41.30 -23.98 16.65
N HIS B 383 40.11 -23.91 17.24
CA HIS B 383 39.34 -25.11 17.48
C HIS B 383 38.70 -25.67 16.24
N PRO B 384 38.94 -26.95 15.98
CA PRO B 384 38.36 -27.57 14.79
C PRO B 384 36.84 -27.49 14.69
N VAL B 385 36.15 -27.68 15.81
CA VAL B 385 34.70 -27.63 15.81
C VAL B 385 34.19 -26.25 15.40
N PHE B 386 35.00 -25.24 15.69
CA PHE B 386 34.65 -23.90 15.31
C PHE B 386 34.82 -23.77 13.83
N LYS B 387 35.88 -24.36 13.33
CA LYS B 387 36.17 -24.27 11.91
C LYS B 387 35.15 -25.06 11.09
N LEU B 388 34.48 -25.99 11.76
CA LEU B 388 33.50 -26.82 11.08
C LEU B 388 32.12 -26.19 11.04
N ILE B 389 31.76 -25.51 12.13
CA ILE B 389 30.46 -24.89 12.26
C ILE B 389 30.34 -23.43 11.84
N VAL B 390 31.35 -22.64 12.16
CA VAL B 390 31.28 -21.22 11.85
C VAL B 390 30.79 -20.80 10.46
N PRO B 391 31.03 -21.64 9.44
CA PRO B 391 30.54 -21.24 8.11
C PRO B 391 29.03 -21.23 8.04
N HIS B 392 28.46 -22.09 8.86
CA HIS B 392 27.02 -22.30 8.93
C HIS B 392 26.27 -21.36 9.88
N LEU B 393 26.96 -20.35 10.34
CA LEU B 393 26.39 -19.38 11.24
C LEU B 393 26.35 -17.99 10.62
N ARG B 394 26.75 -17.85 9.35
CA ARG B 394 26.80 -16.54 8.71
C ARG B 394 25.51 -15.73 8.59
N TYR B 395 25.58 -14.49 9.08
CA TYR B 395 24.48 -13.53 9.04
C TYR B 395 23.24 -13.91 9.81
N THR B 396 23.33 -14.93 10.66
CA THR B 396 22.18 -15.38 11.42
C THR B 396 21.75 -14.35 12.46
N LEU B 397 22.70 -13.67 13.07
CA LEU B 397 22.36 -12.67 14.08
C LEU B 397 21.77 -11.45 13.36
N GLU B 398 22.37 -11.11 12.22
CA GLU B 398 21.93 -9.96 11.41
C GLU B 398 20.47 -10.07 11.06
N ILE B 399 20.04 -11.21 10.57
CA ILE B 399 18.64 -11.36 10.20
C ILE B 399 17.70 -11.34 11.38
N ASN B 400 18.05 -12.10 12.40
CA ASN B 400 17.24 -12.17 13.58
C ASN B 400 17.13 -10.85 14.30
N VAL B 401 18.19 -10.05 14.29
CA VAL B 401 18.08 -8.79 15.00
C VAL B 401 17.14 -7.90 14.23
N ARG B 402 17.17 -8.01 12.91
CA ARG B 402 16.28 -7.22 12.08
C ARG B 402 14.86 -7.70 12.26
N ALA B 403 14.70 -9.01 12.43
CA ALA B 403 13.36 -9.56 12.62
C ALA B 403 12.70 -8.99 13.87
N ARG B 404 13.46 -8.94 14.95
CA ARG B 404 12.92 -8.41 16.19
C ARG B 404 12.86 -6.89 16.13
N ASN B 405 13.25 -6.34 15.00
CA ASN B 405 13.20 -4.90 14.85
C ASN B 405 12.45 -4.56 13.57
N GLY B 406 11.22 -5.01 13.49
CA GLY B 406 10.43 -4.72 12.31
C GLY B 406 9.37 -5.73 11.94
N LEU B 407 9.62 -7.00 12.25
CA LEU B 407 8.67 -8.05 11.90
C LEU B 407 7.89 -8.62 13.06
N VAL B 408 8.59 -9.30 13.96
CA VAL B 408 7.91 -9.88 15.11
C VAL B 408 7.85 -8.91 16.28
N SER B 409 8.46 -7.75 16.11
CA SER B 409 8.48 -6.71 17.14
C SER B 409 7.10 -6.07 17.36
N ASP B 410 6.85 -5.56 18.56
CA ASP B 410 5.56 -4.93 18.85
C ASP B 410 5.22 -3.85 17.85
N PHE B 411 3.97 -3.82 17.39
CA PHE B 411 3.54 -2.83 16.40
C PHE B 411 4.29 -3.10 15.11
N GLY B 412 4.82 -4.31 14.97
CA GLY B 412 5.56 -4.68 13.78
C GLY B 412 4.69 -5.28 12.69
N ILE B 413 5.31 -5.77 11.62
CA ILE B 413 4.61 -6.34 10.49
C ILE B 413 3.78 -7.56 10.84
N PHE B 414 4.20 -8.33 11.83
CA PHE B 414 3.47 -9.53 12.21
C PHE B 414 2.25 -9.08 12.99
N ASP B 415 2.44 -8.08 13.84
CA ASP B 415 1.37 -7.51 14.64
C ASP B 415 0.42 -6.73 13.76
N GLN B 416 0.74 -6.65 12.47
CA GLN B 416 -0.08 -5.93 11.55
C GLN B 416 -0.99 -6.80 10.68
N ILE B 417 -0.65 -8.07 10.50
CA ILE B 417 -1.48 -8.92 9.64
C ILE B 417 -1.86 -10.30 10.15
N MET B 418 -1.19 -10.74 11.20
CA MET B 418 -1.41 -12.06 11.74
C MET B 418 -2.36 -12.09 12.92
N SER B 419 -3.24 -13.08 12.92
CA SER B 419 -4.19 -13.21 14.00
C SER B 419 -3.49 -13.53 15.30
N THR B 420 -2.22 -13.97 15.22
CA THR B 420 -1.41 -14.28 16.42
C THR B 420 -0.63 -13.07 16.89
N GLY B 421 -0.67 -12.01 16.08
CA GLY B 421 0.03 -10.81 16.44
C GLY B 421 -0.58 -10.06 17.61
N GLY B 422 0.15 -9.10 18.15
CA GLY B 422 -0.35 -8.29 19.24
C GLY B 422 -0.10 -8.89 20.60
N GLY B 423 0.96 -9.67 20.73
CA GLY B 423 1.30 -10.28 21.99
C GLY B 423 1.18 -11.79 21.99
N GLY B 424 0.05 -12.26 21.46
CA GLY B 424 -0.22 -13.68 21.38
C GLY B 424 0.91 -14.46 20.73
N HIS B 425 1.61 -13.84 19.78
CA HIS B 425 2.71 -14.54 19.12
C HIS B 425 3.86 -14.81 20.05
N VAL B 426 4.07 -13.94 21.03
CA VAL B 426 5.16 -14.15 21.97
C VAL B 426 4.79 -15.31 22.88
N GLN B 427 3.51 -15.44 23.17
CA GLN B 427 3.05 -16.52 24.02
C GLN B 427 3.27 -17.85 23.31
N LEU B 428 3.05 -17.86 22.01
CA LEU B 428 3.19 -19.11 21.30
C LEU B 428 4.65 -19.55 21.40
N LEU B 429 5.56 -18.59 21.46
CA LEU B 429 6.97 -18.93 21.57
C LEU B 429 7.35 -19.38 22.96
N GLN B 430 6.59 -18.95 23.95
CA GLN B 430 6.90 -19.32 25.31
C GLN B 430 6.45 -20.77 25.52
N GLN B 431 5.26 -21.09 25.01
CA GLN B 431 4.72 -22.44 25.14
C GLN B 431 5.60 -23.44 24.40
N ALA B 432 5.86 -23.13 23.13
CA ALA B 432 6.69 -23.94 22.22
C ALA B 432 8.13 -24.20 22.64
N GLY B 433 8.61 -23.48 23.64
CA GLY B 433 9.98 -23.66 24.07
C GLY B 433 10.12 -24.99 24.78
N ALA B 434 9.10 -25.38 25.52
CA ALA B 434 9.16 -26.63 26.26
C ALA B 434 9.14 -27.85 25.37
N PHE B 435 8.73 -27.70 24.12
CA PHE B 435 8.64 -28.82 23.18
C PHE B 435 9.85 -28.94 22.25
N LEU B 436 10.88 -28.15 22.50
CA LEU B 436 12.07 -28.22 21.66
C LEU B 436 12.88 -29.35 22.22
N THR B 437 12.55 -30.57 21.84
CA THR B 437 13.31 -31.72 22.34
C THR B 437 14.45 -32.05 21.40
N TYR B 438 15.51 -32.61 21.96
CA TYR B 438 16.68 -32.97 21.17
C TYR B 438 16.26 -33.84 19.98
N ARG B 439 15.49 -34.91 20.22
CA ARG B 439 15.06 -35.81 19.14
C ARG B 439 14.33 -35.14 17.99
N SER B 440 13.60 -34.06 18.30
CA SER B 440 12.86 -33.34 17.27
C SER B 440 13.75 -32.67 16.23
N PHE B 441 14.97 -32.36 16.63
CA PHE B 441 15.91 -31.69 15.73
C PHE B 441 16.77 -32.69 14.97
N CYS B 442 16.48 -33.97 15.14
CA CYS B 442 17.23 -35.03 14.49
C CYS B 442 16.30 -35.93 13.68
N PRO B 443 16.33 -35.77 12.35
CA PRO B 443 15.51 -36.53 11.40
C PRO B 443 15.32 -38.01 11.73
N PRO B 444 16.42 -38.78 11.92
CA PRO B 444 16.28 -40.20 12.23
C PRO B 444 15.36 -40.41 13.40
N ASP B 445 15.49 -39.59 14.44
CA ASP B 445 14.64 -39.74 15.61
C ASP B 445 13.27 -39.11 15.44
N ASP B 446 13.22 -37.95 14.79
CA ASP B 446 11.96 -37.27 14.58
C ASP B 446 11.05 -38.08 13.67
N LEU B 447 11.53 -38.40 12.47
CA LEU B 447 10.77 -39.17 11.49
C LEU B 447 10.27 -40.52 11.98
N ALA B 448 10.98 -41.06 12.95
CA ALA B 448 10.62 -42.33 13.54
C ALA B 448 9.49 -42.10 14.53
N ASP B 449 9.68 -41.12 15.41
CA ASP B 449 8.68 -40.81 16.41
C ASP B 449 7.37 -40.36 15.77
N ARG B 450 7.44 -39.76 14.58
CA ARG B 450 6.20 -39.31 13.93
C ARG B 450 5.69 -40.28 12.85
N GLY B 451 6.29 -41.47 12.80
CA GLY B 451 5.88 -42.50 11.85
C GLY B 451 5.93 -42.14 10.37
N LEU B 452 6.99 -41.46 9.96
CA LEU B 452 7.11 -41.05 8.56
C LEU B 452 7.95 -42.00 7.74
N LEU B 453 8.70 -42.85 8.43
CA LEU B 453 9.54 -43.84 7.77
C LEU B 453 8.59 -44.90 7.29
N GLY B 454 8.80 -45.38 6.08
CA GLY B 454 7.92 -46.40 5.58
C GLY B 454 6.90 -45.80 4.65
N VAL B 455 6.67 -44.50 4.80
CA VAL B 455 5.73 -43.79 3.95
C VAL B 455 6.35 -43.36 2.62
N GLU B 456 5.98 -44.01 1.53
CA GLU B 456 6.54 -43.70 0.22
C GLU B 456 6.03 -42.38 -0.30
N SER B 457 4.95 -41.88 0.29
CA SER B 457 4.33 -40.63 -0.14
C SER B 457 5.12 -39.40 0.31
N SER B 458 5.80 -39.51 1.45
CA SER B 458 6.57 -38.40 2.03
C SER B 458 7.93 -38.14 1.36
N PHE B 459 8.02 -37.14 0.50
CA PHE B 459 9.29 -36.86 -0.15
C PHE B 459 10.21 -36.10 0.80
N TYR B 460 9.63 -35.46 1.80
CA TYR B 460 10.41 -34.71 2.78
C TYR B 460 11.23 -35.67 3.64
N ALA B 461 10.60 -36.76 4.06
CA ALA B 461 11.28 -37.76 4.88
C ALA B 461 12.45 -38.36 4.11
N GLN B 462 12.21 -38.69 2.85
CA GLN B 462 13.28 -39.26 2.04
C GLN B 462 14.49 -38.33 1.96
N ASP B 463 14.23 -37.08 1.61
CA ASP B 463 15.27 -36.05 1.48
C ASP B 463 15.98 -35.63 2.76
N ALA B 464 15.20 -35.47 3.82
CA ALA B 464 15.72 -35.05 5.12
C ALA B 464 16.65 -36.10 5.69
N LEU B 465 16.25 -37.35 5.58
CA LEU B 465 17.04 -38.44 6.10
C LEU B 465 18.40 -38.44 5.44
N ARG B 466 18.39 -38.37 4.12
CA ARG B 466 19.64 -38.40 3.35
C ARG B 466 20.52 -37.17 3.55
N LEU B 467 19.87 -36.01 3.57
CA LEU B 467 20.60 -34.76 3.74
C LEU B 467 21.25 -34.76 5.11
N TRP B 468 20.69 -35.52 6.04
CA TRP B 468 21.23 -35.60 7.39
C TRP B 468 22.44 -36.52 7.41
N GLU B 469 22.31 -37.62 6.69
CA GLU B 469 23.39 -38.59 6.61
C GLU B 469 24.60 -38.04 5.85
N ILE B 470 24.35 -37.31 4.77
CA ILE B 470 25.46 -36.73 4.02
C ILE B 470 26.26 -35.76 4.87
N ILE B 471 25.57 -35.07 5.75
CA ILE B 471 26.19 -34.10 6.64
C ILE B 471 26.85 -34.85 7.76
N SER B 472 26.18 -35.92 8.16
CA SER B 472 26.70 -36.73 9.22
C SER B 472 28.09 -37.23 8.86
N ARG B 473 28.26 -37.58 7.60
CA ARG B 473 29.54 -38.07 7.12
C ARG B 473 30.56 -36.96 7.13
N TYR B 474 30.14 -35.78 6.68
CA TYR B 474 31.04 -34.65 6.67
C TYR B 474 31.57 -34.40 8.07
N VAL B 475 30.69 -34.36 9.05
CA VAL B 475 31.10 -34.13 10.44
C VAL B 475 32.06 -35.18 10.96
N GLN B 476 31.65 -36.44 10.81
CA GLN B 476 32.47 -37.55 11.26
C GLN B 476 33.84 -37.51 10.59
N GLY B 477 33.86 -37.03 9.35
CA GLY B 477 35.12 -36.96 8.64
C GLY B 477 36.11 -36.04 9.29
N ILE B 478 35.67 -34.88 9.73
CA ILE B 478 36.60 -33.95 10.34
C ILE B 478 36.88 -34.29 11.79
N MET B 479 35.81 -34.60 12.52
CA MET B 479 35.97 -34.93 13.92
C MET B 479 36.93 -36.12 14.11
N GLY B 480 37.03 -37.02 13.13
CA GLY B 480 37.94 -38.16 13.30
C GLY B 480 39.41 -37.77 13.25
N LEU B 481 39.64 -36.60 12.70
CA LEU B 481 40.99 -36.08 12.57
C LEU B 481 41.48 -35.40 13.82
N TYR B 482 40.57 -35.11 14.75
CA TYR B 482 40.99 -34.46 15.99
C TYR B 482 40.67 -35.22 17.24
N TYR B 483 39.66 -36.09 17.18
CA TYR B 483 39.29 -36.88 18.35
C TYR B 483 39.47 -38.34 17.99
N LYS B 484 40.62 -38.88 18.35
CA LYS B 484 40.94 -40.27 18.04
C LYS B 484 40.12 -41.27 18.84
N THR B 485 39.89 -40.99 20.11
CA THR B 485 39.11 -41.90 20.95
C THR B 485 37.92 -41.22 21.61
N ASP B 486 37.03 -42.03 22.15
CA ASP B 486 35.85 -41.52 22.84
C ASP B 486 36.28 -40.85 24.12
N GLU B 487 37.55 -40.95 24.48
CA GLU B 487 38.00 -40.33 25.70
C GLU B 487 38.57 -38.96 25.37
N ALA B 488 38.85 -38.76 24.10
CA ALA B 488 39.40 -37.49 23.66
C ALA B 488 38.36 -36.36 23.78
N VAL B 489 37.09 -36.67 23.52
CA VAL B 489 36.03 -35.67 23.58
C VAL B 489 35.67 -35.22 25.00
N ARG B 490 35.84 -36.14 25.94
CA ARG B 490 35.54 -35.87 27.34
C ARG B 490 36.59 -34.93 27.94
N ASP B 491 37.82 -35.12 27.48
CA ASP B 491 38.94 -34.34 27.96
C ASP B 491 38.97 -32.91 27.41
N ASP B 492 38.21 -32.64 26.37
CA ASP B 492 38.21 -31.30 25.82
C ASP B 492 37.33 -30.34 26.59
N LEU B 493 37.93 -29.58 27.49
CA LEU B 493 37.20 -28.63 28.31
C LEU B 493 36.42 -27.64 27.48
N GLU B 494 37.00 -27.17 26.38
CA GLU B 494 36.27 -26.18 25.60
C GLU B 494 35.01 -26.75 24.97
N LEU B 495 35.07 -27.98 24.47
CA LEU B 495 33.91 -28.58 23.85
C LEU B 495 32.77 -28.69 24.86
N GLN B 496 33.08 -29.30 25.99
CA GLN B 496 32.09 -29.50 27.03
C GLN B 496 31.49 -28.17 27.48
N SER B 497 32.30 -27.13 27.51
CA SER B 497 31.80 -25.82 27.94
C SER B 497 30.77 -25.31 26.96
N TRP B 498 31.08 -25.49 25.69
CA TRP B 498 30.24 -25.08 24.57
C TRP B 498 28.90 -25.82 24.71
N CYS B 499 28.97 -27.12 24.89
CA CYS B 499 27.78 -27.94 25.04
C CYS B 499 26.82 -27.40 26.08
N ARG B 500 27.35 -27.03 27.24
CA ARG B 500 26.52 -26.50 28.30
C ARG B 500 26.03 -25.08 28.00
N GLU B 501 26.83 -24.31 27.27
CA GLU B 501 26.49 -22.94 26.92
C GLU B 501 25.16 -22.95 26.18
N ILE B 502 24.96 -24.00 25.39
CA ILE B 502 23.77 -24.18 24.56
C ILE B 502 22.58 -24.76 25.30
N THR B 503 22.82 -25.91 25.93
CA THR B 503 21.80 -26.64 26.67
C THR B 503 21.30 -25.95 27.93
N GLU B 504 22.22 -25.71 28.87
CA GLU B 504 21.86 -25.10 30.13
C GLU B 504 21.52 -23.62 30.05
N ILE B 505 22.38 -22.85 29.41
CA ILE B 505 22.20 -21.41 29.32
C ILE B 505 21.32 -20.95 28.16
N GLY B 506 21.86 -21.04 26.95
CA GLY B 506 21.11 -20.63 25.76
C GLY B 506 19.67 -21.05 25.67
N LEU B 507 19.41 -22.32 25.97
CA LEU B 507 18.06 -22.87 25.94
C LEU B 507 17.43 -22.98 27.31
N GLN B 508 17.91 -22.17 28.25
CA GLN B 508 17.38 -22.17 29.60
C GLN B 508 17.23 -23.55 30.24
N GLY B 509 18.25 -24.41 30.14
CA GLY B 509 18.17 -25.73 30.75
C GLY B 509 17.37 -26.76 29.98
N ALA B 510 17.80 -27.07 28.76
CA ALA B 510 17.12 -28.02 27.88
C ALA B 510 17.45 -29.47 28.17
N GLN B 511 18.08 -29.73 29.32
CA GLN B 511 18.42 -31.10 29.68
C GLN B 511 17.12 -31.85 29.93
N LYS B 512 16.09 -31.10 30.34
CA LYS B 512 14.78 -31.67 30.63
C LYS B 512 14.10 -32.07 29.33
N GLN B 513 14.42 -31.35 28.26
CA GLN B 513 13.84 -31.65 26.95
C GLN B 513 14.54 -32.80 26.27
N GLY B 514 15.80 -33.01 26.59
CA GLY B 514 16.49 -34.11 25.97
C GLY B 514 17.87 -33.75 25.43
N PHE B 515 18.19 -32.47 25.52
CA PHE B 515 19.48 -32.00 25.04
C PHE B 515 20.56 -32.44 26.01
N PRO B 516 21.74 -32.80 25.49
CA PRO B 516 22.85 -33.23 26.34
C PRO B 516 23.63 -32.06 26.88
N THR B 517 24.16 -32.19 28.09
CA THR B 517 24.93 -31.13 28.74
C THR B 517 26.45 -31.41 28.69
N SER B 518 26.78 -32.68 28.53
CA SER B 518 28.16 -33.10 28.44
C SER B 518 28.20 -34.21 27.40
N LEU B 519 29.17 -34.13 26.50
CA LEU B 519 29.34 -35.11 25.44
C LEU B 519 30.24 -36.26 25.87
N GLN B 520 29.69 -37.47 25.89
CA GLN B 520 30.42 -38.69 26.31
C GLN B 520 31.38 -39.36 25.33
N SER B 521 30.92 -39.59 24.11
CA SER B 521 31.76 -40.24 23.12
C SER B 521 31.83 -39.42 21.88
N VAL B 522 32.59 -39.94 20.92
CA VAL B 522 32.75 -39.29 19.64
C VAL B 522 31.44 -39.44 18.84
N ALA B 523 30.74 -40.53 19.08
CA ALA B 523 29.48 -40.77 18.38
C ALA B 523 28.44 -39.77 18.87
N GLN B 524 28.53 -39.43 20.15
CA GLN B 524 27.58 -38.52 20.78
C GLN B 524 27.92 -37.10 20.36
N ALA B 525 29.21 -36.83 20.25
CA ALA B 525 29.68 -35.51 19.86
C ALA B 525 29.33 -35.23 18.42
N CYS B 526 29.61 -36.17 17.55
CA CYS B 526 29.30 -35.97 16.14
C CYS B 526 27.81 -35.78 15.90
N HIS B 527 27.00 -36.45 16.70
CA HIS B 527 25.55 -36.38 16.59
C HIS B 527 25.10 -34.98 17.01
N PHE B 528 25.84 -34.36 17.91
CA PHE B 528 25.48 -33.02 18.36
C PHE B 528 25.81 -31.97 17.33
N VAL B 529 26.99 -32.10 16.73
CA VAL B 529 27.43 -31.15 15.73
C VAL B 529 26.57 -31.28 14.48
N THR B 530 26.21 -32.49 14.14
CA THR B 530 25.39 -32.68 12.94
C THR B 530 24.03 -32.05 13.14
N MET B 531 23.49 -32.23 14.33
CA MET B 531 22.21 -31.66 14.68
C MET B 531 22.33 -30.13 14.47
N CYS B 532 23.36 -29.50 15.02
CA CYS B 532 23.51 -28.07 14.86
C CYS B 532 23.50 -27.70 13.39
N ILE B 533 24.44 -28.26 12.65
CA ILE B 533 24.54 -27.95 11.23
C ILE B 533 23.28 -28.21 10.42
N PHE B 534 22.57 -29.30 10.73
CA PHE B 534 21.38 -29.56 9.98
C PHE B 534 20.38 -28.45 10.24
N THR B 535 20.19 -28.11 11.50
CA THR B 535 19.23 -27.08 11.83
C THR B 535 19.44 -25.75 11.10
N CYS B 536 20.69 -25.44 10.75
CA CYS B 536 21.05 -24.17 10.07
C CYS B 536 21.03 -24.25 8.56
N THR B 537 20.92 -25.46 8.05
CA THR B 537 20.91 -25.69 6.62
C THR B 537 19.62 -26.36 6.16
N GLY B 538 19.57 -27.68 6.29
CA GLY B 538 18.37 -28.38 5.89
C GLY B 538 17.07 -27.96 6.54
N GLN B 539 17.01 -28.02 7.87
CA GLN B 539 15.81 -27.67 8.64
C GLN B 539 15.21 -26.35 8.21
N HIS B 540 16.05 -25.33 8.07
CA HIS B 540 15.58 -24.01 7.67
C HIS B 540 15.08 -23.97 6.24
N SER B 541 15.86 -24.54 5.34
CA SER B 541 15.50 -24.50 3.93
C SER B 541 14.22 -25.25 3.62
N SER B 542 14.00 -26.34 4.35
CA SER B 542 12.82 -27.16 4.15
C SER B 542 11.57 -26.40 4.53
N ILE B 543 11.75 -25.36 5.32
CA ILE B 543 10.60 -24.60 5.79
C ILE B 543 10.45 -23.22 5.16
N HIS B 544 11.58 -22.59 4.91
CA HIS B 544 11.63 -21.25 4.35
C HIS B 544 11.27 -21.20 2.86
N LEU B 545 11.85 -22.11 2.10
CA LEU B 545 11.65 -22.18 0.66
C LEU B 545 10.24 -22.43 0.16
N GLY B 546 9.34 -22.90 1.02
CA GLY B 546 7.98 -23.17 0.58
C GLY B 546 7.00 -22.03 0.80
N GLN B 547 7.47 -20.98 1.46
CA GLN B 547 6.62 -19.85 1.76
C GLN B 547 6.00 -19.27 0.51
N LEU B 548 6.79 -19.06 -0.52
CA LEU B 548 6.31 -18.50 -1.78
C LEU B 548 5.33 -19.43 -2.52
N ASP B 549 5.68 -20.70 -2.56
CA ASP B 549 4.86 -21.68 -3.24
C ASP B 549 3.54 -21.97 -2.56
N TRP B 550 3.47 -21.86 -1.25
CA TRP B 550 2.20 -22.19 -0.66
C TRP B 550 1.42 -21.07 -0.04
N PHE B 551 2.11 -20.16 0.62
CA PHE B 551 1.43 -19.06 1.28
C PHE B 551 1.13 -17.80 0.45
N THR B 552 1.31 -17.84 -0.87
CA THR B 552 1.03 -16.66 -1.69
C THR B 552 -0.45 -16.63 -2.08
N TRP B 553 -1.12 -17.76 -1.93
CA TRP B 553 -2.54 -17.88 -2.20
C TRP B 553 -3.20 -17.74 -0.84
N VAL B 554 -3.64 -16.55 -0.52
CA VAL B 554 -4.22 -16.31 0.80
C VAL B 554 -5.20 -17.36 1.32
N PRO B 555 -6.14 -17.82 0.48
CA PRO B 555 -7.08 -18.84 0.96
C PRO B 555 -6.33 -20.06 1.51
N ASN B 556 -5.16 -20.36 0.95
CA ASN B 556 -4.44 -21.53 1.41
C ASN B 556 -3.70 -21.30 2.70
N ALA B 557 -3.69 -20.08 3.19
CA ALA B 557 -2.97 -19.81 4.43
C ALA B 557 -3.35 -18.42 4.92
N PRO B 558 -4.60 -18.26 5.34
CA PRO B 558 -5.10 -16.99 5.82
C PRO B 558 -4.30 -16.42 6.94
N CYS B 559 -3.80 -15.20 6.75
CA CYS B 559 -3.00 -14.51 7.75
C CYS B 559 -3.82 -14.28 9.02
N THR B 560 -5.13 -14.13 8.86
CA THR B 560 -6.01 -13.92 10.01
C THR B 560 -7.45 -14.30 9.65
N MET B 561 -8.34 -14.31 10.64
CA MET B 561 -9.75 -14.66 10.45
C MET B 561 -10.60 -13.62 11.17
N ARG B 562 -11.65 -13.18 10.52
CA ARG B 562 -12.51 -12.13 11.06
C ARG B 562 -13.85 -12.57 11.67
N LEU B 563 -13.96 -13.87 11.93
CA LEU B 563 -15.16 -14.42 12.55
C LEU B 563 -14.73 -15.57 13.45
N PRO B 564 -15.44 -15.77 14.56
CA PRO B 564 -15.01 -16.90 15.39
C PRO B 564 -15.30 -18.23 14.68
N PRO B 565 -14.59 -19.29 15.05
CA PRO B 565 -14.76 -20.63 14.46
C PRO B 565 -16.18 -21.15 14.73
N PRO B 566 -16.84 -21.71 13.71
CA PRO B 566 -18.21 -22.24 13.78
C PRO B 566 -18.52 -23.40 14.73
N THR B 567 -19.77 -23.43 15.17
CA THR B 567 -20.24 -24.48 16.06
C THR B 567 -21.46 -25.16 15.40
N THR B 568 -21.76 -24.71 14.19
CA THR B 568 -22.89 -25.18 13.38
C THR B 568 -22.48 -25.50 11.95
N LYS B 569 -23.39 -26.09 11.20
CA LYS B 569 -23.05 -26.41 9.85
C LYS B 569 -23.94 -25.68 8.85
N ASP B 570 -24.39 -24.49 9.23
CA ASP B 570 -25.24 -23.72 8.35
C ASP B 570 -24.48 -22.58 7.68
N ALA B 571 -23.16 -22.64 7.74
CA ALA B 571 -22.32 -21.62 7.13
C ALA B 571 -22.42 -21.70 5.60
N THR B 572 -22.45 -20.53 4.96
CA THR B 572 -22.52 -20.49 3.50
C THR B 572 -21.31 -19.78 2.97
N LEU B 573 -21.27 -19.54 1.66
CA LEU B 573 -20.14 -18.86 1.05
C LEU B 573 -20.04 -17.50 1.74
N GLU B 574 -21.18 -16.95 2.13
CA GLU B 574 -21.18 -15.64 2.79
C GLU B 574 -20.31 -15.69 4.03
N THR B 575 -20.49 -16.74 4.81
CA THR B 575 -19.72 -16.92 6.05
C THR B 575 -18.24 -17.14 5.78
N VAL B 576 -17.95 -17.83 4.70
CA VAL B 576 -16.57 -18.09 4.38
C VAL B 576 -15.88 -16.77 4.10
N MET B 577 -16.38 -16.05 3.11
CA MET B 577 -15.82 -14.76 2.73
C MET B 577 -15.71 -13.79 3.89
N ALA B 578 -16.66 -13.86 4.81
CA ALA B 578 -16.66 -12.94 5.93
C ALA B 578 -15.66 -13.33 7.02
N THR B 579 -15.08 -14.52 6.89
CA THR B 579 -14.10 -15.00 7.85
C THR B 579 -12.73 -14.73 7.27
N LEU B 580 -12.54 -15.12 6.02
CA LEU B 580 -11.26 -14.92 5.37
C LEU B 580 -10.76 -13.48 5.46
N PRO B 581 -9.45 -13.27 5.28
CA PRO B 581 -8.82 -11.94 5.34
C PRO B 581 -9.42 -10.98 4.32
N ASN B 582 -9.44 -9.67 4.59
CA ASN B 582 -10.02 -8.76 3.59
C ASN B 582 -9.01 -8.42 2.50
N LEU B 583 -9.46 -7.71 1.48
CA LEU B 583 -8.60 -7.32 0.37
C LEU B 583 -7.29 -6.76 0.89
N HIS B 584 -7.42 -5.82 1.81
CA HIS B 584 -6.26 -5.18 2.37
C HIS B 584 -5.35 -6.19 3.06
N GLN B 585 -5.92 -7.00 3.94
CA GLN B 585 -5.11 -7.98 4.65
C GLN B 585 -4.54 -9.00 3.70
N SER B 586 -5.28 -9.28 2.63
CA SER B 586 -4.81 -10.22 1.62
C SER B 586 -3.62 -9.61 0.87
N SER B 587 -3.68 -8.31 0.57
CA SER B 587 -2.58 -7.67 -0.16
C SER B 587 -1.35 -7.58 0.71
N LEU B 588 -1.53 -7.25 1.98
CA LEU B 588 -0.41 -7.17 2.91
C LEU B 588 0.27 -8.52 3.12
N GLN B 589 -0.49 -9.60 2.98
CA GLN B 589 0.09 -10.94 3.16
C GLN B 589 1.09 -11.20 2.04
N MET B 590 0.76 -10.72 0.85
CA MET B 590 1.60 -10.89 -0.33
C MET B 590 2.91 -10.15 -0.19
N SER B 591 2.81 -8.91 0.21
CA SER B 591 3.99 -8.08 0.36
C SER B 591 5.07 -8.80 1.16
N ILE B 592 4.79 -9.06 2.43
CA ILE B 592 5.80 -9.68 3.26
C ILE B 592 6.32 -11.03 2.77
N VAL B 593 5.51 -11.74 1.99
CA VAL B 593 5.87 -13.06 1.49
C VAL B 593 6.64 -13.01 0.18
N TRP B 594 6.09 -12.25 -0.77
CA TRP B 594 6.69 -12.11 -2.10
C TRP B 594 8.11 -11.57 -2.03
N GLN B 595 8.39 -10.75 -1.03
CA GLN B 595 9.74 -10.21 -0.95
C GLN B 595 10.80 -11.28 -0.81
N LEU B 596 10.41 -12.46 -0.34
CA LEU B 596 11.36 -13.56 -0.20
C LEU B 596 11.63 -14.24 -1.54
N GLY B 597 10.56 -14.53 -2.27
CA GLY B 597 10.69 -15.21 -3.55
C GLY B 597 11.36 -14.49 -4.70
N ARG B 598 12.69 -14.49 -4.70
CA ARG B 598 13.49 -13.88 -5.76
C ARG B 598 14.75 -14.71 -6.03
N ASP B 599 15.09 -15.56 -5.06
CA ASP B 599 16.28 -16.40 -5.18
C ASP B 599 17.51 -15.50 -5.20
N GLN B 600 17.89 -14.99 -4.03
CA GLN B 600 19.04 -14.10 -3.93
C GLN B 600 20.32 -14.66 -4.56
N PRO B 601 21.10 -13.80 -5.22
CA PRO B 601 22.37 -14.11 -5.92
C PRO B 601 23.46 -14.65 -5.03
N ILE B 602 23.80 -13.90 -4.00
CA ILE B 602 24.83 -14.33 -3.10
C ILE B 602 24.25 -15.14 -1.94
N MET B 603 23.52 -16.20 -2.28
CA MET B 603 22.92 -17.11 -1.31
C MET B 603 23.77 -18.37 -1.41
N VAL B 604 24.66 -18.56 -0.43
CA VAL B 604 25.57 -19.71 -0.38
C VAL B 604 24.89 -21.09 -0.21
N PRO B 605 25.12 -22.00 -1.16
CA PRO B 605 24.56 -23.36 -1.11
C PRO B 605 25.32 -24.18 -0.10
N LEU B 606 24.62 -25.12 0.53
CA LEU B 606 25.25 -25.95 1.54
C LEU B 606 26.63 -26.50 1.09
N GLY B 607 27.67 -26.21 1.86
CA GLY B 607 29.02 -26.68 1.52
C GLY B 607 29.81 -25.80 0.57
N GLN B 608 29.10 -24.87 -0.06
CA GLN B 608 29.72 -23.96 -1.02
C GLN B 608 30.34 -22.68 -0.46
N HIS B 609 30.72 -22.67 0.80
CA HIS B 609 31.33 -21.48 1.36
C HIS B 609 32.78 -21.36 0.91
N GLN B 610 33.15 -20.20 0.35
CA GLN B 610 34.51 -20.00 -0.12
C GLN B 610 35.56 -20.00 1.00
N GLU B 611 35.19 -19.55 2.20
CA GLU B 611 36.16 -19.48 3.30
C GLU B 611 36.93 -20.79 3.53
N GLU B 612 38.21 -20.68 3.83
CA GLU B 612 39.02 -21.85 4.11
C GLU B 612 39.66 -21.73 5.50
N TYR B 613 39.08 -22.43 6.48
CA TYR B 613 39.57 -22.40 7.85
C TYR B 613 40.58 -23.49 8.20
N PHE B 614 40.51 -24.60 7.50
CA PHE B 614 41.43 -25.72 7.72
C PHE B 614 42.54 -25.58 6.69
N SER B 615 43.70 -26.14 6.95
CA SER B 615 44.73 -26.03 5.95
C SER B 615 45.14 -27.39 5.43
N GLY B 616 45.03 -28.41 6.26
CA GLY B 616 45.41 -29.75 5.85
C GLY B 616 44.75 -30.31 4.59
N PRO B 617 45.36 -31.32 3.96
CA PRO B 617 44.73 -31.89 2.76
C PRO B 617 43.65 -32.86 3.14
N GLU B 618 43.72 -33.41 4.37
CA GLU B 618 42.71 -34.38 4.83
C GLU B 618 41.33 -33.74 4.98
N PRO B 619 41.26 -32.59 5.67
CA PRO B 619 39.96 -31.94 5.84
C PRO B 619 39.46 -31.45 4.51
N ARG B 620 40.41 -31.07 3.67
CA ARG B 620 40.12 -30.57 2.34
C ARG B 620 39.48 -31.66 1.51
N ALA B 621 39.93 -32.90 1.71
CA ALA B 621 39.37 -34.01 0.97
C ALA B 621 37.97 -34.33 1.45
N VAL B 622 37.77 -34.28 2.76
CA VAL B 622 36.47 -34.56 3.34
C VAL B 622 35.43 -33.55 2.89
N LEU B 623 35.87 -32.31 2.80
CA LEU B 623 35.01 -31.23 2.38
C LEU B 623 34.61 -31.45 0.91
N GLU B 624 35.55 -31.95 0.12
CA GLU B 624 35.28 -32.18 -1.29
C GLU B 624 34.42 -33.40 -1.47
N LYS B 625 34.51 -34.31 -0.51
CA LYS B 625 33.71 -35.52 -0.58
C LYS B 625 32.28 -35.12 -0.28
N PHE B 626 32.14 -34.18 0.66
CA PHE B 626 30.84 -33.65 1.11
C PHE B 626 30.14 -32.97 -0.07
N ARG B 627 30.85 -32.10 -0.77
CA ARG B 627 30.31 -31.38 -1.91
C ARG B 627 29.93 -32.34 -3.03
N GLU B 628 30.68 -33.43 -3.09
CA GLU B 628 30.50 -34.48 -4.09
C GLU B 628 29.17 -35.20 -3.90
N GLU B 629 28.89 -35.60 -2.66
CA GLU B 629 27.65 -36.31 -2.35
C GLU B 629 26.42 -35.42 -2.54
N LEU B 630 26.59 -34.14 -2.20
CA LEU B 630 25.51 -33.16 -2.33
C LEU B 630 25.13 -32.94 -3.79
N ALA B 631 26.12 -32.94 -4.67
CA ALA B 631 25.88 -32.76 -6.08
C ALA B 631 25.09 -33.93 -6.64
N ILE B 632 25.46 -35.13 -6.22
CA ILE B 632 24.78 -36.32 -6.71
C ILE B 632 23.33 -36.38 -6.23
N MET B 633 23.11 -36.09 -4.95
CA MET B 633 21.77 -36.08 -4.38
C MET B 633 20.88 -35.09 -5.14
N ASP B 634 21.40 -33.88 -5.30
CA ASP B 634 20.68 -32.81 -5.99
C ASP B 634 20.25 -33.24 -7.38
N LYS B 635 21.14 -33.91 -8.09
CA LYS B 635 20.81 -34.34 -9.45
C LYS B 635 19.80 -35.46 -9.42
N GLU B 636 19.98 -36.37 -8.48
CA GLU B 636 19.06 -37.48 -8.39
C GLU B 636 17.71 -36.95 -8.00
N ILE B 637 17.67 -35.89 -7.20
CA ILE B 637 16.37 -35.35 -6.83
C ILE B 637 15.79 -34.59 -8.00
N GLU B 638 16.66 -33.94 -8.74
CA GLU B 638 16.21 -33.19 -9.89
C GLU B 638 15.47 -34.10 -10.87
N VAL B 639 16.04 -35.28 -11.11
CA VAL B 639 15.47 -36.28 -12.03
C VAL B 639 14.14 -36.86 -11.54
N ARG B 640 14.08 -37.08 -10.25
CA ARG B 640 12.88 -37.60 -9.64
C ARG B 640 11.73 -36.60 -9.82
N ASN B 641 12.06 -35.33 -9.58
CA ASN B 641 11.06 -34.28 -9.71
C ASN B 641 10.51 -34.05 -11.12
N GLU B 642 11.31 -34.34 -12.16
CA GLU B 642 10.87 -34.14 -13.56
C GLU B 642 9.72 -35.10 -13.90
N LYS B 643 9.75 -36.28 -13.28
CA LYS B 643 8.72 -37.28 -13.45
C LYS B 643 8.02 -37.41 -12.09
N LEU B 644 7.28 -36.37 -11.72
CA LEU B 644 6.57 -36.32 -10.43
C LEU B 644 5.36 -35.41 -10.50
N ASP B 645 4.32 -35.74 -9.74
CA ASP B 645 3.10 -34.95 -9.72
C ASP B 645 3.41 -33.51 -9.22
N ILE B 646 3.84 -33.40 -7.98
CA ILE B 646 4.21 -32.10 -7.39
C ILE B 646 5.63 -32.24 -6.85
N PRO B 647 6.60 -31.71 -7.58
CA PRO B 647 8.00 -31.79 -7.19
C PRO B 647 8.30 -31.15 -5.85
N TYR B 648 9.04 -31.89 -5.03
CA TYR B 648 9.49 -31.46 -3.72
C TYR B 648 10.92 -30.99 -3.89
N GLU B 649 11.12 -29.68 -3.91
CA GLU B 649 12.47 -29.23 -4.11
C GLU B 649 13.07 -28.44 -2.97
N TYR B 650 12.46 -28.50 -1.80
CA TYR B 650 12.95 -27.71 -0.67
C TYR B 650 14.20 -28.25 0.02
N LEU B 651 14.51 -29.52 -0.21
CA LEU B 651 15.67 -30.16 0.39
C LEU B 651 16.76 -30.53 -0.62
N ARG B 652 16.70 -29.95 -1.82
CA ARG B 652 17.71 -30.21 -2.85
C ARG B 652 18.89 -29.32 -2.55
N PRO B 653 20.03 -29.93 -2.22
CA PRO B 653 21.30 -29.30 -1.88
C PRO B 653 21.66 -28.07 -2.72
N SER B 654 21.17 -27.98 -3.93
CA SER B 654 21.47 -26.81 -4.73
C SER B 654 20.88 -25.54 -4.11
N ILE B 655 19.64 -25.60 -3.62
CA ILE B 655 19.05 -24.40 -3.03
C ILE B 655 18.92 -24.44 -1.52
N VAL B 656 19.59 -25.39 -0.89
CA VAL B 656 19.55 -25.45 0.56
C VAL B 656 20.69 -24.54 1.00
N GLU B 657 20.37 -23.56 1.84
CA GLU B 657 21.34 -22.59 2.33
C GLU B 657 22.40 -23.15 3.26
N ASN B 658 23.54 -22.49 3.29
CA ASN B 658 24.65 -22.92 4.10
C ASN B 658 24.48 -22.54 5.58
N SER B 659 23.48 -21.71 5.85
CA SER B 659 23.19 -21.23 7.21
C SER B 659 21.80 -20.58 7.16
N VAL B 660 21.35 -20.06 8.29
CA VAL B 660 20.06 -19.37 8.31
C VAL B 660 20.37 -17.88 8.06
N ALA B 661 20.20 -17.46 6.83
CA ALA B 661 20.51 -16.09 6.45
C ALA B 661 19.35 -15.33 5.79
N ILE B 662 18.12 -15.78 6.01
CA ILE B 662 17.02 -15.10 5.38
C ILE B 662 15.76 -15.64 6.05
FE FE2 C . -13.56 16.95 -8.77
FE FE2 D . 14.16 -17.74 7.49
C1 RS7 E . 10.23 -12.79 5.72
O19 RS7 E . 11.11 -12.83 6.61
O18 RS7 E . 10.50 -12.41 4.54
C2 RS7 E . 8.82 -13.13 6.02
C3 RS7 E . 8.44 -13.57 7.22
C4 RS7 E . 6.95 -13.65 7.54
C5 RS7 E . 5.91 -13.35 6.60
C6 RS7 E . 4.58 -13.44 6.98
C7 RS7 E . 4.18 -13.94 8.28
C8 RS7 E . 5.22 -14.28 9.23
C9 RS7 E . 6.61 -14.19 8.87
C10 RS7 E . 7.56 -14.49 9.84
C11 RS7 E . 8.40 -14.82 10.68
C12 RS7 E . 9.46 -14.90 11.74
C13 RS7 E . 10.67 -15.97 11.35
C14 RS7 E . 11.63 -15.43 10.14
C15 RS7 E . 12.04 -13.94 10.32
C16 RS7 E . 12.97 -13.52 9.15
C17 RS7 E . 13.61 -12.19 9.50
#